data_6FU1
#
_entry.id   6FU1
#
_cell.length_a   70.710
_cell.length_b   70.690
_cell.length_c   99.190
_cell.angle_alpha   75.33
_cell.angle_beta   77.78
_cell.angle_gamma   84.80
#
_symmetry.space_group_name_H-M   'P 1'
#
loop_
_entity.id
_entity.type
_entity.pdbx_description
1 polymer 'Histone deacetylase'
2 non-polymer 'ZINC ION'
3 non-polymer 'POTASSIUM ION'
4 non-polymer ~{N}-[(3~{S})-1-(4-chlorophenyl)-2,5-bis(oxidanylidene)pyrrolidin-3-yl]-~{N}-oxidanyl-hexanamide
5 non-polymer GLYCEROL
6 water water
#
_entity_poly.entity_id   1
_entity_poly.type   'polypeptide(L)'
_entity_poly.pdbx_seq_one_letter_code
;MSVGIVYGDQYRQLCCSSPKFGDRYALVMDLINAYKLIPELSRVPPLQWDSPSRMYEAVTAFHSTEYVDALKKLQMLHCE
EKELTADDELLMDSFSLNYDCPGFPSVFDYSLAAVQGSLAAASALICRHCEVVINWGGGWHHAKRSEASGFCYLNDIVLA
IHRLVSSTPPETSPNRQTRVLYVDLDLHHGDGVEEAFWYSPRVVTFSVHHASPGFFPGTGTWNMVDNDKLPIFLNGAGRG
RFSAFNLPLEEGINDLDWSNAIGPILDSLNIVIQPSYVVVQCGADCLATDPHRIFRLTNFYPNLNLDSDCDSECSLSGYL
YAIKKILSWKVPTLILGGGGYNFPDTARLWTRVTALTIEEVKGKKMTISPEIPEHSYFSRYGPDFELDIDYFPHESHNKT
LDSIQKHHRRILEQLRNYADLNKLIYDYDQVYQLYNLTGMGSLVPR
;
_entity_poly.pdbx_strand_id   A,B,C,D
#
# COMPACT_ATOMS: atom_id res chain seq x y z
N SER A 2 -1.10 -25.48 29.52
CA SER A 2 -0.15 -25.96 28.52
C SER A 2 1.03 -24.99 28.38
N VAL A 3 2.24 -25.51 28.50
CA VAL A 3 3.46 -24.75 28.26
C VAL A 3 3.99 -25.11 26.88
N GLY A 4 4.14 -24.11 26.01
CA GLY A 4 4.64 -24.32 24.66
C GLY A 4 6.11 -23.98 24.55
N ILE A 5 6.78 -24.56 23.55
CA ILE A 5 8.17 -24.23 23.28
C ILE A 5 8.38 -24.24 21.78
N VAL A 6 9.09 -23.24 21.28
CA VAL A 6 9.28 -23.11 19.83
C VAL A 6 10.45 -23.96 19.39
N TYR A 7 10.21 -24.89 18.45
CA TYR A 7 11.33 -25.56 17.80
C TYR A 7 10.85 -26.21 16.52
N GLY A 8 11.82 -26.70 15.75
CA GLY A 8 11.59 -27.33 14.46
C GLY A 8 12.92 -27.67 13.83
N ASP A 9 12.95 -28.58 12.87
CA ASP A 9 14.22 -28.99 12.29
C ASP A 9 14.88 -27.85 11.53
N GLN A 10 14.12 -27.18 10.66
CA GLN A 10 14.66 -26.02 9.95
C GLN A 10 14.99 -24.88 10.90
N TYR A 11 14.11 -24.65 11.87
CA TYR A 11 14.34 -23.58 12.87
C TYR A 11 15.66 -23.80 13.60
N ARG A 12 15.95 -25.05 13.98
CA ARG A 12 17.21 -25.35 14.66
C ARG A 12 18.41 -25.03 13.78
N GLN A 13 18.36 -25.45 12.51
CA GLN A 13 19.50 -25.17 11.63
C GLN A 13 19.71 -23.66 11.45
N LEU A 14 18.61 -22.92 11.27
CA LEU A 14 18.77 -21.47 11.08
C LEU A 14 19.25 -20.80 12.36
N CYS A 15 18.68 -21.16 13.51
CA CYS A 15 19.14 -20.58 14.77
C CYS A 15 20.59 -20.94 15.08
N CYS A 16 21.15 -21.95 14.42
CA CYS A 16 22.53 -22.35 14.60
C CYS A 16 23.43 -21.91 13.45
N SER A 17 22.97 -20.96 12.64
CA SER A 17 23.75 -20.59 11.46
C SER A 17 24.54 -19.30 11.64
N SER A 18 24.50 -18.70 12.81
CA SER A 18 25.19 -17.43 12.90
C SER A 18 26.59 -17.61 13.44
N PRO A 19 27.53 -16.75 13.05
CA PRO A 19 28.89 -16.87 13.60
C PRO A 19 28.97 -16.50 15.07
N LYS A 20 28.14 -15.56 15.55
CA LYS A 20 28.25 -15.10 16.93
C LYS A 20 27.71 -16.15 17.92
N PHE A 21 26.58 -16.74 17.61
CA PHE A 21 25.92 -17.63 18.56
C PHE A 21 26.06 -19.10 18.22
N GLY A 22 26.74 -19.42 17.12
CA GLY A 22 27.11 -20.78 16.77
C GLY A 22 26.02 -21.79 17.06
N ASP A 23 26.35 -22.83 17.82
CA ASP A 23 25.43 -23.92 18.10
C ASP A 23 24.76 -23.80 19.47
N ARG A 24 24.69 -22.60 20.03
CA ARG A 24 24.12 -22.42 21.36
C ARG A 24 22.70 -22.97 21.45
N TYR A 25 21.86 -22.66 20.46
CA TYR A 25 20.47 -23.10 20.49
C TYR A 25 20.36 -24.61 20.46
N ALA A 26 21.28 -25.29 19.77
CA ALA A 26 21.29 -26.76 19.79
C ALA A 26 21.68 -27.28 21.16
N LEU A 27 22.66 -26.65 21.83
CA LEU A 27 22.97 -27.09 23.20
C LEU A 27 21.77 -26.91 24.10
N VAL A 28 21.09 -25.76 23.97
CA VAL A 28 19.92 -25.50 24.82
C VAL A 28 18.85 -26.55 24.61
N MET A 29 18.43 -26.74 23.36
CA MET A 29 17.29 -27.64 23.14
C MET A 29 17.68 -29.09 23.42
N ASP A 30 18.92 -29.47 23.14
CA ASP A 30 19.32 -30.86 23.41
C ASP A 30 19.43 -31.15 24.89
N LEU A 31 19.78 -30.13 25.71
CA LEU A 31 19.83 -30.38 27.15
C LEU A 31 18.42 -30.48 27.72
N ILE A 32 17.50 -29.63 27.24
CA ILE A 32 16.09 -29.79 27.58
C ILE A 32 15.59 -31.17 27.19
N ASN A 33 15.98 -31.65 26.01
CA ASN A 33 15.57 -32.99 25.61
C ASN A 33 16.24 -34.07 26.46
N ALA A 34 17.53 -33.87 26.79
CA ALA A 34 18.25 -34.85 27.61
C ALA A 34 17.61 -35.01 28.99
N TYR A 35 16.98 -33.96 29.49
CA TYR A 35 16.29 -34.01 30.78
C TYR A 35 14.83 -34.43 30.67
N LYS A 36 14.41 -34.95 29.52
CA LYS A 36 13.08 -35.54 29.34
C LYS A 36 11.96 -34.51 29.48
N LEU A 37 12.26 -33.24 29.18
CA LEU A 37 11.26 -32.18 29.31
C LEU A 37 10.38 -32.03 28.07
N ILE A 38 10.84 -32.51 26.91
CA ILE A 38 10.09 -32.28 25.68
C ILE A 38 8.69 -32.89 25.71
N PRO A 39 8.47 -34.11 26.21
CA PRO A 39 7.09 -34.64 26.26
C PRO A 39 6.15 -33.83 27.14
N GLU A 40 6.67 -33.00 28.04
CA GLU A 40 5.84 -32.14 28.88
C GLU A 40 5.40 -30.88 28.16
N LEU A 41 6.00 -30.58 27.02
CA LEU A 41 5.85 -29.28 26.35
C LEU A 41 5.08 -29.46 25.05
N SER A 42 4.32 -28.43 24.69
CA SER A 42 3.66 -28.39 23.40
C SER A 42 4.58 -27.71 22.39
N ARG A 43 4.94 -28.42 21.31
CA ARG A 43 5.79 -27.81 20.30
C ARG A 43 5.00 -26.74 19.55
N VAL A 44 5.56 -25.55 19.46
CA VAL A 44 4.95 -24.44 18.72
C VAL A 44 5.80 -24.23 17.47
N PRO A 45 5.28 -24.49 16.29
CA PRO A 45 6.07 -24.34 15.09
C PRO A 45 6.20 -22.89 14.70
N PRO A 46 7.34 -22.50 14.14
CA PRO A 46 7.51 -21.11 13.68
C PRO A 46 6.49 -20.76 12.61
N LEU A 47 6.07 -19.51 12.64
CA LEU A 47 5.12 -19.00 11.65
C LEU A 47 5.75 -18.96 10.27
N GLN A 48 4.99 -19.34 9.26
CA GLN A 48 5.37 -19.16 7.87
C GLN A 48 4.29 -18.35 7.16
N TRP A 49 4.65 -17.74 6.02
CA TRP A 49 3.75 -16.81 5.35
C TRP A 49 3.34 -17.31 3.96
N ASP A 50 2.19 -16.84 3.49
CA ASP A 50 1.63 -17.25 2.21
C ASP A 50 2.36 -16.67 1.00
N SER A 51 3.22 -15.68 1.17
CA SER A 51 3.84 -15.00 0.05
C SER A 51 4.94 -14.08 0.58
N PRO A 52 5.88 -13.69 -0.28
CA PRO A 52 6.85 -12.65 0.08
C PRO A 52 6.19 -11.40 0.62
N SER A 53 5.08 -10.97 -0.01
CA SER A 53 4.44 -9.73 0.38
C SER A 53 3.87 -9.82 1.79
N ARG A 54 3.35 -10.99 2.17
CA ARG A 54 2.82 -11.18 3.52
C ARG A 54 3.95 -11.13 4.54
N MET A 55 5.07 -11.78 4.23
CA MET A 55 6.23 -11.73 5.12
C MET A 55 6.71 -10.29 5.29
N TYR A 56 6.86 -9.58 4.18
CA TYR A 56 7.33 -8.21 4.20
C TYR A 56 6.39 -7.32 4.99
N GLU A 57 5.08 -7.50 4.79
CA GLU A 57 4.08 -6.77 5.58
C GLU A 57 4.25 -7.02 7.07
N ALA A 58 4.50 -8.27 7.47
CA ALA A 58 4.66 -8.58 8.89
C ALA A 58 5.89 -7.90 9.47
N VAL A 59 7.02 -7.95 8.76
CA VAL A 59 8.25 -7.44 9.36
C VAL A 59 8.27 -5.92 9.36
N THR A 60 7.67 -5.28 8.35
CA THR A 60 7.65 -3.83 8.29
C THR A 60 6.51 -3.23 9.11
N ALA A 61 5.81 -4.06 9.88
CA ALA A 61 4.97 -3.51 10.95
C ALA A 61 5.83 -2.72 11.93
N PHE A 62 7.12 -3.03 12.03
CA PHE A 62 8.08 -2.27 12.82
C PHE A 62 9.24 -1.75 11.99
N HIS A 63 9.92 -2.60 11.23
CA HIS A 63 11.12 -2.16 10.53
C HIS A 63 10.78 -1.41 9.26
N SER A 64 11.70 -0.54 8.85
CA SER A 64 11.47 0.22 7.63
C SER A 64 11.66 -0.67 6.41
N THR A 65 10.94 -0.32 5.35
CA THR A 65 11.06 -1.05 4.09
C THR A 65 12.50 -1.02 3.58
N GLU A 66 13.16 0.15 3.63
CA GLU A 66 14.53 0.25 3.13
C GLU A 66 15.51 -0.59 3.96
N TYR A 67 15.26 -0.71 5.26
CA TYR A 67 16.14 -1.55 6.09
C TYR A 67 15.96 -3.03 5.75
N VAL A 68 14.72 -3.50 5.66
CA VAL A 68 14.47 -4.89 5.29
C VAL A 68 15.03 -5.19 3.90
N ASP A 69 14.86 -4.25 2.96
CA ASP A 69 15.47 -4.41 1.64
C ASP A 69 16.97 -4.61 1.76
N ALA A 70 17.63 -3.79 2.59
CA ALA A 70 19.07 -3.87 2.73
C ALA A 70 19.50 -5.20 3.36
N LEU A 71 18.73 -5.70 4.34
CA LEU A 71 19.12 -6.93 5.00
C LEU A 71 18.97 -8.11 4.05
N LYS A 72 17.94 -8.10 3.21
CA LYS A 72 17.81 -9.13 2.17
C LYS A 72 18.95 -9.05 1.17
N LYS A 73 19.31 -7.84 0.74
CA LYS A 73 20.40 -7.68 -0.22
C LYS A 73 21.73 -8.16 0.36
N LEU A 74 21.97 -7.88 1.65
CA LEU A 74 23.18 -8.36 2.31
C LEU A 74 23.29 -9.88 2.24
N GLN A 75 22.19 -10.58 2.51
CA GLN A 75 22.22 -12.03 2.39
C GLN A 75 22.50 -12.46 0.95
N MET A 76 21.83 -11.83 -0.01
CA MET A 76 22.02 -12.18 -1.42
C MET A 76 23.48 -11.98 -1.83
N LEU A 77 24.09 -10.90 -1.38
CA LEU A 77 25.50 -10.65 -1.73
C LEU A 77 26.39 -11.71 -1.10
N HIS A 78 26.20 -11.97 0.20
CA HIS A 78 26.99 -12.99 0.88
C HIS A 78 26.66 -14.39 0.37
N CYS A 79 25.48 -14.58 -0.24
CA CYS A 79 25.12 -15.87 -0.80
C CYS A 79 26.04 -16.28 -1.95
N GLU A 80 26.85 -15.36 -2.46
CA GLU A 80 27.79 -15.63 -3.53
C GLU A 80 29.19 -15.23 -3.08
N GLU A 81 30.16 -15.39 -3.98
CA GLU A 81 31.47 -14.81 -3.74
C GLU A 81 31.48 -13.31 -3.91
N LYS A 82 30.33 -12.73 -4.29
CA LYS A 82 30.25 -11.33 -4.71
C LYS A 82 30.63 -10.39 -3.58
N GLU A 83 31.88 -9.94 -3.57
CA GLU A 83 32.31 -8.94 -2.62
C GLU A 83 31.63 -7.60 -2.90
N LEU A 84 31.33 -6.87 -1.83
CA LEU A 84 30.48 -5.69 -1.93
C LEU A 84 31.19 -4.57 -2.68
N THR A 85 30.44 -3.87 -3.54
CA THR A 85 30.96 -2.66 -4.15
C THR A 85 31.06 -1.55 -3.11
N ALA A 86 31.77 -0.48 -3.46
CA ALA A 86 31.85 0.67 -2.55
C ALA A 86 30.46 1.22 -2.26
N ASP A 87 29.59 1.26 -3.27
CA ASP A 87 28.22 1.74 -3.06
C ASP A 87 27.46 0.82 -2.11
N ASP A 88 27.62 -0.49 -2.27
CA ASP A 88 26.94 -1.43 -1.36
C ASP A 88 27.46 -1.31 0.06
N GLU A 89 28.77 -1.08 0.23
CA GLU A 89 29.30 -0.89 1.58
C GLU A 89 28.66 0.32 2.25
N LEU A 90 28.54 1.42 1.50
CA LEU A 90 27.92 2.62 2.04
C LEU A 90 26.47 2.37 2.42
N LEU A 91 25.75 1.63 1.57
CA LEU A 91 24.38 1.28 1.90
C LEU A 91 24.32 0.50 3.21
N MET A 92 25.14 -0.55 3.34
CA MET A 92 25.10 -1.33 4.57
C MET A 92 25.46 -0.48 5.77
N ASP A 93 26.46 0.41 5.62
CA ASP A 93 26.87 1.26 6.74
C ASP A 93 25.72 2.14 7.21
N SER A 94 24.85 2.57 6.30
CA SER A 94 23.74 3.45 6.67
C SER A 94 22.69 2.74 7.51
N PHE A 95 22.78 1.40 7.64
CA PHE A 95 21.90 0.61 8.49
C PHE A 95 22.67 -0.12 9.58
N SER A 96 23.95 0.21 9.77
CA SER A 96 24.83 -0.43 10.74
C SER A 96 24.95 -1.94 10.52
N LEU A 97 24.83 -2.36 9.27
CA LEU A 97 25.04 -3.75 8.89
C LEU A 97 26.54 -3.92 8.61
N ASN A 98 27.31 -3.78 9.69
CA ASN A 98 28.77 -3.75 9.63
C ASN A 98 29.31 -4.00 11.04
N TYR A 99 30.63 -4.22 11.11
CA TYR A 99 31.33 -4.43 12.37
C TYR A 99 30.69 -5.53 13.22
N ASP A 100 30.09 -5.17 14.36
CA ASP A 100 29.52 -6.19 15.25
C ASP A 100 28.33 -6.93 14.63
N CYS A 101 27.65 -6.33 13.65
CA CYS A 101 26.50 -6.94 12.98
C CYS A 101 26.82 -7.16 11.50
N PRO A 102 27.80 -8.01 11.20
CA PRO A 102 28.23 -8.19 9.81
C PRO A 102 27.27 -9.10 9.05
N GLY A 103 27.52 -9.24 7.76
CA GLY A 103 26.76 -10.17 6.95
C GLY A 103 27.37 -11.57 6.94
N PHE A 104 26.50 -12.55 6.76
CA PHE A 104 26.89 -13.95 6.58
C PHE A 104 25.84 -14.58 5.68
N PRO A 105 26.15 -15.77 5.07
CA PRO A 105 25.28 -16.27 3.99
C PRO A 105 23.81 -16.42 4.32
N SER A 106 23.46 -16.57 5.59
CA SER A 106 22.06 -16.74 5.97
C SER A 106 21.55 -15.65 6.90
N VAL A 107 22.10 -14.43 6.83
CA VAL A 107 21.81 -13.41 7.86
C VAL A 107 20.32 -13.03 7.87
N PHE A 108 19.68 -12.93 6.70
CA PHE A 108 18.26 -12.61 6.69
C PHE A 108 17.40 -13.79 7.15
N ASP A 109 17.71 -15.00 6.67
CA ASP A 109 16.97 -16.18 7.13
C ASP A 109 17.14 -16.41 8.62
N TYR A 110 18.35 -16.19 9.13
CA TYR A 110 18.64 -16.35 10.56
C TYR A 110 17.82 -15.36 11.39
N SER A 111 17.85 -14.09 11.01
CA SER A 111 17.14 -13.11 11.83
CA SER A 111 17.14 -13.06 11.78
C SER A 111 15.63 -13.23 11.65
N LEU A 112 15.16 -13.60 10.45
CA LEU A 112 13.73 -13.79 10.23
C LEU A 112 13.20 -14.99 11.01
N ALA A 113 14.04 -16.03 11.21
CA ALA A 113 13.58 -17.19 11.96
C ALA A 113 13.14 -16.81 13.37
N ALA A 114 13.91 -15.96 14.06
CA ALA A 114 13.53 -15.54 15.40
C ALA A 114 12.16 -14.85 15.39
N VAL A 115 11.90 -14.05 14.35
CA VAL A 115 10.61 -13.41 14.19
C VAL A 115 9.51 -14.46 14.01
N GLN A 116 9.77 -15.44 13.13
CA GLN A 116 8.79 -16.51 12.93
C GLN A 116 8.47 -17.22 14.24
N GLY A 117 9.50 -17.47 15.05
CA GLY A 117 9.27 -18.19 16.29
C GLY A 117 8.48 -17.37 17.29
N SER A 118 8.86 -16.10 17.45
CA SER A 118 8.21 -15.30 18.48
C SER A 118 6.79 -14.88 18.06
N LEU A 119 6.55 -14.70 16.77
CA LEU A 119 5.17 -14.42 16.33
C LEU A 119 4.28 -15.64 16.52
N ALA A 120 4.80 -16.84 16.24
CA ALA A 120 4.05 -18.05 16.52
C ALA A 120 3.75 -18.18 18.01
N ALA A 121 4.74 -17.87 18.86
CA ALA A 121 4.51 -17.91 20.30
C ALA A 121 3.40 -16.96 20.71
N ALA A 122 3.41 -15.73 20.18
CA ALA A 122 2.36 -14.77 20.54
C ALA A 122 0.99 -15.28 20.12
N SER A 123 0.89 -15.86 18.91
CA SER A 123 -0.39 -16.37 18.44
C SER A 123 -0.91 -17.50 19.32
N ALA A 124 -0.01 -18.37 19.78
CA ALA A 124 -0.45 -19.46 20.63
C ALA A 124 -0.97 -18.96 21.96
N LEU A 125 -0.43 -17.85 22.48
CA LEU A 125 -0.98 -17.23 23.68
C LEU A 125 -2.35 -16.60 23.40
N ILE A 126 -2.45 -15.89 22.28
CA ILE A 126 -3.68 -15.19 21.96
C ILE A 126 -4.84 -16.16 21.81
N CYS A 127 -4.61 -17.28 21.12
CA CYS A 127 -5.65 -18.28 20.94
CA CYS A 127 -5.65 -18.28 20.94
C CYS A 127 -5.85 -19.17 22.16
N ARG A 128 -5.10 -18.91 23.23
CA ARG A 128 -5.18 -19.65 24.49
C ARG A 128 -4.88 -21.13 24.32
N HIS A 129 -4.11 -21.49 23.28
CA HIS A 129 -3.60 -22.86 23.18
C HIS A 129 -2.59 -23.14 24.30
N CYS A 130 -1.79 -22.13 24.64
CA CYS A 130 -0.75 -22.23 25.66
C CYS A 130 -0.93 -21.11 26.66
N GLU A 131 -0.65 -21.41 27.94
CA GLU A 131 -0.60 -20.39 28.99
C GLU A 131 0.74 -19.67 29.02
N VAL A 132 1.83 -20.36 28.66
CA VAL A 132 3.17 -19.79 28.57
C VAL A 132 3.79 -20.37 27.29
N VAL A 133 4.56 -19.56 26.56
CA VAL A 133 5.36 -20.11 25.46
C VAL A 133 6.79 -19.63 25.62
N ILE A 134 7.72 -20.55 25.43
CA ILE A 134 9.16 -20.29 25.51
C ILE A 134 9.73 -20.29 24.10
N ASN A 135 10.56 -19.29 23.77
CA ASN A 135 11.30 -19.29 22.51
C ASN A 135 12.77 -19.00 22.83
N TRP A 136 13.59 -20.04 22.95
CA TRP A 136 15.00 -19.79 23.22
C TRP A 136 15.78 -19.39 21.97
N GLY A 137 15.14 -19.33 20.82
CA GLY A 137 15.75 -18.73 19.66
C GLY A 137 15.45 -17.26 19.47
N GLY A 138 14.68 -16.65 20.39
CA GLY A 138 14.27 -15.28 20.25
C GLY A 138 14.89 -14.42 21.34
N GLY A 139 14.44 -13.16 21.36
CA GLY A 139 14.87 -12.21 22.38
C GLY A 139 15.85 -11.14 21.93
N TRP A 140 15.80 -10.72 20.66
CA TRP A 140 16.83 -9.86 20.08
C TRP A 140 16.46 -8.38 20.25
N HIS A 141 16.63 -7.90 21.50
CA HIS A 141 16.02 -6.66 21.97
C HIS A 141 16.70 -5.39 21.47
N HIS A 142 17.86 -5.48 20.79
CA HIS A 142 18.56 -4.26 20.40
C HIS A 142 18.20 -3.75 19.01
N ALA A 143 17.59 -4.57 18.15
CA ALA A 143 17.36 -4.13 16.77
C ALA A 143 16.38 -2.96 16.75
N LYS A 144 16.70 -1.96 15.93
CA LYS A 144 15.88 -0.75 15.78
C LYS A 144 15.13 -0.77 14.45
N ARG A 145 14.19 0.18 14.31
CA ARG A 145 13.38 0.28 13.09
C ARG A 145 14.23 0.17 11.83
N SER A 146 15.33 0.92 11.74
CA SER A 146 16.18 0.96 10.57
C SER A 146 17.66 0.74 10.91
N GLU A 147 17.95 -0.05 11.95
CA GLU A 147 19.35 -0.21 12.36
C GLU A 147 19.54 -1.54 13.06
N ALA A 148 20.53 -2.30 12.61
CA ALA A 148 21.04 -3.44 13.38
C ALA A 148 21.89 -2.97 14.55
N SER A 149 21.87 -3.74 15.64
CA SER A 149 22.54 -3.29 16.85
C SER A 149 22.81 -4.49 17.76
N GLY A 150 24.01 -4.57 18.31
CA GLY A 150 24.29 -5.62 19.28
C GLY A 150 23.95 -7.04 18.84
N PHE A 151 24.37 -7.39 17.62
CA PHE A 151 24.11 -8.72 17.04
CA PHE A 151 24.11 -8.65 16.90
C PHE A 151 22.63 -8.99 16.84
N CYS A 152 21.78 -7.96 16.89
CA CYS A 152 20.36 -8.09 16.65
C CYS A 152 20.04 -7.43 15.30
N TYR A 153 19.41 -8.19 14.40
CA TYR A 153 19.07 -7.65 13.09
C TYR A 153 17.59 -7.34 12.93
N LEU A 154 16.71 -8.19 13.46
CA LEU A 154 15.27 -7.93 13.44
C LEU A 154 14.72 -8.10 14.85
N ASN A 155 13.81 -7.22 15.24
CA ASN A 155 13.40 -7.20 16.65
C ASN A 155 12.16 -8.08 16.78
N ASP A 156 12.40 -9.37 17.01
CA ASP A 156 11.31 -10.33 17.19
C ASP A 156 10.41 -9.95 18.36
N ILE A 157 10.98 -9.33 19.40
CA ILE A 157 10.20 -8.98 20.58
C ILE A 157 9.17 -7.90 20.24
N VAL A 158 9.62 -6.86 19.55
CA VAL A 158 8.73 -5.76 19.20
C VAL A 158 7.59 -6.28 18.33
N LEU A 159 7.92 -7.12 17.34
CA LEU A 159 6.86 -7.67 16.49
C LEU A 159 5.92 -8.59 17.26
N ALA A 160 6.44 -9.41 18.18
CA ALA A 160 5.52 -10.22 18.99
C ALA A 160 4.63 -9.34 19.89
N ILE A 161 5.20 -8.30 20.52
CA ILE A 161 4.36 -7.47 21.39
C ILE A 161 3.31 -6.75 20.56
N HIS A 162 3.68 -6.25 19.38
CA HIS A 162 2.71 -5.62 18.49
C HIS A 162 1.56 -6.57 18.17
N ARG A 163 1.87 -7.86 17.96
CA ARG A 163 0.79 -8.82 17.70
C ARG A 163 -0.11 -8.99 18.92
N LEU A 164 0.48 -8.98 20.13
CA LEU A 164 -0.31 -9.12 21.35
C LEU A 164 -1.22 -7.91 21.57
N VAL A 165 -0.66 -6.71 21.50
CA VAL A 165 -1.47 -5.52 21.79
C VAL A 165 -2.52 -5.32 20.71
N SER A 166 -2.23 -5.71 19.48
CA SER A 166 -3.18 -5.52 18.38
C SER A 166 -4.29 -6.55 18.39
N SER A 167 -4.30 -7.47 19.35
CA SER A 167 -5.32 -8.51 19.40
CA SER A 167 -5.34 -8.49 19.39
C SER A 167 -6.60 -7.99 20.05
N GLN A 177 -9.29 -4.03 27.66
CA GLN A 177 -8.31 -3.36 26.82
C GLN A 177 -6.88 -3.86 27.09
N THR A 178 -6.15 -4.18 26.01
CA THR A 178 -4.94 -4.99 26.13
C THR A 178 -3.76 -4.15 26.60
N ARG A 179 -3.11 -4.57 27.68
CA ARG A 179 -1.85 -4.01 28.12
C ARG A 179 -0.81 -5.12 28.19
N VAL A 180 0.41 -4.80 27.79
CA VAL A 180 1.53 -5.73 27.84
C VAL A 180 2.60 -5.16 28.75
N LEU A 181 3.09 -6.00 29.67
CA LEU A 181 4.27 -5.70 30.47
C LEU A 181 5.46 -6.47 29.92
N TYR A 182 6.50 -5.74 29.51
CA TYR A 182 7.75 -6.32 29.03
C TYR A 182 8.80 -6.21 30.11
N VAL A 183 9.41 -7.35 30.46
CA VAL A 183 10.42 -7.44 31.50
C VAL A 183 11.71 -7.94 30.84
N ASP A 184 12.78 -7.15 30.94
CA ASP A 184 14.04 -7.42 30.24
C ASP A 184 15.13 -7.70 31.28
N LEU A 185 15.51 -8.98 31.45
CA LEU A 185 16.46 -9.41 32.48
C LEU A 185 17.90 -9.52 31.98
N ASP A 186 18.12 -9.25 30.70
CA ASP A 186 19.45 -9.29 30.11
C ASP A 186 20.41 -8.36 30.85
N LEU A 187 21.70 -8.69 30.79
CA LEU A 187 22.73 -7.78 31.31
C LEU A 187 22.67 -6.42 30.64
N HIS A 188 22.22 -6.35 29.38
CA HIS A 188 22.21 -5.11 28.62
C HIS A 188 20.82 -4.48 28.61
N HIS A 189 20.81 -3.15 28.54
CA HIS A 189 19.55 -2.40 28.47
C HIS A 189 18.78 -2.81 27.22
N GLY A 190 17.49 -3.09 27.39
CA GLY A 190 16.66 -3.40 26.25
C GLY A 190 16.21 -2.15 25.50
N ASP A 191 17.15 -1.50 24.80
CA ASP A 191 16.87 -0.19 24.19
C ASP A 191 15.91 -0.27 23.00
N GLY A 192 16.04 -1.30 22.18
CA GLY A 192 15.22 -1.40 20.97
C GLY A 192 13.74 -1.54 21.29
N VAL A 193 13.41 -2.37 22.28
CA VAL A 193 12.01 -2.54 22.67
C VAL A 193 11.49 -1.29 23.36
N GLU A 194 12.31 -0.72 24.25
CA GLU A 194 11.92 0.52 24.91
C GLU A 194 11.60 1.63 23.91
N GLU A 195 12.48 1.78 22.90
CA GLU A 195 12.29 2.83 21.90
C GLU A 195 11.02 2.60 21.09
N ALA A 196 10.77 1.34 20.71
CA ALA A 196 9.59 1.03 19.89
C ALA A 196 8.31 1.44 20.58
N PHE A 197 8.25 1.33 21.91
CA PHE A 197 7.02 1.59 22.66
C PHE A 197 7.12 2.85 23.52
N TRP A 198 8.08 3.71 23.21
CA TRP A 198 8.31 4.95 23.96
C TRP A 198 7.05 5.80 24.06
N TYR A 199 6.26 5.85 23.00
CA TYR A 199 5.08 6.70 22.93
C TYR A 199 3.78 5.94 23.22
N SER A 200 3.87 4.67 23.67
CA SER A 200 2.69 3.83 23.87
CA SER A 200 2.71 3.81 23.87
C SER A 200 2.47 3.56 25.35
N PRO A 201 1.34 4.01 25.91
CA PRO A 201 1.05 3.68 27.33
C PRO A 201 0.64 2.23 27.53
N ARG A 202 0.22 1.53 26.49
CA ARG A 202 -0.32 0.19 26.71
C ARG A 202 0.75 -0.89 26.69
N VAL A 203 1.99 -0.54 26.33
CA VAL A 203 3.14 -1.44 26.50
C VAL A 203 4.07 -0.77 27.49
N VAL A 204 4.16 -1.31 28.70
CA VAL A 204 5.07 -0.81 29.71
C VAL A 204 6.33 -1.67 29.66
N THR A 205 7.48 -1.01 29.55
CA THR A 205 8.75 -1.73 29.46
C THR A 205 9.53 -1.56 30.75
N PHE A 206 10.22 -2.63 31.18
CA PHE A 206 11.05 -2.57 32.37
C PHE A 206 12.30 -3.37 32.09
N SER A 207 13.45 -2.70 32.11
CA SER A 207 14.75 -3.32 31.94
C SER A 207 15.57 -3.14 33.20
N VAL A 208 16.13 -4.24 33.69
CA VAL A 208 17.20 -4.23 34.70
C VAL A 208 18.47 -4.63 33.98
N HIS A 209 19.57 -3.95 34.27
CA HIS A 209 20.77 -4.11 33.46
C HIS A 209 21.97 -3.48 34.16
N HIS A 210 23.14 -3.77 33.64
CA HIS A 210 24.31 -2.96 33.99
C HIS A 210 24.39 -1.74 33.08
N ALA A 211 24.76 -0.60 33.66
CA ALA A 211 25.12 0.59 32.90
C ALA A 211 26.35 1.24 33.53
N SER A 212 27.27 1.71 32.69
CA SER A 212 28.49 2.35 33.13
C SER A 212 29.12 3.01 31.91
N PRO A 213 30.04 3.96 32.10
CA PRO A 213 30.55 4.71 30.95
C PRO A 213 31.26 3.81 29.95
N GLY A 214 30.84 3.92 28.68
CA GLY A 214 31.39 3.13 27.60
C GLY A 214 30.78 1.75 27.41
N PHE A 215 29.86 1.34 28.30
CA PHE A 215 29.26 0.01 28.25
C PHE A 215 28.04 0.01 27.35
N PHE A 216 27.98 -0.95 26.44
CA PHE A 216 26.90 -1.07 25.47
C PHE A 216 25.52 -1.29 26.13
N PRO A 217 24.46 -0.66 25.60
CA PRO A 217 24.41 0.34 24.52
C PRO A 217 24.50 1.78 24.99
N GLY A 218 24.54 2.00 26.31
CA GLY A 218 24.76 3.31 26.88
C GLY A 218 23.52 3.94 27.48
N THR A 219 22.34 3.44 27.13
CA THR A 219 21.07 3.99 27.59
C THR A 219 20.58 3.24 28.84
N GLY A 220 19.38 3.58 29.31
CA GLY A 220 18.86 2.94 30.52
C GLY A 220 19.39 3.52 31.81
N THR A 221 19.89 4.74 31.78
CA THR A 221 20.48 5.30 32.98
C THR A 221 20.25 6.81 32.95
N TRP A 222 20.88 7.50 33.90
CA TRP A 222 20.70 8.94 34.02
C TRP A 222 21.17 9.62 32.74
N ASN A 223 20.47 10.67 32.34
CA ASN A 223 20.71 11.27 31.05
C ASN A 223 20.92 12.77 31.12
N PHE A 233 16.40 10.63 34.52
CA PHE A 233 15.79 9.52 33.78
C PHE A 233 14.65 9.94 32.85
N LEU A 234 14.86 9.80 31.55
CA LEU A 234 13.75 9.81 30.60
C LEU A 234 12.94 8.52 30.77
N ASN A 235 11.64 8.60 30.47
CA ASN A 235 10.78 7.47 30.79
C ASN A 235 9.59 7.30 29.84
N GLY A 236 9.67 7.79 28.61
CA GLY A 236 8.56 7.78 27.67
C GLY A 236 8.16 9.19 27.29
N ALA A 237 7.27 9.26 26.30
CA ALA A 237 6.82 10.57 25.83
C ALA A 237 5.42 10.49 25.27
N GLY A 238 4.81 11.67 25.10
CA GLY A 238 3.44 11.69 24.62
C GLY A 238 2.55 10.97 25.60
N ARG A 239 1.64 10.16 25.06
CA ARG A 239 0.76 9.38 25.89
C ARG A 239 1.50 8.24 26.56
N GLY A 240 2.71 7.95 26.12
CA GLY A 240 3.57 6.96 26.75
C GLY A 240 4.46 7.48 27.85
N ARG A 241 4.28 8.74 28.27
CA ARG A 241 5.13 9.25 29.34
C ARG A 241 4.98 8.37 30.57
N PHE A 242 6.10 8.12 31.24
CA PHE A 242 6.21 7.34 32.46
C PHE A 242 6.06 5.84 32.22
N SER A 243 6.02 5.40 30.96
CA SER A 243 5.77 3.99 30.66
C SER A 243 7.02 3.18 30.42
N ALA A 244 8.21 3.78 30.48
CA ALA A 244 9.45 3.05 30.29
C ALA A 244 10.25 3.13 31.58
N PHE A 245 10.46 1.97 32.21
CA PHE A 245 11.10 1.83 33.50
C PHE A 245 12.48 1.20 33.32
N ASN A 246 13.43 1.64 34.14
CA ASN A 246 14.81 1.18 34.06
C ASN A 246 15.43 1.13 35.43
N LEU A 247 16.23 0.09 35.67
CA LEU A 247 16.97 -0.06 36.91
C LEU A 247 18.39 -0.47 36.54
N PRO A 248 19.32 0.48 36.49
CA PRO A 248 20.72 0.15 36.23
C PRO A 248 21.42 -0.25 37.52
N LEU A 249 22.26 -1.28 37.45
CA LEU A 249 22.94 -1.80 38.61
C LEU A 249 24.45 -1.84 38.38
N GLU A 250 25.20 -1.66 39.46
CA GLU A 250 26.65 -1.69 39.32
C GLU A 250 27.16 -3.13 39.26
N GLU A 251 28.39 -3.27 38.75
CA GLU A 251 28.94 -4.61 38.57
C GLU A 251 29.10 -5.33 39.90
N GLY A 252 29.07 -6.66 39.83
CA GLY A 252 29.31 -7.51 40.96
C GLY A 252 28.08 -8.06 41.67
N ILE A 253 26.88 -7.60 41.33
CA ILE A 253 25.70 -7.95 42.12
C ILE A 253 25.42 -9.44 42.07
N ASN A 254 24.98 -10.00 43.21
CA ASN A 254 24.74 -11.43 43.39
C ASN A 254 23.23 -11.73 43.27
N ASP A 255 22.88 -13.02 43.43
CA ASP A 255 21.49 -13.46 43.26
C ASP A 255 20.56 -12.73 44.23
N LEU A 256 20.94 -12.70 45.51
CA LEU A 256 20.04 -12.16 46.52
C LEU A 256 19.82 -10.66 46.32
N ASP A 257 20.90 -9.91 46.10
CA ASP A 257 20.77 -8.46 45.96
C ASP A 257 20.04 -8.09 44.67
N TRP A 258 20.27 -8.83 43.59
CA TRP A 258 19.53 -8.58 42.36
C TRP A 258 18.05 -8.92 42.53
N SER A 259 17.75 -10.02 43.25
CA SER A 259 16.37 -10.42 43.52
C SER A 259 15.65 -9.36 44.36
N ASN A 260 16.31 -8.89 45.43
CA ASN A 260 15.71 -7.84 46.25
C ASN A 260 15.57 -6.53 45.50
N ALA A 261 16.43 -6.28 44.51
CA ALA A 261 16.35 -5.02 43.77
C ALA A 261 15.15 -5.00 42.85
N ILE A 262 14.87 -6.10 42.15
CA ILE A 262 13.80 -6.11 41.17
C ILE A 262 12.48 -6.65 41.71
N GLY A 263 12.48 -7.40 42.81
CA GLY A 263 11.30 -8.09 43.27
C GLY A 263 10.10 -7.19 43.52
N PRO A 264 10.27 -6.17 44.37
CA PRO A 264 9.15 -5.23 44.61
C PRO A 264 8.73 -4.45 43.38
N ILE A 265 9.66 -4.15 42.46
CA ILE A 265 9.32 -3.46 41.23
C ILE A 265 8.39 -4.34 40.38
N LEU A 266 8.75 -5.61 40.21
CA LEU A 266 7.90 -6.53 39.45
C LEU A 266 6.50 -6.59 40.04
N ASP A 267 6.40 -6.80 41.35
CA ASP A 267 5.09 -6.94 41.96
C ASP A 267 4.29 -5.66 41.84
N SER A 268 4.93 -4.50 41.96
CA SER A 268 4.21 -3.24 41.86
C SER A 268 3.71 -3.00 40.43
N LEU A 269 4.52 -3.38 39.44
CA LEU A 269 4.11 -3.25 38.03
C LEU A 269 2.89 -4.11 37.74
N ASN A 270 2.88 -5.36 38.23
CA ASN A 270 1.72 -6.20 38.00
C ASN A 270 0.47 -5.62 38.66
N ILE A 271 0.58 -5.14 39.90
CA ILE A 271 -0.59 -4.62 40.63
C ILE A 271 -1.18 -3.41 39.91
N VAL A 272 -0.31 -2.48 39.48
CA VAL A 272 -0.79 -1.23 38.90
C VAL A 272 -1.19 -1.42 37.44
N ILE A 273 -0.35 -2.10 36.65
CA ILE A 273 -0.61 -2.21 35.22
C ILE A 273 -1.72 -3.21 34.94
N GLN A 274 -1.81 -4.27 35.73
CA GLN A 274 -2.74 -5.37 35.48
C GLN A 274 -2.61 -5.85 34.04
N PRO A 275 -1.44 -6.36 33.64
CA PRO A 275 -1.22 -6.67 32.24
C PRO A 275 -2.05 -7.85 31.76
N SER A 276 -2.40 -7.79 30.47
CA SER A 276 -3.04 -8.92 29.78
C SER A 276 -2.03 -9.98 29.39
N TYR A 277 -0.80 -9.56 29.08
CA TYR A 277 0.30 -10.45 28.70
C TYR A 277 1.56 -9.93 29.36
N VAL A 278 2.47 -10.86 29.67
CA VAL A 278 3.82 -10.50 30.07
C VAL A 278 4.79 -11.12 29.08
N VAL A 279 5.76 -10.32 28.63
CA VAL A 279 6.84 -10.82 27.78
C VAL A 279 8.14 -10.63 28.54
N VAL A 280 8.89 -11.72 28.73
CA VAL A 280 10.12 -11.70 29.53
C VAL A 280 11.30 -12.06 28.64
N GLN A 281 12.28 -11.17 28.57
CA GLN A 281 13.55 -11.49 27.91
C GLN A 281 14.48 -11.99 28.99
N CYS A 282 15.05 -13.19 28.78
CA CYS A 282 15.78 -13.89 29.83
CA CYS A 282 15.79 -13.90 29.81
C CYS A 282 17.23 -14.11 29.41
N GLY A 283 17.84 -13.09 28.82
CA GLY A 283 19.23 -13.21 28.40
C GLY A 283 20.13 -13.66 29.53
N ALA A 284 21.02 -14.62 29.28
CA ALA A 284 21.77 -15.32 30.31
C ALA A 284 23.15 -14.72 30.58
N ASP A 285 23.42 -13.51 30.07
CA ASP A 285 24.74 -12.92 30.26
C ASP A 285 24.92 -12.27 31.63
N CYS A 286 23.93 -12.39 32.54
CA CYS A 286 24.15 -11.97 33.92
C CYS A 286 24.81 -13.06 34.75
N LEU A 287 24.95 -14.27 34.21
CA LEU A 287 25.57 -15.37 34.97
C LEU A 287 27.00 -15.03 35.35
N ALA A 288 27.41 -15.50 36.54
CA ALA A 288 28.76 -15.22 37.03
C ALA A 288 29.82 -15.75 36.08
N THR A 289 29.48 -16.77 35.30
CA THR A 289 30.39 -17.47 34.42
C THR A 289 30.28 -17.00 32.98
N ASP A 290 29.47 -15.97 32.72
CA ASP A 290 29.49 -15.38 31.39
C ASP A 290 30.84 -14.70 31.18
N PRO A 291 31.39 -14.75 29.97
CA PRO A 291 32.68 -14.06 29.74
C PRO A 291 32.61 -12.54 29.93
N HIS A 292 31.43 -11.92 29.98
CA HIS A 292 31.38 -10.50 30.32
C HIS A 292 31.91 -10.25 31.73
N ARG A 293 31.62 -11.18 32.65
CA ARG A 293 32.08 -11.11 34.04
C ARG A 293 31.69 -9.80 34.71
N ILE A 294 30.40 -9.46 34.64
CA ILE A 294 29.87 -8.23 35.24
C ILE A 294 28.98 -8.52 36.43
N PHE A 295 27.88 -9.26 36.21
CA PHE A 295 27.07 -9.70 37.35
C PHE A 295 27.51 -11.09 37.80
N ARG A 296 26.98 -11.51 38.95
CA ARG A 296 27.31 -12.78 39.58
C ARG A 296 26.07 -13.64 39.85
N LEU A 297 25.13 -13.66 38.91
CA LEU A 297 23.96 -14.49 39.09
C LEU A 297 24.28 -15.96 38.78
N THR A 298 23.42 -16.86 39.25
CA THR A 298 23.63 -18.28 39.08
C THR A 298 22.38 -18.89 38.48
N ASN A 299 22.42 -20.22 38.32
CA ASN A 299 21.25 -21.02 38.02
C ASN A 299 20.87 -21.94 39.18
N PHE A 300 21.31 -21.61 40.40
CA PHE A 300 21.10 -22.52 41.52
C PHE A 300 19.64 -22.59 41.90
N TYR A 301 19.18 -23.78 42.27
CA TYR A 301 17.79 -23.98 42.69
C TYR A 301 17.81 -24.85 43.95
N PRO A 302 17.85 -24.22 45.13
CA PRO A 302 17.87 -24.95 46.41
C PRO A 302 16.48 -25.34 46.88
N LEU A 316 19.23 -18.89 45.79
CA LEU A 316 18.34 -19.12 44.65
C LEU A 316 18.67 -18.16 43.51
N SER A 317 18.86 -18.72 42.31
CA SER A 317 19.09 -17.96 41.10
C SER A 317 18.17 -16.74 41.00
N GLY A 318 18.75 -15.57 40.73
CA GLY A 318 17.92 -14.40 40.50
C GLY A 318 16.94 -14.62 39.36
N TYR A 319 17.40 -15.27 38.29
CA TYR A 319 16.54 -15.56 37.15
C TYR A 319 15.34 -16.39 37.57
N LEU A 320 15.59 -17.48 38.30
CA LEU A 320 14.49 -18.35 38.70
C LEU A 320 13.56 -17.65 39.67
N TYR A 321 14.13 -16.84 40.56
CA TYR A 321 13.32 -16.00 41.45
C TYR A 321 12.36 -15.13 40.64
N ALA A 322 12.87 -14.43 39.63
CA ALA A 322 12.03 -13.51 38.86
C ALA A 322 10.99 -14.24 38.04
N ILE A 323 11.40 -15.33 37.38
CA ILE A 323 10.47 -16.07 36.54
C ILE A 323 9.36 -16.69 37.40
N LYS A 324 9.72 -17.29 38.53
CA LYS A 324 8.73 -17.84 39.46
C LYS A 324 7.73 -16.77 39.89
N LYS A 325 8.22 -15.57 40.21
CA LYS A 325 7.33 -14.49 40.62
C LYS A 325 6.41 -14.09 39.49
N ILE A 326 6.96 -13.90 38.29
CA ILE A 326 6.10 -13.52 37.16
C ILE A 326 5.05 -14.59 36.89
N LEU A 327 5.45 -15.87 36.91
CA LEU A 327 4.49 -16.93 36.64
C LEU A 327 3.41 -17.03 37.71
N SER A 328 3.69 -16.58 38.94
CA SER A 328 2.69 -16.66 39.99
C SER A 328 1.52 -15.72 39.74
N TRP A 329 1.69 -14.72 38.87
CA TRP A 329 0.62 -13.80 38.53
C TRP A 329 -0.47 -14.44 37.70
N LYS A 330 -0.19 -15.58 37.06
CA LYS A 330 -1.16 -16.30 36.24
C LYS A 330 -1.65 -15.47 35.06
N VAL A 331 -0.73 -14.73 34.45
CA VAL A 331 -0.95 -13.93 33.26
C VAL A 331 -0.28 -14.63 32.10
N PRO A 332 -0.93 -14.78 30.94
CA PRO A 332 -0.26 -15.44 29.80
C PRO A 332 1.06 -14.77 29.48
N THR A 333 2.11 -15.59 29.30
CA THR A 333 3.48 -15.09 29.34
C THR A 333 4.30 -15.68 28.20
N LEU A 334 5.10 -14.83 27.58
CA LEU A 334 6.10 -15.24 26.59
C LEU A 334 7.48 -15.13 27.23
N ILE A 335 8.25 -16.24 27.21
CA ILE A 335 9.62 -16.25 27.73
C ILE A 335 10.57 -16.40 26.55
N LEU A 336 11.51 -15.47 26.43
CA LEU A 336 12.43 -15.39 25.32
C LEU A 336 13.86 -15.48 25.82
N GLY A 337 14.76 -15.88 24.91
CA GLY A 337 16.19 -15.84 25.19
C GLY A 337 16.82 -14.46 25.08
N GLY A 338 18.03 -14.44 24.57
CA GLY A 338 18.75 -13.19 24.39
C GLY A 338 20.23 -13.45 24.47
N GLY A 339 20.94 -12.61 25.23
CA GLY A 339 22.38 -12.77 25.39
C GLY A 339 22.71 -14.04 26.14
N GLY A 340 24.01 -14.32 26.20
CA GLY A 340 24.48 -15.53 26.84
C GLY A 340 25.59 -16.10 26.00
N TYR A 341 26.83 -15.86 26.42
CA TYR A 341 28.00 -16.18 25.61
C TYR A 341 28.81 -17.33 26.19
N ASN A 342 28.40 -17.90 27.31
CA ASN A 342 28.94 -19.18 27.79
C ASN A 342 27.85 -20.19 27.45
N PHE A 343 28.05 -20.96 26.37
CA PHE A 343 26.89 -21.67 25.82
C PHE A 343 26.42 -22.81 26.74
N PRO A 344 27.31 -23.63 27.31
CA PRO A 344 26.81 -24.66 28.23
C PRO A 344 26.12 -24.07 29.45
N ASP A 345 26.61 -22.96 29.98
CA ASP A 345 25.98 -22.40 31.17
C ASP A 345 24.65 -21.72 30.84
N THR A 346 24.54 -21.13 29.65
CA THR A 346 23.25 -20.66 29.17
C THR A 346 22.27 -21.83 29.05
N ALA A 347 22.73 -22.96 28.52
CA ALA A 347 21.89 -24.14 28.47
C ALA A 347 21.49 -24.60 29.86
N ARG A 348 22.44 -24.59 30.81
CA ARG A 348 22.13 -24.96 32.19
C ARG A 348 21.03 -24.08 32.78
N LEU A 349 21.14 -22.77 32.58
CA LEU A 349 20.12 -21.86 33.12
C LEU A 349 18.77 -22.08 32.45
N TRP A 350 18.74 -22.07 31.11
CA TRP A 350 17.45 -22.10 30.42
C TRP A 350 16.76 -23.44 30.59
N THR A 351 17.51 -24.53 30.83
CA THR A 351 16.87 -25.80 31.15
C THR A 351 16.14 -25.71 32.47
N ARG A 352 16.74 -25.04 33.46
CA ARG A 352 16.05 -24.89 34.72
C ARG A 352 14.87 -23.94 34.60
N VAL A 353 14.99 -22.87 33.79
CA VAL A 353 13.82 -22.01 33.59
C VAL A 353 12.68 -22.80 32.97
N THR A 354 13.00 -23.70 32.02
CA THR A 354 11.96 -24.47 31.35
C THR A 354 11.28 -25.43 32.33
N ALA A 355 12.07 -26.08 33.18
CA ALA A 355 11.49 -26.98 34.17
C ALA A 355 10.65 -26.22 35.19
N LEU A 356 11.15 -25.08 35.67
CA LEU A 356 10.38 -24.24 36.58
C LEU A 356 9.04 -23.82 35.96
N THR A 357 9.04 -23.49 34.66
CA THR A 357 7.80 -23.07 34.01
C THR A 357 6.79 -24.22 33.97
N ILE A 358 7.26 -25.42 33.62
CA ILE A 358 6.39 -26.59 33.65
C ILE A 358 5.80 -26.80 35.04
N GLU A 359 6.65 -26.73 36.06
CA GLU A 359 6.20 -26.96 37.43
C GLU A 359 5.16 -25.93 37.86
N GLU A 360 5.41 -24.65 37.57
CA GLU A 360 4.50 -23.62 38.05
C GLU A 360 3.19 -23.62 37.26
N VAL A 361 3.25 -23.89 35.96
CA VAL A 361 2.05 -23.81 35.15
C VAL A 361 1.19 -25.06 35.32
N LYS A 362 1.81 -26.25 35.23
CA LYS A 362 1.07 -27.50 35.29
C LYS A 362 0.89 -28.03 36.71
N GLY A 363 1.58 -27.47 37.69
CA GLY A 363 1.51 -28.03 39.03
C GLY A 363 2.18 -29.38 39.15
N LYS A 364 3.07 -29.71 38.22
CA LYS A 364 3.72 -31.01 38.16
C LYS A 364 5.13 -30.87 38.70
N LYS A 365 5.45 -31.66 39.73
CA LYS A 365 6.81 -31.69 40.25
C LYS A 365 7.78 -32.09 39.13
N MET A 366 8.87 -31.32 38.99
CA MET A 366 9.94 -31.67 38.07
C MET A 366 11.21 -32.00 38.86
N THR A 367 11.82 -33.14 38.55
CA THR A 367 13.04 -33.57 39.23
C THR A 367 14.18 -33.70 38.23
N ILE A 368 15.03 -32.70 38.20
CA ILE A 368 16.18 -32.69 37.32
C ILE A 368 17.38 -33.28 38.03
N SER A 369 18.02 -34.29 37.42
CA SER A 369 19.21 -34.86 38.01
C SER A 369 20.29 -33.78 38.16
N PRO A 370 21.01 -33.76 39.26
CA PRO A 370 22.14 -32.81 39.38
C PRO A 370 23.26 -33.10 38.40
N GLU A 371 23.26 -34.26 37.77
CA GLU A 371 24.28 -34.66 36.81
C GLU A 371 23.75 -34.48 35.40
N ILE A 372 24.57 -33.88 34.54
CA ILE A 372 24.23 -33.70 33.13
C ILE A 372 24.04 -35.09 32.52
N PRO A 373 22.86 -35.40 31.97
CA PRO A 373 22.67 -36.70 31.33
C PRO A 373 23.50 -36.85 30.07
N GLU A 374 23.89 -38.10 29.78
CA GLU A 374 24.57 -38.40 28.54
C GLU A 374 23.71 -38.00 27.35
N HIS A 375 24.32 -37.27 26.41
CA HIS A 375 23.63 -36.81 25.21
C HIS A 375 24.70 -36.26 24.26
N SER A 376 24.24 -35.82 23.08
CA SER A 376 25.15 -35.44 22.00
C SER A 376 26.22 -34.44 22.45
N TYR A 377 25.85 -33.43 23.24
CA TYR A 377 26.78 -32.39 23.64
C TYR A 377 27.30 -32.58 25.06
N PHE A 378 27.21 -33.79 25.60
CA PHE A 378 27.64 -34.05 26.96
C PHE A 378 29.06 -33.56 27.23
N SER A 379 29.97 -33.71 26.26
CA SER A 379 31.36 -33.38 26.55
C SER A 379 31.58 -31.88 26.73
N ARG A 380 30.61 -31.03 26.36
CA ARG A 380 30.73 -29.59 26.51
C ARG A 380 30.52 -29.12 27.94
N TYR A 381 30.05 -29.99 28.84
CA TYR A 381 29.66 -29.59 30.19
C TYR A 381 30.75 -29.85 31.23
N GLY A 382 32.00 -29.97 30.79
CA GLY A 382 33.12 -30.07 31.70
C GLY A 382 33.26 -28.87 32.63
N PRO A 383 34.07 -29.01 33.68
CA PRO A 383 34.82 -30.25 33.93
C PRO A 383 34.04 -31.23 34.79
N ASP A 384 33.02 -30.75 35.50
CA ASP A 384 32.32 -31.55 36.50
C ASP A 384 31.02 -32.17 35.99
N PHE A 385 30.46 -31.67 34.88
CA PHE A 385 29.28 -32.26 34.28
C PHE A 385 28.10 -32.28 35.26
N GLU A 386 27.96 -31.19 36.01
CA GLU A 386 26.86 -30.91 36.91
C GLU A 386 25.91 -29.89 36.27
N LEU A 387 24.66 -29.90 36.72
CA LEU A 387 23.71 -28.92 36.20
C LEU A 387 23.94 -27.53 36.78
N ASP A 388 24.31 -27.45 38.06
CA ASP A 388 24.76 -26.17 38.62
C ASP A 388 25.96 -25.66 37.84
N ILE A 389 25.97 -24.35 37.59
CA ILE A 389 27.18 -23.75 37.02
C ILE A 389 28.33 -23.89 38.01
N ASP A 390 29.56 -23.88 37.47
CA ASP A 390 30.81 -24.05 38.21
C ASP A 390 31.19 -22.71 38.81
N TYR A 391 30.52 -22.34 39.90
CA TYR A 391 30.74 -21.05 40.50
C TYR A 391 30.43 -21.13 41.98
N PHE A 392 31.22 -20.40 42.76
CA PHE A 392 31.14 -20.45 44.21
C PHE A 392 31.06 -19.03 44.74
N PRO A 393 29.87 -18.57 45.19
CA PRO A 393 29.68 -17.21 45.72
C PRO A 393 30.11 -17.05 47.17
N ASP A 402 21.94 1.43 49.03
CA ASP A 402 20.97 2.49 49.23
C ASP A 402 20.86 3.38 48.00
N SER A 403 21.75 3.17 47.03
CA SER A 403 21.48 3.66 45.68
C SER A 403 20.28 2.93 45.10
N ILE A 404 20.06 1.68 45.50
CA ILE A 404 18.88 0.95 45.06
C ILE A 404 17.65 1.42 45.82
N GLN A 405 17.80 1.88 47.06
CA GLN A 405 16.70 2.53 47.75
C GLN A 405 16.25 3.80 47.03
N LYS A 406 17.22 4.62 46.60
CA LYS A 406 16.87 5.81 45.82
C LYS A 406 16.19 5.44 44.52
N HIS A 407 16.66 4.38 43.86
CA HIS A 407 16.00 3.93 42.64
C HIS A 407 14.59 3.45 42.92
N HIS A 408 14.39 2.71 44.01
CA HIS A 408 13.06 2.24 44.38
C HIS A 408 12.10 3.40 44.61
N ARG A 409 12.55 4.45 45.31
CA ARG A 409 11.68 5.61 45.52
C ARG A 409 11.39 6.32 44.21
N ARG A 410 12.39 6.41 43.32
CA ARG A 410 12.19 7.04 42.03
C ARG A 410 11.19 6.26 41.18
N ILE A 411 11.28 4.94 41.21
CA ILE A 411 10.43 4.11 40.36
C ILE A 411 9.00 4.10 40.90
N LEU A 412 8.85 4.10 42.22
CA LEU A 412 7.53 4.22 42.83
C LEU A 412 6.85 5.51 42.40
N GLU A 413 7.59 6.63 42.42
CA GLU A 413 7.03 7.89 41.95
C GLU A 413 6.62 7.81 40.49
N GLN A 414 7.47 7.19 39.65
CA GLN A 414 7.15 7.09 38.23
C GLN A 414 5.91 6.23 38.01
N LEU A 415 5.77 5.16 38.79
CA LEU A 415 4.57 4.31 38.72
C LEU A 415 3.31 5.09 39.09
N ARG A 416 3.39 5.91 40.14
CA ARG A 416 2.26 6.77 40.48
C ARG A 416 1.96 7.76 39.37
N ASN A 417 3.00 8.32 38.74
CA ASN A 417 2.78 9.26 37.64
C ASN A 417 2.16 8.56 36.44
N TYR A 418 2.67 7.37 36.10
CA TYR A 418 2.03 6.58 35.04
C TYR A 418 0.56 6.31 35.36
N ALA A 419 0.25 5.93 36.60
CA ALA A 419 -1.14 5.61 36.93
C ALA A 419 -2.02 6.84 36.85
N ASP A 420 -1.53 7.99 37.35
CA ASP A 420 -2.32 9.22 37.29
C ASP A 420 -2.57 9.63 35.84
N LEU A 421 -1.51 9.66 35.04
CA LEU A 421 -1.64 10.08 33.65
C LEU A 421 -2.66 9.21 32.92
N ASN A 422 -2.74 7.93 33.27
CA ASN A 422 -3.56 6.97 32.55
C ASN A 422 -4.88 6.66 33.26
N LYS A 423 -5.21 7.42 34.32
CA LYS A 423 -6.48 7.25 35.05
C LYS A 423 -6.65 5.82 35.54
N LEU A 424 -5.58 5.26 36.11
CA LEU A 424 -5.61 3.95 36.72
C LEU A 424 -5.76 4.10 38.23
N ILE A 425 -6.57 3.25 38.82
CA ILE A 425 -6.86 3.28 40.26
C ILE A 425 -6.06 2.16 40.92
N TYR A 426 -5.28 2.50 41.94
CA TYR A 426 -4.50 1.46 42.59
C TYR A 426 -4.25 1.81 44.05
N ASP A 427 -4.16 0.76 44.86
CA ASP A 427 -3.89 0.86 46.29
C ASP A 427 -2.50 1.43 46.52
N TYR A 428 -2.43 2.72 46.85
CA TYR A 428 -1.16 3.42 46.98
C TYR A 428 -0.30 2.80 48.09
N ASP A 429 -0.92 2.45 49.22
CA ASP A 429 -0.13 1.95 50.35
C ASP A 429 0.18 0.47 50.22
N GLN A 430 -0.68 -0.31 49.57
CA GLN A 430 -0.35 -1.71 49.29
C GLN A 430 0.87 -1.81 48.38
N VAL A 431 1.08 -0.82 47.52
CA VAL A 431 2.22 -0.85 46.61
C VAL A 431 3.47 -0.32 47.31
N TYR A 432 3.34 0.80 48.03
CA TYR A 432 4.47 1.32 48.80
C TYR A 432 4.96 0.28 49.81
N GLN A 433 4.04 -0.50 50.38
CA GLN A 433 4.43 -1.53 51.36
C GLN A 433 5.35 -2.57 50.76
N LEU A 434 5.35 -2.72 49.43
CA LEU A 434 6.19 -3.74 48.80
C LEU A 434 7.67 -3.44 48.97
N TYR A 435 8.03 -2.16 49.15
CA TYR A 435 9.43 -1.77 49.22
C TYR A 435 9.96 -1.68 50.65
N SER B 2 -6.66 -46.49 -22.27
CA SER B 2 -7.60 -46.25 -21.18
C SER B 2 -7.11 -45.16 -20.24
N VAL B 3 -7.88 -44.08 -20.09
CA VAL B 3 -7.59 -43.06 -19.10
C VAL B 3 -8.56 -43.25 -17.93
N GLY B 4 -8.01 -43.48 -16.75
CA GLY B 4 -8.80 -43.66 -15.56
C GLY B 4 -8.93 -42.38 -14.75
N ILE B 5 -10.01 -42.30 -13.97
CA ILE B 5 -10.20 -41.22 -13.02
C ILE B 5 -10.85 -41.78 -11.76
N VAL B 6 -10.36 -41.33 -10.61
CA VAL B 6 -10.85 -41.84 -9.33
C VAL B 6 -12.06 -41.04 -8.88
N TYR B 7 -13.18 -41.72 -8.69
CA TYR B 7 -14.34 -41.07 -8.07
C TYR B 7 -15.29 -42.16 -7.56
N GLY B 8 -16.25 -41.70 -6.77
CA GLY B 8 -17.29 -42.54 -6.19
C GLY B 8 -18.11 -41.69 -5.27
N ASP B 9 -19.30 -42.18 -4.93
CA ASP B 9 -20.22 -41.34 -4.15
C ASP B 9 -19.67 -41.06 -2.75
N GLN B 10 -19.18 -42.10 -2.09
CA GLN B 10 -18.62 -41.95 -0.75
C GLN B 10 -17.33 -41.16 -0.80
N TYR B 11 -16.51 -41.46 -1.81
CA TYR B 11 -15.25 -40.74 -2.01
C TYR B 11 -15.49 -39.24 -2.13
N ARG B 12 -16.46 -38.85 -2.97
CA ARG B 12 -16.77 -37.44 -3.12
C ARG B 12 -17.17 -36.80 -1.80
N GLN B 13 -18.01 -37.49 -1.02
CA GLN B 13 -18.43 -37.01 0.29
C GLN B 13 -17.22 -36.77 1.18
N LEU B 14 -16.30 -37.73 1.22
CA LEU B 14 -15.15 -37.60 2.11
C LEU B 14 -14.19 -36.53 1.64
N CYS B 15 -13.97 -36.43 0.32
CA CYS B 15 -13.05 -35.43 -0.19
C CYS B 15 -13.59 -34.02 -0.04
N CYS B 16 -14.89 -33.87 0.24
CA CYS B 16 -15.50 -32.58 0.46
C CYS B 16 -15.78 -32.30 1.93
N SER B 17 -15.22 -33.10 2.83
CA SER B 17 -15.51 -33.00 4.25
C SER B 17 -14.51 -32.15 5.03
N SER B 18 -13.47 -31.57 4.37
CA SER B 18 -12.49 -30.84 5.16
C SER B 18 -12.83 -29.34 5.21
N PRO B 19 -12.49 -28.67 6.31
CA PRO B 19 -12.72 -27.22 6.35
C PRO B 19 -11.87 -26.46 5.35
N LYS B 20 -10.63 -26.90 5.10
CA LYS B 20 -9.72 -26.13 4.26
C LYS B 20 -10.13 -26.19 2.79
N PHE B 21 -10.49 -27.37 2.31
CA PHE B 21 -10.74 -27.52 0.88
C PHE B 21 -12.21 -27.59 0.53
N GLY B 22 -13.10 -27.51 1.52
CA GLY B 22 -14.53 -27.45 1.30
C GLY B 22 -15.01 -28.35 0.18
N ASP B 23 -15.75 -27.78 -0.79
CA ASP B 23 -16.33 -28.56 -1.87
C ASP B 23 -15.49 -28.52 -3.16
N ARG B 24 -14.20 -28.21 -3.07
CA ARG B 24 -13.38 -28.09 -4.27
C ARG B 24 -13.48 -29.33 -5.16
N TYR B 25 -13.35 -30.53 -4.56
CA TYR B 25 -13.37 -31.76 -5.33
C TYR B 25 -14.68 -31.90 -6.10
N ALA B 26 -15.80 -31.48 -5.48
CA ALA B 26 -17.09 -31.56 -6.17
C ALA B 26 -17.14 -30.59 -7.36
N LEU B 27 -16.62 -29.36 -7.20
CA LEU B 27 -16.59 -28.44 -8.34
C LEU B 27 -15.79 -29.01 -9.48
N VAL B 28 -14.65 -29.62 -9.15
CA VAL B 28 -13.78 -30.16 -10.18
C VAL B 28 -14.48 -31.29 -10.93
N MET B 29 -15.04 -32.25 -10.18
CA MET B 29 -15.62 -33.42 -10.84
C MET B 29 -16.90 -33.05 -11.56
N ASP B 30 -17.66 -32.09 -11.04
CA ASP B 30 -18.89 -31.69 -11.72
C ASP B 30 -18.60 -30.87 -12.97
N LEU B 31 -17.52 -30.08 -13.00
CA LEU B 31 -17.17 -29.38 -14.23
C LEU B 31 -16.71 -30.37 -15.31
N ILE B 32 -15.91 -31.36 -14.92
CA ILE B 32 -15.52 -32.43 -15.84
C ILE B 32 -16.77 -33.14 -16.37
N ASN B 33 -17.73 -33.40 -15.49
CA ASN B 33 -18.97 -34.03 -15.91
C ASN B 33 -19.78 -33.11 -16.81
N ALA B 34 -19.81 -31.81 -16.50
CA ALA B 34 -20.61 -30.87 -17.29
C ALA B 34 -20.08 -30.73 -18.71
N TYR B 35 -18.77 -30.92 -18.90
CA TYR B 35 -18.18 -30.90 -20.22
C TYR B 35 -18.25 -32.26 -20.92
N LYS B 36 -18.97 -33.22 -20.34
CA LYS B 36 -19.25 -34.52 -20.97
C LYS B 36 -18.00 -35.36 -21.13
N LEU B 37 -17.04 -35.19 -20.21
CA LEU B 37 -15.81 -35.96 -20.24
C LEU B 37 -15.94 -37.31 -19.54
N ILE B 38 -16.89 -37.45 -18.62
CA ILE B 38 -16.97 -38.69 -17.81
C ILE B 38 -17.15 -39.92 -18.67
N PRO B 39 -17.96 -39.94 -19.74
CA PRO B 39 -18.05 -41.15 -20.57
C PRO B 39 -16.75 -41.54 -21.25
N GLU B 40 -15.78 -40.64 -21.35
CA GLU B 40 -14.50 -40.96 -21.99
C GLU B 40 -13.52 -41.64 -21.06
N LEU B 41 -13.83 -41.67 -19.75
CA LEU B 41 -12.90 -42.06 -18.71
C LEU B 41 -13.38 -43.34 -18.03
N SER B 42 -12.41 -44.14 -17.58
CA SER B 42 -12.70 -45.34 -16.81
CA SER B 42 -12.70 -45.34 -16.81
C SER B 42 -12.74 -44.98 -15.33
N ARG B 43 -13.89 -45.19 -14.68
CA ARG B 43 -13.96 -44.91 -13.24
C ARG B 43 -13.07 -45.90 -12.48
N VAL B 44 -12.14 -45.39 -11.68
CA VAL B 44 -11.29 -46.22 -10.86
C VAL B 44 -11.80 -46.09 -9.42
N PRO B 45 -12.33 -47.15 -8.81
CA PRO B 45 -12.91 -47.02 -7.48
C PRO B 45 -11.82 -46.95 -6.43
N PRO B 46 -12.01 -46.18 -5.36
CA PRO B 46 -11.02 -46.16 -4.28
C PRO B 46 -10.86 -47.52 -3.65
N LEU B 47 -9.63 -47.84 -3.27
CA LEU B 47 -9.32 -49.11 -2.66
C LEU B 47 -10.00 -49.23 -1.31
N GLN B 48 -10.57 -50.41 -1.05
CA GLN B 48 -10.99 -50.78 0.29
C GLN B 48 -10.24 -52.03 0.74
N TRP B 49 -10.25 -52.27 2.04
CA TRP B 49 -9.49 -53.38 2.62
C TRP B 49 -10.46 -54.36 3.29
N ASP B 50 -9.96 -55.57 3.52
CA ASP B 50 -10.74 -56.67 4.10
C ASP B 50 -10.82 -56.63 5.61
N SER B 51 -10.03 -55.78 6.27
CA SER B 51 -10.00 -55.74 7.73
C SER B 51 -9.30 -54.46 8.15
N PRO B 52 -9.57 -53.97 9.36
CA PRO B 52 -8.80 -52.84 9.90
C PRO B 52 -7.31 -53.11 9.89
N SER B 53 -6.89 -54.34 10.19
CA SER B 53 -5.45 -54.63 10.19
C SER B 53 -4.83 -54.45 8.81
N ARG B 54 -5.55 -54.86 7.75
CA ARG B 54 -5.00 -54.69 6.41
C ARG B 54 -4.90 -53.20 6.03
N MET B 55 -5.90 -52.41 6.40
CA MET B 55 -5.82 -50.96 6.19
C MET B 55 -4.63 -50.38 6.94
N TYR B 56 -4.46 -50.78 8.20
CA TYR B 56 -3.41 -50.24 9.02
C TYR B 56 -2.04 -50.61 8.49
N GLU B 57 -1.89 -51.86 8.02
CA GLU B 57 -0.66 -52.26 7.34
C GLU B 57 -0.39 -51.38 6.12
N ALA B 58 -1.43 -51.07 5.35
CA ALA B 58 -1.23 -50.27 4.14
C ALA B 58 -0.69 -48.88 4.50
N VAL B 59 -1.30 -48.23 5.50
CA VAL B 59 -0.93 -46.84 5.80
C VAL B 59 0.43 -46.78 6.46
N THR B 60 0.76 -47.78 7.31
CA THR B 60 2.03 -47.78 8.02
C THR B 60 3.18 -48.37 7.19
N ALA B 61 2.96 -48.66 5.91
CA ALA B 61 4.10 -48.87 5.01
C ALA B 61 4.99 -47.65 4.95
N PHE B 62 4.41 -46.46 5.14
CA PHE B 62 5.16 -45.21 5.30
C PHE B 62 5.02 -44.62 6.70
N HIS B 63 3.81 -44.38 7.18
CA HIS B 63 3.62 -43.61 8.40
C HIS B 63 3.87 -44.45 9.65
N SER B 64 4.30 -43.79 10.73
CA SER B 64 4.55 -44.53 11.96
C SER B 64 3.23 -45.03 12.57
N THR B 65 3.31 -46.15 13.30
CA THR B 65 2.14 -46.61 14.02
C THR B 65 1.65 -45.58 15.03
N GLU B 66 2.58 -44.88 15.70
CA GLU B 66 2.15 -43.94 16.72
C GLU B 66 1.42 -42.75 16.12
N TYR B 67 1.87 -42.28 14.94
CA TYR B 67 1.18 -41.20 14.23
C TYR B 67 -0.20 -41.65 13.76
N VAL B 68 -0.30 -42.82 13.12
CA VAL B 68 -1.61 -43.28 12.67
C VAL B 68 -2.55 -43.48 13.85
N ASP B 69 -2.05 -44.03 14.96
CA ASP B 69 -2.88 -44.17 16.15
C ASP B 69 -3.43 -42.82 16.60
N ALA B 70 -2.58 -41.79 16.61
CA ALA B 70 -3.02 -40.47 17.07
C ALA B 70 -4.06 -39.87 16.13
N LEU B 71 -3.88 -40.07 14.83
CA LEU B 71 -4.83 -39.54 13.87
C LEU B 71 -6.19 -40.21 14.00
N LYS B 72 -6.20 -41.53 14.25
CA LYS B 72 -7.44 -42.23 14.55
C LYS B 72 -8.11 -41.67 15.80
N LYS B 73 -7.31 -41.42 16.84
CA LYS B 73 -7.86 -40.92 18.10
C LYS B 73 -8.42 -39.52 17.94
N LEU B 74 -7.76 -38.67 17.14
CA LEU B 74 -8.25 -37.33 16.90
C LEU B 74 -9.65 -37.34 16.30
N GLN B 75 -9.88 -38.23 15.33
CA GLN B 75 -11.20 -38.33 14.73
C GLN B 75 -12.23 -38.82 15.74
N MET B 76 -11.88 -39.87 16.51
CA MET B 76 -12.83 -40.39 17.49
C MET B 76 -13.24 -39.33 18.50
N LEU B 77 -12.28 -38.54 18.98
CA LEU B 77 -12.59 -37.49 19.94
C LEU B 77 -13.50 -36.44 19.31
N HIS B 78 -13.16 -36.02 18.08
CA HIS B 78 -13.97 -35.01 17.42
C HIS B 78 -15.35 -35.54 17.06
N CYS B 79 -15.46 -36.82 16.74
CA CYS B 79 -16.74 -37.44 16.39
C CYS B 79 -17.53 -37.85 17.63
N GLU B 83 -14.03 -33.75 24.52
CA GLU B 83 -13.06 -32.78 25.03
C GLU B 83 -11.71 -33.44 25.31
N LEU B 84 -10.66 -32.94 24.65
CA LEU B 84 -9.34 -33.50 24.83
C LEU B 84 -8.79 -33.14 26.20
N THR B 85 -8.25 -34.13 26.90
CA THR B 85 -7.50 -33.87 28.11
C THR B 85 -6.20 -33.15 27.77
N ALA B 86 -5.48 -32.74 28.81
CA ALA B 86 -4.24 -32.01 28.57
C ALA B 86 -3.17 -32.91 27.97
N ASP B 87 -3.14 -34.18 28.37
CA ASP B 87 -2.22 -35.12 27.73
C ASP B 87 -2.61 -35.40 26.29
N ASP B 88 -3.92 -35.48 26.01
CA ASP B 88 -4.35 -35.61 24.61
C ASP B 88 -3.83 -34.46 23.77
N GLU B 89 -3.92 -33.24 24.31
CA GLU B 89 -3.42 -32.06 23.60
C GLU B 89 -1.94 -32.19 23.29
N LEU B 90 -1.14 -32.56 24.29
CA LEU B 90 0.31 -32.70 24.08
C LEU B 90 0.60 -33.77 23.04
N LEU B 91 -0.16 -34.87 23.06
CA LEU B 91 0.01 -35.92 22.06
C LEU B 91 -0.27 -35.40 20.66
N MET B 92 -1.41 -34.74 20.47
CA MET B 92 -1.72 -34.18 19.15
C MET B 92 -0.67 -33.16 18.74
N ASP B 93 -0.24 -32.30 19.66
CA ASP B 93 0.77 -31.30 19.31
C ASP B 93 2.07 -31.97 18.87
N SER B 94 2.40 -33.12 19.46
CA SER B 94 3.63 -33.82 19.11
C SER B 94 3.61 -34.34 17.68
N PHE B 95 2.42 -34.45 17.06
CA PHE B 95 2.32 -34.87 15.68
C PHE B 95 1.87 -33.74 14.77
N SER B 96 1.90 -32.50 15.26
CA SER B 96 1.45 -31.33 14.51
C SER B 96 -0.01 -31.47 14.07
N LEU B 97 -0.83 -32.14 14.89
CA LEU B 97 -2.26 -32.26 14.63
C LEU B 97 -3.00 -31.17 15.41
N ASN B 98 -2.80 -29.93 14.97
CA ASN B 98 -3.37 -28.77 15.66
C ASN B 98 -3.93 -27.74 14.67
N CYS B 101 -3.46 -27.64 10.17
CA CYS B 101 -3.80 -29.05 10.15
C CYS B 101 -4.52 -29.48 11.44
N PRO B 102 -5.75 -28.99 11.65
CA PRO B 102 -6.46 -29.33 12.89
C PRO B 102 -7.34 -30.57 12.73
N GLY B 103 -8.08 -30.89 13.80
CA GLY B 103 -9.00 -32.01 13.78
C GLY B 103 -10.42 -31.57 13.47
N PHE B 104 -11.10 -32.38 12.68
CA PHE B 104 -12.50 -32.19 12.37
C PHE B 104 -13.16 -33.57 12.42
N PRO B 105 -14.50 -33.67 12.48
CA PRO B 105 -15.12 -34.97 12.78
C PRO B 105 -14.72 -36.11 11.84
N SER B 106 -14.19 -35.84 10.65
CA SER B 106 -13.86 -36.91 9.71
C SER B 106 -12.41 -36.85 9.26
N VAL B 107 -11.52 -36.36 10.14
CA VAL B 107 -10.15 -36.06 9.72
C VAL B 107 -9.42 -37.32 9.26
N PHE B 108 -9.63 -38.46 9.95
CA PHE B 108 -8.96 -39.69 9.53
C PHE B 108 -9.59 -40.25 8.27
N ASP B 109 -10.93 -40.31 8.22
CA ASP B 109 -11.59 -40.78 7.01
C ASP B 109 -11.22 -39.93 5.80
N TYR B 110 -11.20 -38.60 5.97
CA TYR B 110 -10.86 -37.71 4.86
C TYR B 110 -9.45 -37.97 4.35
N SER B 111 -8.50 -38.09 5.27
CA SER B 111 -7.10 -38.33 4.90
C SER B 111 -6.92 -39.70 4.27
N LEU B 112 -7.58 -40.70 4.83
CA LEU B 112 -7.47 -42.05 4.28
C LEU B 112 -8.06 -42.11 2.88
N ALA B 113 -9.10 -41.30 2.60
CA ALA B 113 -9.72 -41.38 1.29
C ALA B 113 -8.71 -41.12 0.18
N ALA B 114 -7.90 -40.07 0.31
CA ALA B 114 -6.90 -39.79 -0.71
C ALA B 114 -5.95 -40.97 -0.89
N VAL B 115 -5.58 -41.65 0.22
CA VAL B 115 -4.75 -42.84 0.13
C VAL B 115 -5.48 -43.92 -0.67
N GLN B 116 -6.74 -44.17 -0.30
CA GLN B 116 -7.54 -45.15 -1.01
C GLN B 116 -7.60 -44.86 -2.51
N GLY B 117 -7.77 -43.59 -2.87
CA GLY B 117 -7.84 -43.25 -4.29
C GLY B 117 -6.53 -43.44 -5.01
N SER B 118 -5.42 -43.00 -4.40
CA SER B 118 -4.15 -43.05 -5.10
C SER B 118 -3.57 -44.46 -5.15
N LEU B 119 -3.82 -45.29 -4.12
CA LEU B 119 -3.42 -46.69 -4.21
C LEU B 119 -4.21 -47.42 -5.29
N ALA B 120 -5.52 -47.12 -5.39
CA ALA B 120 -6.31 -47.73 -6.45
C ALA B 120 -5.78 -47.32 -7.80
N ALA B 121 -5.40 -46.04 -7.94
CA ALA B 121 -4.85 -45.55 -9.19
C ALA B 121 -3.57 -46.29 -9.55
N ALA B 122 -2.66 -46.43 -8.58
CA ALA B 122 -1.41 -47.14 -8.84
C ALA B 122 -1.69 -48.58 -9.25
N SER B 123 -2.63 -49.26 -8.58
CA SER B 123 -2.92 -50.65 -8.94
C SER B 123 -3.44 -50.76 -10.36
N ALA B 124 -4.27 -49.80 -10.78
CA ALA B 124 -4.79 -49.82 -12.15
C ALA B 124 -3.68 -49.66 -13.18
N LEU B 125 -2.65 -48.88 -12.85
CA LEU B 125 -1.52 -48.73 -13.76
C LEU B 125 -0.70 -50.01 -13.81
N ILE B 126 -0.47 -50.63 -12.64
CA ILE B 126 0.37 -51.82 -12.55
C ILE B 126 -0.24 -52.97 -13.35
N CYS B 127 -1.56 -53.14 -13.24
CA CYS B 127 -2.22 -54.25 -13.95
CA CYS B 127 -2.23 -54.24 -13.94
C CYS B 127 -2.53 -53.91 -15.40
N ARG B 128 -2.14 -52.71 -15.86
CA ARG B 128 -2.30 -52.28 -17.25
C ARG B 128 -3.75 -52.08 -17.62
N HIS B 129 -4.62 -51.85 -16.65
CA HIS B 129 -6.00 -51.53 -16.97
C HIS B 129 -6.11 -50.12 -17.55
N CYS B 130 -5.28 -49.21 -17.09
CA CYS B 130 -5.27 -47.84 -17.56
C CYS B 130 -3.83 -47.47 -17.92
N GLU B 131 -3.69 -46.61 -18.94
CA GLU B 131 -2.39 -46.05 -19.27
C GLU B 131 -2.07 -44.84 -18.42
N VAL B 132 -3.11 -44.11 -18.01
CA VAL B 132 -2.98 -42.94 -17.15
C VAL B 132 -4.15 -42.99 -16.18
N VAL B 133 -3.90 -42.65 -14.92
CA VAL B 133 -5.00 -42.48 -13.96
C VAL B 133 -4.87 -41.12 -13.31
N ILE B 134 -6.00 -40.43 -13.21
CA ILE B 134 -6.11 -39.11 -12.59
C ILE B 134 -6.79 -39.25 -11.24
N ASN B 135 -6.24 -38.62 -10.19
CA ASN B 135 -6.92 -38.55 -8.90
C ASN B 135 -6.90 -37.11 -8.38
N TRP B 136 -7.98 -36.37 -8.63
CA TRP B 136 -8.04 -34.99 -8.17
C TRP B 136 -8.35 -34.89 -6.69
N GLY B 137 -8.61 -36.00 -6.02
CA GLY B 137 -8.66 -35.96 -4.57
C GLY B 137 -7.36 -36.28 -3.86
N GLY B 138 -6.27 -36.55 -4.60
CA GLY B 138 -4.98 -36.83 -4.01
C GLY B 138 -3.96 -35.74 -4.31
N GLY B 139 -2.72 -36.02 -3.91
CA GLY B 139 -1.63 -35.07 -4.11
C GLY B 139 -1.09 -34.42 -2.85
N TRP B 140 -1.20 -35.08 -1.70
CA TRP B 140 -0.94 -34.43 -0.40
C TRP B 140 0.53 -34.62 -0.02
N HIS B 141 1.37 -33.83 -0.72
CA HIS B 141 2.80 -34.08 -0.77
C HIS B 141 3.57 -33.67 0.49
N HIS B 142 2.97 -32.96 1.43
CA HIS B 142 3.73 -32.48 2.58
C HIS B 142 3.69 -33.43 3.78
N ALA B 143 2.78 -34.39 3.82
CA ALA B 143 2.68 -35.22 5.02
C ALA B 143 3.96 -36.02 5.24
N LYS B 144 4.42 -36.07 6.49
CA LYS B 144 5.65 -36.78 6.85
C LYS B 144 5.33 -38.07 7.57
N ARG B 145 6.36 -38.92 7.72
CA ARG B 145 6.19 -40.21 8.37
C ARG B 145 5.40 -40.10 9.69
N SER B 146 5.75 -39.12 10.52
CA SER B 146 5.12 -38.96 11.83
C SER B 146 4.71 -37.53 12.08
N GLU B 147 4.24 -36.82 11.05
CA GLU B 147 3.88 -35.44 11.27
C GLU B 147 2.92 -34.98 10.16
N ALA B 148 1.82 -34.34 10.56
CA ALA B 148 1.00 -33.61 9.61
C ALA B 148 1.67 -32.29 9.24
N SER B 149 1.49 -31.88 7.99
CA SER B 149 2.18 -30.68 7.53
C SER B 149 1.43 -30.07 6.36
N GLY B 150 1.33 -28.75 6.35
CA GLY B 150 0.72 -28.04 5.23
C GLY B 150 -0.63 -28.58 4.80
N PHE B 151 -1.55 -28.78 5.74
CA PHE B 151 -2.89 -29.34 5.56
C PHE B 151 -2.88 -30.74 4.96
N CYS B 152 -1.74 -31.45 4.99
CA CYS B 152 -1.62 -32.84 4.55
C CYS B 152 -1.47 -33.72 5.78
N TYR B 153 -2.28 -34.78 5.88
CA TYR B 153 -2.25 -35.67 7.04
C TYR B 153 -1.67 -37.04 6.73
N LEU B 154 -2.03 -37.63 5.59
CA LEU B 154 -1.40 -38.86 5.14
C LEU B 154 -0.86 -38.63 3.73
N ASN B 155 0.30 -39.23 3.44
CA ASN B 155 0.97 -38.96 2.17
C ASN B 155 0.56 -40.05 1.17
N ASP B 156 -0.54 -39.75 0.46
CA ASP B 156 -1.05 -40.68 -0.55
C ASP B 156 -0.04 -40.86 -1.66
N ILE B 157 0.77 -39.83 -1.93
CA ILE B 157 1.74 -39.94 -3.01
C ILE B 157 2.83 -40.94 -2.67
N VAL B 158 3.41 -40.81 -1.47
CA VAL B 158 4.47 -41.74 -1.06
C VAL B 158 3.95 -43.18 -1.10
N LEU B 159 2.72 -43.37 -0.66
CA LEU B 159 2.18 -44.74 -0.61
C LEU B 159 1.93 -45.28 -2.01
N ALA B 160 1.44 -44.44 -2.91
CA ALA B 160 1.25 -44.85 -4.30
C ALA B 160 2.57 -45.17 -4.97
N ILE B 161 3.58 -44.30 -4.77
CA ILE B 161 4.90 -44.56 -5.35
C ILE B 161 5.46 -45.86 -4.80
N HIS B 162 5.30 -46.11 -3.51
CA HIS B 162 5.81 -47.35 -2.92
C HIS B 162 5.18 -48.56 -3.60
N ARG B 163 3.87 -48.50 -3.89
CA ARG B 163 3.21 -49.60 -4.58
C ARG B 163 3.77 -49.77 -5.99
N LEU B 164 4.02 -48.66 -6.69
CA LEU B 164 4.53 -48.74 -8.06
C LEU B 164 5.94 -49.32 -8.07
N VAL B 165 6.83 -48.79 -7.22
CA VAL B 165 8.25 -49.12 -7.34
C VAL B 165 8.51 -50.55 -6.86
N SER B 166 7.61 -51.15 -6.09
CA SER B 166 7.77 -52.53 -5.65
C SER B 166 6.89 -53.49 -6.43
N SER B 167 6.49 -53.13 -7.65
CA SER B 167 5.62 -53.99 -8.45
C SER B 167 6.43 -54.90 -9.38
N GLN B 177 15.21 -52.92 -13.85
CA GLN B 177 14.59 -52.63 -12.56
C GLN B 177 13.59 -51.48 -12.69
N THR B 178 12.63 -51.45 -11.77
CA THR B 178 11.56 -50.46 -11.81
C THR B 178 12.02 -49.15 -11.20
N ARG B 179 11.94 -48.07 -11.97
CA ARG B 179 12.24 -46.73 -11.49
CA ARG B 179 12.24 -46.73 -11.49
C ARG B 179 11.01 -45.85 -11.68
N VAL B 180 10.76 -44.96 -10.71
CA VAL B 180 9.63 -44.02 -10.78
C VAL B 180 10.21 -42.61 -10.84
N LEU B 181 9.69 -41.79 -11.74
CA LEU B 181 10.01 -40.37 -11.73
C LEU B 181 8.82 -39.63 -11.14
N TYR B 182 9.06 -38.86 -10.08
CA TYR B 182 8.05 -38.01 -9.45
C TYR B 182 8.27 -36.57 -9.88
N VAL B 183 7.20 -35.91 -10.37
CA VAL B 183 7.27 -34.54 -10.86
C VAL B 183 6.26 -33.72 -10.07
N ASP B 184 6.73 -32.68 -9.38
CA ASP B 184 5.89 -31.92 -8.46
C ASP B 184 5.76 -30.49 -8.99
N LEU B 185 4.59 -30.18 -9.56
CA LEU B 185 4.34 -28.91 -10.21
C LEU B 185 3.67 -27.89 -9.29
N ASP B 186 3.35 -28.28 -8.05
CA ASP B 186 2.74 -27.39 -7.08
C ASP B 186 3.60 -26.14 -6.84
N LEU B 187 2.95 -25.05 -6.42
CA LEU B 187 3.68 -23.85 -6.01
C LEU B 187 4.68 -24.11 -4.88
N HIS B 188 4.39 -25.07 -4.02
CA HIS B 188 5.21 -25.38 -2.85
C HIS B 188 6.13 -26.57 -3.12
N HIS B 189 7.29 -26.54 -2.48
CA HIS B 189 8.23 -27.66 -2.58
C HIS B 189 7.62 -28.97 -2.07
N GLY B 190 7.78 -30.04 -2.85
CA GLY B 190 7.27 -31.36 -2.43
C GLY B 190 8.16 -32.04 -1.40
N ASP B 191 8.23 -31.49 -0.18
CA ASP B 191 9.21 -31.93 0.80
C ASP B 191 8.92 -33.33 1.33
N GLY B 192 7.64 -33.69 1.53
CA GLY B 192 7.34 -34.99 2.12
C GLY B 192 7.72 -36.14 1.20
N VAL B 193 7.46 -35.99 -0.09
CA VAL B 193 7.83 -37.04 -1.03
C VAL B 193 9.35 -37.09 -1.20
N GLU B 194 9.99 -35.93 -1.30
CA GLU B 194 11.45 -35.88 -1.38
C GLU B 194 12.11 -36.59 -0.21
N GLU B 195 11.64 -36.29 1.02
CA GLU B 195 12.21 -36.88 2.22
C GLU B 195 12.04 -38.39 2.23
N ALA B 196 10.86 -38.88 1.83
CA ALA B 196 10.57 -40.32 1.88
C ALA B 196 11.53 -41.12 1.01
N PHE B 197 11.99 -40.52 -0.10
CA PHE B 197 12.83 -41.25 -1.05
C PHE B 197 14.24 -40.67 -1.13
N TRP B 198 14.66 -39.94 -0.11
CA TRP B 198 15.96 -39.28 -0.07
C TRP B 198 17.12 -40.26 -0.22
N TYR B 199 16.98 -41.49 0.27
CA TYR B 199 18.02 -42.52 0.21
C TYR B 199 17.77 -43.59 -0.84
N SER B 200 16.79 -43.38 -1.73
CA SER B 200 16.43 -44.38 -2.72
CA SER B 200 16.42 -44.38 -2.73
C SER B 200 16.79 -43.89 -4.11
N PRO B 201 17.63 -44.61 -4.86
CA PRO B 201 17.87 -44.24 -6.26
C PRO B 201 16.74 -44.64 -7.20
N ARG B 202 15.84 -45.53 -6.80
CA ARG B 202 14.81 -45.97 -7.74
C ARG B 202 13.61 -45.04 -7.81
N VAL B 203 13.50 -44.05 -6.91
CA VAL B 203 12.51 -42.99 -7.03
C VAL B 203 13.31 -41.71 -7.17
N VAL B 204 13.21 -41.08 -8.33
CA VAL B 204 13.82 -39.78 -8.56
C VAL B 204 12.72 -38.74 -8.41
N THR B 205 12.96 -37.73 -7.58
CA THR B 205 11.97 -36.68 -7.34
C THR B 205 12.43 -35.38 -7.99
N PHE B 206 11.48 -34.63 -8.57
CA PHE B 206 11.78 -33.33 -9.18
C PHE B 206 10.67 -32.38 -8.81
N SER B 207 10.99 -31.33 -8.06
CA SER B 207 10.00 -30.32 -7.66
C SER B 207 10.44 -28.97 -8.22
N VAL B 208 9.51 -28.30 -8.91
CA VAL B 208 9.63 -26.88 -9.26
C VAL B 208 8.64 -26.13 -8.41
N HIS B 209 9.07 -25.00 -7.85
CA HIS B 209 8.28 -24.35 -6.80
C HIS B 209 8.80 -22.94 -6.59
N HIS B 210 8.04 -22.15 -5.85
CA HIS B 210 8.61 -20.94 -5.28
C HIS B 210 9.32 -21.26 -3.97
N ALA B 211 10.42 -20.57 -3.73
CA ALA B 211 11.10 -20.58 -2.43
C ALA B 211 11.61 -19.18 -2.15
N SER B 212 11.43 -18.73 -0.91
CA SER B 212 11.91 -17.43 -0.46
C SER B 212 11.85 -17.41 1.07
N PRO B 213 12.48 -16.46 1.75
CA PRO B 213 12.58 -16.56 3.21
C PRO B 213 11.22 -16.43 3.88
N GLY B 214 10.92 -17.40 4.75
CA GLY B 214 9.63 -17.41 5.41
C GLY B 214 8.50 -18.08 4.67
N PHE B 215 8.72 -18.52 3.43
CA PHE B 215 7.69 -19.16 2.64
C PHE B 215 7.70 -20.67 2.88
N PHE B 216 6.53 -21.23 3.16
CA PHE B 216 6.37 -22.65 3.45
C PHE B 216 6.75 -23.55 2.26
N PRO B 217 7.44 -24.67 2.50
CA PRO B 217 7.93 -25.17 3.79
C PRO B 217 9.37 -24.77 4.10
N GLY B 218 10.06 -24.09 3.20
CA GLY B 218 11.39 -23.55 3.45
C GLY B 218 12.50 -24.32 2.78
N THR B 219 12.23 -25.54 2.33
CA THR B 219 13.18 -26.43 1.70
C THR B 219 13.08 -26.33 0.16
N GLY B 220 13.93 -27.13 -0.52
CA GLY B 220 13.97 -27.12 -1.97
C GLY B 220 14.81 -26.00 -2.56
N THR B 221 15.77 -25.49 -1.81
CA THR B 221 16.56 -24.36 -2.30
C THR B 221 17.97 -24.46 -1.69
N TRP B 222 18.72 -23.37 -1.81
CA TRP B 222 20.14 -23.42 -1.42
C TRP B 222 20.26 -23.64 0.09
N PRO B 231 25.79 -21.25 -1.73
CA PRO B 231 25.88 -22.60 -1.16
C PRO B 231 25.66 -23.69 -2.20
N ILE B 232 25.10 -24.83 -1.76
CA ILE B 232 24.90 -26.00 -2.61
C ILE B 232 23.49 -26.50 -2.37
N PHE B 233 22.92 -27.19 -3.37
CA PHE B 233 21.71 -27.98 -3.16
C PHE B 233 22.05 -29.33 -2.57
N LEU B 234 21.41 -29.68 -1.47
CA LEU B 234 21.38 -31.08 -1.07
C LEU B 234 20.51 -31.83 -2.08
N ASN B 235 20.87 -33.08 -2.38
CA ASN B 235 20.15 -33.77 -3.46
C ASN B 235 19.99 -35.27 -3.22
N GLY B 236 19.88 -35.68 -1.96
CA GLY B 236 19.79 -37.09 -1.63
C GLY B 236 21.07 -37.58 -0.95
N ALA B 237 20.98 -38.75 -0.34
CA ALA B 237 22.11 -39.24 0.42
C ALA B 237 22.26 -40.74 0.27
N GLY B 238 23.46 -41.23 0.60
CA GLY B 238 23.71 -42.67 0.52
C GLY B 238 23.51 -43.15 -0.89
N ARG B 239 22.74 -44.24 -1.03
CA ARG B 239 22.42 -44.77 -2.34
C ARG B 239 21.52 -43.83 -3.12
N GLY B 240 20.84 -42.92 -2.43
CA GLY B 240 19.98 -41.93 -3.06
C GLY B 240 20.66 -40.64 -3.48
N ARG B 241 21.98 -40.53 -3.35
CA ARG B 241 22.62 -39.28 -3.69
C ARG B 241 22.37 -38.95 -5.16
N PHE B 242 22.08 -37.68 -5.43
CA PHE B 242 21.81 -37.10 -6.74
C PHE B 242 20.40 -37.40 -7.23
N SER B 243 19.55 -38.04 -6.45
CA SER B 243 18.23 -38.46 -6.92
C SER B 243 17.11 -37.50 -6.58
N ALA B 244 17.38 -36.41 -5.86
CA ALA B 244 16.37 -35.44 -5.49
C ALA B 244 16.69 -34.12 -6.18
N PHE B 245 15.83 -33.71 -7.10
CA PHE B 245 16.05 -32.53 -7.94
C PHE B 245 15.09 -31.41 -7.55
N ASN B 246 15.59 -30.18 -7.61
CA ASN B 246 14.80 -29.03 -7.19
C ASN B 246 15.12 -27.84 -8.09
N LEU B 247 14.07 -27.12 -8.45
CA LEU B 247 14.20 -25.88 -9.22
C LEU B 247 13.34 -24.82 -8.54
N PRO B 248 13.94 -24.02 -7.65
CA PRO B 248 13.19 -22.91 -7.05
C PRO B 248 13.19 -21.69 -7.97
N LEU B 249 12.04 -21.03 -8.04
CA LEU B 249 11.81 -19.95 -8.99
C LEU B 249 11.30 -18.71 -8.26
N GLU B 250 11.77 -17.53 -8.70
CA GLU B 250 11.31 -16.28 -8.10
C GLU B 250 9.85 -15.98 -8.47
N GLU B 251 9.22 -15.13 -7.68
CA GLU B 251 7.81 -14.81 -7.94
C GLU B 251 7.63 -14.09 -9.27
N GLY B 252 6.43 -14.27 -9.86
CA GLY B 252 6.03 -13.57 -11.07
C GLY B 252 6.15 -14.33 -12.37
N ILE B 253 6.67 -15.57 -12.35
CA ILE B 253 6.96 -16.27 -13.60
C ILE B 253 5.67 -16.58 -14.36
N ASN B 254 5.73 -16.46 -15.70
CA ASN B 254 4.56 -16.65 -16.55
C ASN B 254 4.60 -18.04 -17.22
N ASP B 255 3.55 -18.33 -18.01
CA ASP B 255 3.42 -19.64 -18.66
C ASP B 255 4.66 -19.98 -19.47
N LEU B 256 5.07 -19.05 -20.36
CA LEU B 256 6.16 -19.34 -21.28
C LEU B 256 7.47 -19.60 -20.54
N ASP B 257 7.80 -18.74 -19.59
CA ASP B 257 9.07 -18.90 -18.90
C ASP B 257 9.10 -20.13 -18.01
N TRP B 258 7.96 -20.47 -17.39
CA TRP B 258 7.90 -21.71 -16.61
C TRP B 258 8.01 -22.95 -17.49
N SER B 259 7.33 -22.93 -18.64
CA SER B 259 7.44 -23.99 -19.63
C SER B 259 8.87 -24.17 -20.09
N ASN B 260 9.54 -23.07 -20.44
CA ASN B 260 10.92 -23.19 -20.92
C ASN B 260 11.87 -23.59 -19.80
N ALA B 261 11.52 -23.29 -18.55
CA ALA B 261 12.35 -23.71 -17.42
C ALA B 261 12.29 -25.21 -17.23
N ILE B 262 11.08 -25.79 -17.17
CA ILE B 262 11.02 -27.19 -16.79
C ILE B 262 10.97 -28.16 -17.96
N GLY B 263 10.66 -27.69 -19.16
CA GLY B 263 10.54 -28.56 -20.31
C GLY B 263 11.77 -29.40 -20.62
N PRO B 264 12.92 -28.74 -20.82
CA PRO B 264 14.14 -29.51 -21.13
C PRO B 264 14.60 -30.36 -19.97
N ILE B 265 14.36 -29.92 -18.74
CA ILE B 265 14.74 -30.75 -17.60
C ILE B 265 13.90 -32.02 -17.57
N LEU B 266 12.59 -31.89 -17.79
CA LEU B 266 11.72 -33.06 -17.81
C LEU B 266 12.17 -34.05 -18.89
N ASP B 267 12.40 -33.55 -20.10
CA ASP B 267 12.81 -34.44 -21.19
C ASP B 267 14.14 -35.11 -20.87
N SER B 268 15.07 -34.37 -20.24
CA SER B 268 16.37 -34.96 -19.89
C SER B 268 16.22 -36.02 -18.81
N LEU B 269 15.38 -35.75 -17.80
CA LEU B 269 15.12 -36.76 -16.80
C LEU B 269 14.56 -38.02 -17.42
N ASN B 270 13.63 -37.89 -18.38
CA ASN B 270 13.06 -39.09 -18.99
C ASN B 270 14.12 -39.85 -19.78
N ILE B 271 14.95 -39.14 -20.55
CA ILE B 271 15.98 -39.78 -21.37
C ILE B 271 16.93 -40.60 -20.50
N VAL B 272 17.38 -40.04 -19.39
CA VAL B 272 18.42 -40.69 -18.59
C VAL B 272 17.85 -41.70 -17.62
N ILE B 273 16.77 -41.33 -16.90
CA ILE B 273 16.26 -42.24 -15.88
C ILE B 273 15.48 -43.39 -16.50
N GLN B 274 14.83 -43.16 -17.66
CA GLN B 274 14.00 -44.17 -18.30
C GLN B 274 12.98 -44.75 -17.32
N PRO B 275 12.13 -43.92 -16.72
CA PRO B 275 11.22 -44.39 -15.67
C PRO B 275 10.20 -45.40 -16.20
N SER B 276 9.82 -46.33 -15.31
CA SER B 276 8.76 -47.28 -15.60
C SER B 276 7.39 -46.68 -15.35
N TYR B 277 7.31 -45.70 -14.47
CA TYR B 277 6.10 -44.94 -14.17
C TYR B 277 6.50 -43.50 -13.91
N VAL B 278 5.58 -42.58 -14.22
CA VAL B 278 5.72 -41.18 -13.85
C VAL B 278 4.54 -40.83 -12.94
N VAL B 279 4.82 -40.13 -11.84
CA VAL B 279 3.79 -39.61 -10.95
C VAL B 279 3.91 -38.10 -10.95
N VAL B 280 2.83 -37.41 -11.30
CA VAL B 280 2.85 -35.94 -11.43
C VAL B 280 1.88 -35.36 -10.43
N GLN B 281 2.37 -34.50 -9.55
CA GLN B 281 1.52 -33.71 -8.68
C GLN B 281 1.21 -32.40 -9.39
N CYS B 282 -0.07 -32.07 -9.55
CA CYS B 282 -0.48 -30.95 -10.40
CA CYS B 282 -0.54 -30.97 -10.39
C CYS B 282 -1.21 -29.86 -9.60
N GLY B 283 -0.69 -29.54 -8.41
CA GLY B 283 -1.26 -28.48 -7.60
C GLY B 283 -1.46 -27.19 -8.37
N ALA B 284 -2.65 -26.59 -8.22
CA ALA B 284 -3.10 -25.47 -9.05
C ALA B 284 -2.81 -24.12 -8.44
N ASP B 285 -1.94 -24.06 -7.41
CA ASP B 285 -1.71 -22.80 -6.74
C ASP B 285 -0.68 -21.94 -7.46
N CYS B 286 -0.20 -22.37 -8.64
CA CYS B 286 0.64 -21.50 -9.46
C CYS B 286 -0.18 -20.60 -10.37
N LEU B 287 -1.50 -20.81 -10.44
CA LEU B 287 -2.34 -19.96 -11.28
C LEU B 287 -2.22 -18.51 -10.84
N ALA B 288 -2.30 -17.62 -11.82
CA ALA B 288 -2.21 -16.19 -11.55
C ALA B 288 -3.33 -15.71 -10.62
N THR B 289 -4.46 -16.41 -10.62
CA THR B 289 -5.63 -16.05 -9.83
C THR B 289 -5.70 -16.79 -8.51
N ASP B 290 -4.73 -17.64 -8.21
CA ASP B 290 -4.69 -18.24 -6.89
C ASP B 290 -4.47 -17.15 -5.84
N PRO B 291 -5.08 -17.25 -4.66
CA PRO B 291 -4.90 -16.19 -3.66
C PRO B 291 -3.47 -16.05 -3.15
N HIS B 292 -2.60 -17.05 -3.34
CA HIS B 292 -1.18 -16.85 -3.02
C HIS B 292 -0.60 -15.70 -3.84
N ARG B 293 -1.03 -15.57 -5.10
CA ARG B 293 -0.60 -14.51 -6.01
C ARG B 293 0.93 -14.44 -6.11
N ILE B 294 1.53 -15.59 -6.44
CA ILE B 294 3.00 -15.70 -6.56
C ILE B 294 3.45 -15.94 -8.01
N PHE B 295 2.96 -17.00 -8.64
CA PHE B 295 3.26 -17.20 -10.07
C PHE B 295 2.08 -16.69 -10.90
N ARG B 296 2.28 -16.64 -12.22
CA ARG B 296 1.27 -16.12 -13.14
C ARG B 296 0.92 -17.13 -14.22
N LEU B 297 0.78 -18.39 -13.84
CA LEU B 297 0.40 -19.43 -14.79
C LEU B 297 -1.09 -19.32 -15.09
N THR B 298 -1.51 -19.94 -16.19
CA THR B 298 -2.90 -19.88 -16.62
C THR B 298 -3.38 -21.28 -16.96
N ASN B 299 -4.65 -21.36 -17.38
CA ASN B 299 -5.18 -22.55 -18.04
C ASN B 299 -5.44 -22.32 -19.51
N PHE B 300 -4.79 -21.32 -20.12
CA PHE B 300 -5.12 -20.97 -21.50
C PHE B 300 -4.69 -22.06 -22.47
N TYR B 301 -5.49 -22.25 -23.52
CA TYR B 301 -5.24 -23.28 -24.53
C TYR B 301 -5.45 -22.67 -25.92
N PRO B 302 -4.52 -21.81 -26.36
CA PRO B 302 -4.69 -21.09 -27.62
C PRO B 302 -4.63 -22.01 -28.86
N ASP B 311 4.07 -12.88 -28.47
CA ASP B 311 4.50 -12.14 -27.29
C ASP B 311 4.82 -13.09 -26.13
N SER B 312 5.86 -12.77 -25.36
CA SER B 312 6.36 -13.69 -24.34
C SER B 312 5.39 -13.87 -23.19
N GLU B 313 4.44 -12.96 -22.98
CA GLU B 313 3.45 -13.08 -21.92
C GLU B 313 2.24 -13.91 -22.32
N CYS B 314 2.20 -14.38 -23.56
CA CYS B 314 1.00 -14.98 -24.15
CA CYS B 314 0.99 -14.99 -24.14
C CYS B 314 1.35 -16.34 -24.77
N SER B 315 1.07 -17.43 -24.05
CA SER B 315 1.39 -18.75 -24.54
C SER B 315 0.42 -19.79 -23.99
N LEU B 316 0.62 -21.03 -24.40
CA LEU B 316 -0.06 -22.17 -23.79
C LEU B 316 0.21 -22.22 -22.29
N SER B 317 -0.83 -22.56 -21.52
CA SER B 317 -0.73 -22.87 -20.09
C SER B 317 0.52 -23.68 -19.79
N GLY B 318 1.32 -23.21 -18.82
CA GLY B 318 2.49 -23.97 -18.41
C GLY B 318 2.13 -25.38 -17.95
N TYR B 319 1.03 -25.49 -17.22
CA TYR B 319 0.55 -26.80 -16.75
C TYR B 319 0.26 -27.73 -17.92
N LEU B 320 -0.49 -27.22 -18.93
CA LEU B 320 -0.85 -28.07 -20.05
C LEU B 320 0.39 -28.40 -20.88
N TYR B 321 1.32 -27.47 -20.98
CA TYR B 321 2.57 -27.75 -21.69
C TYR B 321 3.32 -28.92 -21.04
N ALA B 322 3.41 -28.90 -19.71
CA ALA B 322 4.18 -29.94 -19.02
C ALA B 322 3.45 -31.28 -19.03
N ILE B 323 2.12 -31.27 -18.88
CA ILE B 323 1.40 -32.53 -18.93
C ILE B 323 1.47 -33.13 -20.32
N LYS B 324 1.32 -32.30 -21.35
CA LYS B 324 1.40 -32.84 -22.72
C LYS B 324 2.78 -33.43 -22.97
N LYS B 325 3.83 -32.76 -22.50
CA LYS B 325 5.19 -33.27 -22.66
C LYS B 325 5.35 -34.62 -21.96
N ILE B 326 4.94 -34.70 -20.71
CA ILE B 326 5.07 -35.96 -19.96
C ILE B 326 4.29 -37.07 -20.64
N LEU B 327 3.07 -36.77 -21.10
CA LEU B 327 2.28 -37.82 -21.75
C LEU B 327 2.89 -38.26 -23.07
N SER B 328 3.66 -37.40 -23.74
CA SER B 328 4.29 -37.76 -25.01
C SER B 328 5.32 -38.86 -24.84
N TRP B 329 5.79 -39.10 -23.61
CA TRP B 329 6.75 -40.17 -23.35
C TRP B 329 6.14 -41.55 -23.43
N LYS B 330 4.81 -41.67 -23.34
CA LYS B 330 4.09 -42.95 -23.39
C LYS B 330 4.55 -43.88 -22.26
N VAL B 331 4.76 -43.31 -21.07
CA VAL B 331 5.05 -44.05 -19.85
C VAL B 331 3.80 -44.02 -18.98
N PRO B 332 3.41 -45.15 -18.39
CA PRO B 332 2.24 -45.15 -17.50
C PRO B 332 2.39 -44.08 -16.42
N THR B 333 1.32 -43.29 -16.23
CA THR B 333 1.42 -42.04 -15.50
C THR B 333 0.25 -41.89 -14.55
N LEU B 334 0.52 -41.41 -13.35
CA LEU B 334 -0.48 -41.03 -12.37
C LEU B 334 -0.48 -39.51 -12.25
N ILE B 335 -1.65 -38.89 -12.40
CA ILE B 335 -1.80 -37.44 -12.31
C ILE B 335 -2.62 -37.15 -11.07
N LEU B 336 -2.05 -36.38 -10.14
CA LEU B 336 -2.71 -36.06 -8.88
C LEU B 336 -2.94 -34.56 -8.80
N GLY B 337 -3.86 -34.18 -7.90
CA GLY B 337 -4.13 -32.80 -7.55
C GLY B 337 -3.13 -32.27 -6.53
N GLY B 338 -3.62 -31.49 -5.59
CA GLY B 338 -2.76 -30.87 -4.58
C GLY B 338 -3.31 -29.50 -4.18
N GLY B 339 -2.41 -28.53 -4.09
CA GLY B 339 -2.78 -27.19 -3.72
C GLY B 339 -3.71 -26.56 -4.74
N GLY B 340 -4.32 -25.45 -4.34
CA GLY B 340 -5.24 -24.77 -5.22
C GLY B 340 -6.39 -24.20 -4.43
N TYR B 341 -6.36 -22.90 -4.19
CA TYR B 341 -7.25 -22.29 -3.23
C TYR B 341 -8.27 -21.37 -3.86
N ASN B 342 -8.23 -21.18 -5.18
CA ASN B 342 -9.33 -20.57 -5.94
C ASN B 342 -10.08 -21.75 -6.55
N PHE B 343 -11.18 -22.19 -5.90
CA PHE B 343 -11.76 -23.47 -6.29
C PHE B 343 -12.30 -23.45 -7.71
N PRO B 344 -13.08 -22.45 -8.15
CA PRO B 344 -13.50 -22.43 -9.56
C PRO B 344 -12.34 -22.45 -10.55
N ASP B 345 -11.28 -21.68 -10.31
CA ASP B 345 -10.17 -21.67 -11.27
C ASP B 345 -9.37 -22.98 -11.21
N THR B 346 -9.31 -23.62 -10.05
CA THR B 346 -8.72 -24.96 -9.97
C THR B 346 -9.53 -25.94 -10.81
N ALA B 347 -10.86 -25.89 -10.71
CA ALA B 347 -11.70 -26.74 -11.55
C ALA B 347 -11.47 -26.44 -13.03
N ARG B 348 -11.35 -25.14 -13.36
CA ARG B 348 -11.13 -24.74 -14.76
C ARG B 348 -9.82 -25.35 -15.29
N LEU B 349 -8.78 -25.32 -14.47
CA LEU B 349 -7.51 -25.88 -14.91
C LEU B 349 -7.58 -27.39 -15.02
N TRP B 350 -8.05 -28.05 -13.96
CA TRP B 350 -8.04 -29.50 -13.93
C TRP B 350 -8.97 -30.10 -14.96
N THR B 351 -10.05 -29.39 -15.33
CA THR B 351 -10.90 -29.87 -16.42
C THR B 351 -10.12 -29.87 -17.74
N ARG B 352 -9.32 -28.83 -18.00
CA ARG B 352 -8.54 -28.81 -19.25
C ARG B 352 -7.44 -29.87 -19.19
N VAL B 353 -6.85 -30.10 -18.03
CA VAL B 353 -5.85 -31.17 -17.90
C VAL B 353 -6.47 -32.51 -18.23
N THR B 354 -7.68 -32.75 -17.73
CA THR B 354 -8.37 -34.00 -17.97
C THR B 354 -8.65 -34.18 -19.46
N ALA B 355 -9.15 -33.12 -20.11
CA ALA B 355 -9.45 -33.18 -21.54
C ALA B 355 -8.20 -33.39 -22.35
N LEU B 356 -7.10 -32.70 -22.00
CA LEU B 356 -5.84 -32.92 -22.70
C LEU B 356 -5.35 -34.36 -22.56
N THR B 357 -5.51 -34.94 -21.37
CA THR B 357 -5.07 -36.31 -21.14
C THR B 357 -5.85 -37.28 -22.03
N ILE B 358 -7.16 -37.10 -22.14
CA ILE B 358 -7.96 -37.92 -23.06
C ILE B 358 -7.46 -37.78 -24.49
N GLU B 359 -7.20 -36.55 -24.93
CA GLU B 359 -6.74 -36.32 -26.30
C GLU B 359 -5.40 -37.00 -26.56
N GLU B 360 -4.44 -36.81 -25.66
CA GLU B 360 -3.09 -37.33 -25.94
C GLU B 360 -3.06 -38.85 -25.86
N VAL B 361 -3.76 -39.44 -24.89
CA VAL B 361 -3.71 -40.89 -24.70
C VAL B 361 -4.57 -41.60 -25.73
N LYS B 362 -5.79 -41.09 -25.97
CA LYS B 362 -6.73 -41.78 -26.85
C LYS B 362 -6.69 -41.27 -28.28
N GLY B 363 -5.93 -40.21 -28.55
CA GLY B 363 -5.89 -39.65 -29.90
C GLY B 363 -7.22 -39.13 -30.36
N LYS B 364 -8.04 -38.63 -29.45
CA LYS B 364 -9.44 -38.31 -29.69
C LYS B 364 -9.68 -36.85 -29.34
N LYS B 365 -9.99 -36.03 -30.34
CA LYS B 365 -10.14 -34.59 -30.12
C LYS B 365 -11.21 -34.28 -29.06
N MET B 366 -10.84 -33.45 -28.10
CA MET B 366 -11.74 -33.00 -27.04
C MET B 366 -11.92 -31.50 -27.15
N THR B 367 -13.03 -31.08 -27.74
CA THR B 367 -13.33 -29.67 -27.92
C THR B 367 -14.20 -29.18 -26.78
N ILE B 368 -13.68 -28.20 -26.04
CA ILE B 368 -14.36 -27.70 -24.86
C ILE B 368 -14.91 -26.30 -25.17
N SER B 369 -16.21 -26.12 -24.96
CA SER B 369 -16.83 -24.82 -25.17
C SER B 369 -16.17 -23.76 -24.30
N PRO B 370 -15.92 -22.56 -24.83
CA PRO B 370 -15.40 -21.47 -23.99
C PRO B 370 -16.36 -21.01 -22.91
N GLU B 371 -17.65 -21.32 -23.02
CA GLU B 371 -18.61 -20.95 -21.98
C GLU B 371 -18.81 -22.15 -21.07
N ILE B 372 -18.81 -21.90 -19.76
CA ILE B 372 -19.07 -22.96 -18.77
C ILE B 372 -20.46 -23.53 -19.04
N PRO B 373 -20.61 -24.85 -19.11
CA PRO B 373 -21.94 -25.44 -19.30
C PRO B 373 -22.82 -25.29 -18.07
N GLU B 374 -24.13 -25.32 -18.33
CA GLU B 374 -25.12 -25.44 -17.28
C GLU B 374 -24.80 -26.65 -16.39
N HIS B 375 -24.80 -26.42 -15.07
CA HIS B 375 -24.75 -27.47 -14.06
C HIS B 375 -24.94 -26.76 -12.72
N SER B 376 -25.05 -27.55 -11.65
CA SER B 376 -25.53 -26.95 -10.40
C SER B 376 -24.50 -26.04 -9.73
N TYR B 377 -23.25 -26.06 -10.18
CA TYR B 377 -22.27 -25.11 -9.68
C TYR B 377 -21.97 -23.97 -10.65
N PHE B 378 -22.80 -23.79 -11.67
CA PHE B 378 -22.57 -22.74 -12.68
C PHE B 378 -22.32 -21.37 -12.06
N SER B 379 -23.12 -21.01 -11.02
CA SER B 379 -22.99 -19.70 -10.40
C SER B 379 -21.64 -19.44 -9.74
N ARG B 380 -20.84 -20.49 -9.50
CA ARG B 380 -19.53 -20.27 -8.91
C ARG B 380 -18.52 -19.74 -9.92
N TYR B 381 -18.85 -19.70 -11.21
CA TYR B 381 -17.91 -19.34 -12.26
C TYR B 381 -18.06 -17.89 -12.72
N GLY B 382 -18.65 -17.03 -11.90
CA GLY B 382 -18.74 -15.62 -12.24
C GLY B 382 -17.41 -14.90 -12.17
N PRO B 383 -17.37 -13.65 -12.66
CA PRO B 383 -18.53 -12.98 -13.24
C PRO B 383 -18.73 -13.26 -14.74
N ASP B 384 -17.76 -13.95 -15.34
CA ASP B 384 -17.67 -14.13 -16.78
C ASP B 384 -18.31 -15.43 -17.26
N PHE B 385 -18.30 -16.47 -16.40
CA PHE B 385 -18.80 -17.79 -16.74
C PHE B 385 -18.09 -18.36 -17.98
N GLU B 386 -16.79 -18.08 -18.08
CA GLU B 386 -15.95 -18.62 -19.15
C GLU B 386 -14.96 -19.65 -18.59
N LEU B 387 -14.52 -20.57 -19.45
CA LEU B 387 -13.54 -21.59 -19.00
C LEU B 387 -12.16 -20.98 -18.75
N ASP B 388 -11.73 -20.04 -19.60
CA ASP B 388 -10.46 -19.35 -19.35
C ASP B 388 -10.52 -18.64 -18.00
N ILE B 389 -9.44 -18.75 -17.21
CA ILE B 389 -9.39 -17.96 -15.97
C ILE B 389 -9.35 -16.46 -16.31
N ASP B 390 -9.85 -15.65 -15.38
CA ASP B 390 -10.07 -14.22 -15.60
C ASP B 390 -8.78 -13.45 -15.33
N TYR B 391 -7.75 -13.82 -16.06
CA TYR B 391 -6.44 -13.22 -15.95
C TYR B 391 -6.12 -12.51 -17.26
N PHE B 392 -5.53 -11.32 -17.16
CA PHE B 392 -5.07 -10.59 -18.33
C PHE B 392 -3.55 -10.51 -18.35
N PRO B 393 -2.88 -11.25 -19.23
CA PRO B 393 -1.41 -11.16 -19.31
C PRO B 393 -0.96 -9.73 -19.56
N HIS B 394 0.20 -9.40 -18.99
CA HIS B 394 0.78 -8.07 -19.04
C HIS B 394 2.27 -8.19 -18.74
N GLU B 395 2.98 -7.07 -18.82
CA GLU B 395 4.30 -6.94 -18.18
C GLU B 395 4.76 -5.49 -18.16
N THR B 400 16.95 -8.83 -18.80
CA THR B 400 17.20 -10.20 -19.24
C THR B 400 17.80 -11.02 -18.10
N LEU B 401 17.63 -10.54 -16.87
CA LEU B 401 18.34 -11.03 -15.71
C LEU B 401 17.55 -12.02 -14.86
N ASP B 402 16.37 -12.46 -15.32
CA ASP B 402 15.54 -13.40 -14.56
C ASP B 402 15.69 -14.85 -15.05
N SER B 403 16.67 -15.12 -15.90
CA SER B 403 16.83 -16.45 -16.47
C SER B 403 17.37 -17.42 -15.41
N ILE B 404 17.41 -18.70 -15.78
CA ILE B 404 17.85 -19.73 -14.84
C ILE B 404 18.79 -20.70 -15.53
N GLN B 405 19.60 -20.19 -16.47
CA GLN B 405 20.48 -21.09 -17.20
C GLN B 405 21.53 -21.74 -16.30
N LYS B 406 21.98 -21.05 -15.25
CA LYS B 406 22.88 -21.73 -14.31
C LYS B 406 22.19 -22.86 -13.57
N HIS B 407 20.88 -22.78 -13.35
CA HIS B 407 20.17 -23.93 -12.78
C HIS B 407 20.13 -25.09 -13.74
N HIS B 408 19.90 -24.83 -15.04
CA HIS B 408 19.95 -25.90 -16.02
C HIS B 408 21.31 -26.61 -15.98
N ARG B 409 22.39 -25.83 -15.94
CA ARG B 409 23.72 -26.42 -15.89
C ARG B 409 23.93 -27.24 -14.62
N ARG B 410 23.46 -26.71 -13.48
CA ARG B 410 23.54 -27.43 -12.21
C ARG B 410 22.75 -28.73 -12.25
N ILE B 411 21.51 -28.66 -12.73
CA ILE B 411 20.65 -29.84 -12.74
C ILE B 411 21.18 -30.90 -13.70
N LEU B 412 21.69 -30.49 -14.85
CA LEU B 412 22.24 -31.47 -15.79
C LEU B 412 23.49 -32.13 -15.23
N GLU B 413 24.34 -31.37 -14.52
CA GLU B 413 25.50 -31.99 -13.87
C GLU B 413 25.04 -32.99 -12.82
N GLN B 414 23.99 -32.65 -12.07
CA GLN B 414 23.47 -33.58 -11.09
C GLN B 414 22.94 -34.84 -11.76
N LEU B 415 22.27 -34.69 -12.92
CA LEU B 415 21.74 -35.85 -13.64
C LEU B 415 22.86 -36.73 -14.17
N ARG B 416 23.96 -36.11 -14.65
CA ARG B 416 25.15 -36.87 -15.03
C ARG B 416 25.70 -37.63 -13.83
N ASN B 417 25.74 -36.99 -12.66
CA ASN B 417 26.25 -37.65 -11.46
C ASN B 417 25.34 -38.80 -11.03
N TYR B 418 24.02 -38.61 -11.17
CA TYR B 418 23.10 -39.70 -10.87
C TYR B 418 23.34 -40.91 -11.76
N ALA B 419 23.50 -40.68 -13.06
CA ALA B 419 23.72 -41.79 -13.99
C ALA B 419 25.04 -42.51 -13.68
N ASP B 420 26.09 -41.75 -13.37
CA ASP B 420 27.39 -42.35 -13.06
C ASP B 420 27.30 -43.23 -11.82
N LEU B 421 26.69 -42.71 -10.76
CA LEU B 421 26.57 -43.49 -9.53
C LEU B 421 25.75 -44.76 -9.75
N ASN B 422 24.69 -44.67 -10.55
CA ASN B 422 23.79 -45.80 -10.72
C ASN B 422 24.08 -46.62 -11.97
N LYS B 423 25.23 -46.37 -12.60
CA LYS B 423 25.69 -47.11 -13.78
C LYS B 423 24.63 -47.17 -14.88
N LEU B 424 23.95 -46.05 -15.10
CA LEU B 424 23.03 -45.88 -16.21
C LEU B 424 23.74 -45.17 -17.35
N ILE B 425 23.32 -45.47 -18.58
CA ILE B 425 23.90 -44.79 -19.73
C ILE B 425 23.45 -43.34 -19.72
N TYR B 426 24.40 -42.43 -19.85
CA TYR B 426 24.11 -41.01 -19.98
C TYR B 426 24.34 -40.64 -21.43
N ASP B 427 23.25 -40.40 -22.17
CA ASP B 427 23.32 -40.18 -23.60
C ASP B 427 23.53 -38.69 -23.84
N TYR B 428 24.80 -38.27 -23.82
CA TYR B 428 25.13 -36.87 -24.04
C TYR B 428 24.58 -36.35 -25.36
N ASP B 429 24.72 -37.15 -26.43
CA ASP B 429 24.28 -36.68 -27.74
C ASP B 429 22.79 -36.35 -27.75
N GLN B 430 21.98 -37.18 -27.07
CA GLN B 430 20.54 -36.93 -27.07
C GLN B 430 20.20 -35.71 -26.23
N VAL B 431 20.79 -35.61 -25.03
CA VAL B 431 20.51 -34.45 -24.16
C VAL B 431 21.03 -33.17 -24.79
N TYR B 432 22.20 -33.22 -25.43
CA TYR B 432 22.73 -32.05 -26.11
C TYR B 432 21.76 -31.57 -27.19
N GLN B 433 21.29 -32.48 -28.04
CA GLN B 433 20.42 -32.07 -29.14
C GLN B 433 19.11 -31.50 -28.62
N LEU B 434 18.60 -32.06 -27.52
CA LEU B 434 17.44 -31.52 -26.81
C LEU B 434 17.64 -30.05 -26.44
N TYR B 435 18.74 -29.74 -25.75
CA TYR B 435 19.00 -28.37 -25.34
C TYR B 435 19.36 -27.47 -26.51
N ASN B 436 20.01 -28.01 -27.54
CA ASN B 436 20.40 -27.15 -28.64
C ASN B 436 19.22 -26.74 -29.51
N LEU B 437 18.07 -27.41 -29.38
CA LEU B 437 16.86 -26.93 -30.03
C LEU B 437 16.51 -25.50 -29.62
N THR B 438 17.04 -25.03 -28.48
CA THR B 438 16.89 -23.65 -28.06
C THR B 438 18.25 -22.99 -27.84
N GLY B 439 19.28 -23.46 -28.53
CA GLY B 439 20.58 -22.82 -28.49
C GLY B 439 21.32 -22.94 -27.18
N MET B 440 20.91 -23.85 -26.29
CA MET B 440 21.54 -23.99 -24.99
C MET B 440 22.31 -25.31 -24.86
N GLY B 441 22.74 -25.89 -25.98
CA GLY B 441 23.52 -27.12 -25.92
C GLY B 441 24.78 -26.99 -25.08
N SER B 442 25.34 -25.78 -25.01
CA SER B 442 26.56 -25.58 -24.22
C SER B 442 26.36 -25.88 -22.75
N LEU B 443 25.11 -25.93 -22.27
CA LEU B 443 24.87 -26.20 -20.86
C LEU B 443 24.98 -27.68 -20.51
N VAL B 444 25.03 -28.56 -21.51
CA VAL B 444 25.00 -30.01 -21.26
C VAL B 444 26.40 -30.51 -20.95
N PRO B 445 26.63 -31.16 -19.81
CA PRO B 445 27.98 -31.61 -19.46
C PRO B 445 28.36 -32.89 -20.20
N ARG B 446 29.69 -33.08 -20.30
CA ARG B 446 30.43 -34.13 -21.00
C ARG B 446 30.94 -33.63 -22.35
N SER C 2 -16.83 40.75 27.87
CA SER C 2 -17.93 40.08 27.19
C SER C 2 -17.41 39.24 26.02
N VAL C 3 -17.54 37.93 26.12
CA VAL C 3 -17.26 37.04 25.00
C VAL C 3 -18.59 36.65 24.35
N GLY C 4 -18.72 36.94 23.07
CA GLY C 4 -19.95 36.67 22.34
C GLY C 4 -19.84 35.38 21.54
N ILE C 5 -20.99 34.75 21.27
CA ILE C 5 -21.03 33.60 20.39
C ILE C 5 -22.32 33.66 19.58
N VAL C 6 -22.22 33.44 18.27
CA VAL C 6 -23.38 33.51 17.38
C VAL C 6 -24.18 32.21 17.44
N TYR C 7 -25.45 32.30 17.83
CA TYR C 7 -26.34 31.16 17.65
C TYR C 7 -27.78 31.63 17.69
N GLY C 8 -28.67 30.72 17.32
CA GLY C 8 -30.10 30.95 17.30
C GLY C 8 -30.76 29.71 16.73
N ASP C 9 -32.08 29.63 16.94
CA ASP C 9 -32.78 28.40 16.57
C ASP C 9 -32.80 28.21 15.04
N GLN C 10 -33.19 29.26 14.31
CA GLN C 10 -33.18 29.16 12.86
C GLN C 10 -31.76 29.09 12.33
N TYR C 11 -30.83 29.81 12.98
CA TYR C 11 -29.43 29.77 12.56
C TYR C 11 -28.88 28.35 12.61
N ARG C 12 -29.15 27.63 13.70
CA ARG C 12 -28.70 26.25 13.81
C ARG C 12 -29.29 25.39 12.69
N GLN C 13 -30.58 25.54 12.40
CA GLN C 13 -31.21 24.76 11.35
C GLN C 13 -30.54 25.00 10.00
N LEU C 14 -30.31 26.27 9.67
CA LEU C 14 -29.69 26.60 8.39
C LEU C 14 -28.25 26.13 8.34
N CYS C 15 -27.49 26.33 9.42
CA CYS C 15 -26.10 25.88 9.44
C CYS C 15 -25.97 24.37 9.36
N CYS C 16 -27.05 23.63 9.64
CA CYS C 16 -27.04 22.18 9.55
C CYS C 16 -27.74 21.65 8.32
N SER C 17 -28.01 22.51 7.33
CA SER C 17 -28.81 22.11 6.19
C SER C 17 -27.98 21.77 4.95
N SER C 18 -26.59 21.81 5.03
CA SER C 18 -25.79 21.51 3.85
C SER C 18 -25.42 20.03 3.80
N PRO C 19 -25.29 19.49 2.59
CA PRO C 19 -24.83 18.09 2.47
C PRO C 19 -23.40 17.89 2.92
N LYS C 20 -22.52 18.87 2.71
CA LYS C 20 -21.11 18.66 3.04
C LYS C 20 -20.88 18.67 4.54
N PHE C 21 -21.47 19.62 5.26
CA PHE C 21 -21.14 19.77 6.67
C PHE C 21 -22.21 19.24 7.60
N GLY C 22 -23.32 18.73 7.06
CA GLY C 22 -24.27 17.96 7.86
C GLY C 22 -24.60 18.67 9.16
N ASP C 23 -24.52 17.92 10.27
CA ASP C 23 -24.89 18.45 11.57
C ASP C 23 -23.70 18.92 12.40
N ARG C 24 -22.58 19.25 11.74
CA ARG C 24 -21.36 19.61 12.48
C ARG C 24 -21.61 20.75 13.45
N TYR C 25 -22.31 21.79 12.98
CA TYR C 25 -22.54 22.97 13.82
C TYR C 25 -23.30 22.59 15.07
N ALA C 26 -24.27 21.68 14.94
CA ALA C 26 -25.05 21.25 16.09
C ALA C 26 -24.19 20.50 17.10
N LEU C 27 -23.31 19.61 16.64
CA LEU C 27 -22.40 18.94 17.56
C LEU C 27 -21.53 19.96 18.29
N VAL C 28 -21.02 20.95 17.55
CA VAL C 28 -20.16 21.96 18.15
C VAL C 28 -20.90 22.70 19.23
N MET C 29 -22.08 23.23 18.90
CA MET C 29 -22.77 24.04 19.89
C MET C 29 -23.30 23.21 21.04
N ASP C 30 -23.72 21.96 20.77
CA ASP C 30 -24.22 21.12 21.85
C ASP C 30 -23.11 20.64 22.77
N LEU C 31 -21.86 20.56 22.31
CA LEU C 31 -20.77 20.17 23.21
C LEU C 31 -20.39 21.35 24.08
N ILE C 32 -20.38 22.56 23.49
CA ILE C 32 -20.16 23.78 24.27
C ILE C 32 -21.25 23.90 25.34
N ASN C 33 -22.50 23.59 24.95
CA ASN C 33 -23.60 23.61 25.91
C ASN C 33 -23.42 22.54 26.98
N ALA C 34 -23.04 21.32 26.58
CA ALA C 34 -22.90 20.22 27.55
C ALA C 34 -21.83 20.50 28.59
N TYR C 35 -20.82 21.27 28.21
CA TYR C 35 -19.75 21.65 29.14
C TYR C 35 -20.11 22.90 29.93
N LYS C 36 -21.37 23.35 29.84
CA LYS C 36 -21.90 24.43 30.66
C LYS C 36 -21.20 25.75 30.38
N LEU C 37 -20.77 25.96 29.13
CA LEU C 37 -20.13 27.21 28.74
C LEU C 37 -21.13 28.27 28.29
N ILE C 38 -22.33 27.88 27.88
CA ILE C 38 -23.27 28.85 27.30
C ILE C 38 -23.61 29.97 28.28
N PRO C 39 -23.82 29.72 29.58
CA PRO C 39 -24.07 30.84 30.50
C PRO C 39 -22.92 31.83 30.63
N GLU C 40 -21.71 31.48 30.22
CA GLU C 40 -20.58 32.40 30.27
C GLU C 40 -20.52 33.34 29.08
N LEU C 41 -21.31 33.08 28.05
CA LEU C 41 -21.18 33.74 26.76
C LEU C 41 -22.40 34.60 26.48
N SER C 42 -22.19 35.68 25.75
CA SER C 42 -23.27 36.54 25.29
CA SER C 42 -23.27 36.55 25.28
C SER C 42 -23.73 36.05 23.92
N ARG C 43 -25.01 35.64 23.82
CA ARG C 43 -25.53 35.21 22.53
C ARG C 43 -25.62 36.41 21.60
N VAL C 44 -24.97 36.31 20.45
CA VAL C 44 -25.03 37.35 19.42
C VAL C 44 -25.99 36.86 18.33
N PRO C 45 -27.14 37.51 18.13
CA PRO C 45 -28.10 37.02 17.14
C PRO C 45 -27.64 37.33 15.73
N PRO C 46 -27.86 36.41 14.80
CA PRO C 46 -27.55 36.71 13.39
C PRO C 46 -28.29 37.95 12.91
N LEU C 47 -27.62 38.71 12.05
CA LEU C 47 -28.21 39.94 11.52
C LEU C 47 -29.36 39.59 10.58
N GLN C 48 -30.44 40.37 10.69
CA GLN C 48 -31.54 40.33 9.74
C GLN C 48 -31.71 41.72 9.14
N TRP C 49 -32.36 41.77 7.99
CA TRP C 49 -32.51 43.01 7.25
C TRP C 49 -33.98 43.39 7.14
N ASP C 50 -34.19 44.69 6.91
CA ASP C 50 -35.52 45.28 6.81
C ASP C 50 -36.17 45.10 5.46
N SER C 51 -35.45 44.64 4.45
CA SER C 51 -36.04 44.43 3.13
C SER C 51 -35.11 43.55 2.32
N PRO C 52 -35.64 42.88 1.29
CA PRO C 52 -34.74 42.17 0.36
C PRO C 52 -33.68 43.07 -0.24
N SER C 53 -34.00 44.35 -0.51
CA SER C 53 -33.00 45.24 -1.10
C SER C 53 -31.85 45.49 -0.15
N ARG C 54 -32.13 45.61 1.16
CA ARG C 54 -31.04 45.82 2.11
C ARG C 54 -30.17 44.56 2.24
N MET C 55 -30.78 43.38 2.24
CA MET C 55 -29.98 42.14 2.22
C MET C 55 -29.10 42.10 0.97
N TYR C 56 -29.67 42.44 -0.17
CA TYR C 56 -28.95 42.31 -1.44
C TYR C 56 -27.78 43.29 -1.48
N GLU C 57 -28.02 44.52 -1.02
CA GLU C 57 -26.96 45.52 -0.91
C GLU C 57 -25.83 45.03 -0.01
N ALA C 58 -26.15 44.35 1.08
CA ALA C 58 -25.11 43.89 2.01
C ALA C 58 -24.24 42.83 1.36
N VAL C 59 -24.85 41.88 0.66
CA VAL C 59 -24.08 40.79 0.06
C VAL C 59 -23.26 41.29 -1.10
N THR C 60 -23.81 42.23 -1.88
CA THR C 60 -23.11 42.75 -3.06
C THR C 60 -22.15 43.87 -2.71
N ALA C 61 -21.90 44.11 -1.41
CA ALA C 61 -20.70 44.87 -1.07
C ALA C 61 -19.45 44.16 -1.54
N PHE C 62 -19.49 42.84 -1.69
CA PHE C 62 -18.38 42.04 -2.23
C PHE C 62 -18.77 41.26 -3.47
N HIS C 63 -19.86 40.48 -3.41
CA HIS C 63 -20.20 39.58 -4.51
C HIS C 63 -20.88 40.32 -5.65
N SER C 64 -20.68 39.81 -6.87
CA SER C 64 -21.33 40.44 -8.02
C SER C 64 -22.83 40.19 -8.02
N THR C 65 -23.57 41.13 -8.64
CA THR C 65 -25.02 40.93 -8.75
C THR C 65 -25.34 39.67 -9.54
N GLU C 66 -24.59 39.38 -10.60
CA GLU C 66 -24.93 38.23 -11.43
C GLU C 66 -24.73 36.93 -10.67
N TYR C 67 -23.70 36.86 -9.82
CA TYR C 67 -23.47 35.67 -9.01
C TYR C 67 -24.55 35.51 -7.94
N VAL C 68 -24.86 36.59 -7.22
CA VAL C 68 -25.92 36.50 -6.21
C VAL C 68 -27.25 36.12 -6.85
N ASP C 69 -27.58 36.72 -8.00
CA ASP C 69 -28.79 36.34 -8.73
C ASP C 69 -28.83 34.86 -9.03
N ALA C 70 -27.69 34.31 -9.49
CA ALA C 70 -27.65 32.88 -9.83
C ALA C 70 -27.85 32.00 -8.60
N LEU C 71 -27.21 32.36 -7.49
CA LEU C 71 -27.34 31.56 -6.27
C LEU C 71 -28.78 31.57 -5.77
N LYS C 72 -29.44 32.73 -5.86
CA LYS C 72 -30.88 32.80 -5.59
C LYS C 72 -31.67 31.88 -6.50
N LYS C 73 -31.40 31.94 -7.81
CA LYS C 73 -32.13 31.10 -8.75
C LYS C 73 -31.90 29.62 -8.48
N LEU C 74 -30.67 29.26 -8.12
CA LEU C 74 -30.33 27.87 -7.84
C LEU C 74 -31.17 27.32 -6.69
N GLN C 75 -31.32 28.10 -5.63
CA GLN C 75 -32.19 27.69 -4.52
C GLN C 75 -33.64 27.59 -4.97
N MET C 76 -34.14 28.61 -5.68
CA MET C 76 -35.54 28.57 -6.11
C MET C 76 -35.80 27.33 -6.99
N LEU C 77 -34.84 26.96 -7.83
CA LEU C 77 -35.01 25.77 -8.67
C LEU C 77 -35.03 24.50 -7.83
N HIS C 78 -34.06 24.34 -6.94
CA HIS C 78 -34.01 23.19 -6.05
C HIS C 78 -35.11 23.26 -4.98
N LYS C 82 -37.34 21.57 -9.51
CA LYS C 82 -37.82 21.89 -10.85
C LYS C 82 -36.70 21.83 -11.90
N GLU C 83 -37.11 21.82 -13.18
CA GLU C 83 -36.17 21.59 -14.27
C GLU C 83 -35.13 22.70 -14.37
N LEU C 84 -33.87 22.32 -14.41
CA LEU C 84 -32.83 23.18 -14.93
C LEU C 84 -32.77 22.97 -16.44
N THR C 85 -33.03 24.03 -17.19
CA THR C 85 -32.81 23.95 -18.63
C THR C 85 -31.32 23.92 -18.91
N ALA C 86 -30.98 23.59 -20.16
CA ALA C 86 -29.58 23.58 -20.57
C ALA C 86 -28.95 24.95 -20.38
N ASP C 87 -29.72 26.02 -20.59
CA ASP C 87 -29.21 27.35 -20.31
C ASP C 87 -29.00 27.59 -18.82
N ASP C 88 -29.92 27.10 -17.98
CA ASP C 88 -29.74 27.18 -16.53
C ASP C 88 -28.46 26.48 -16.11
N GLU C 89 -28.21 25.30 -16.67
CA GLU C 89 -27.01 24.54 -16.33
C GLU C 89 -25.76 25.33 -16.68
N LEU C 90 -25.71 25.90 -17.90
CA LEU C 90 -24.53 26.68 -18.28
C LEU C 90 -24.32 27.87 -17.35
N LEU C 91 -25.42 28.54 -16.96
CA LEU C 91 -25.32 29.66 -16.04
C LEU C 91 -24.71 29.23 -14.71
N MET C 92 -25.21 28.14 -14.14
CA MET C 92 -24.64 27.67 -12.88
C MET C 92 -23.18 27.28 -13.03
N ASP C 93 -22.84 26.60 -14.13
CA ASP C 93 -21.45 26.20 -14.35
C ASP C 93 -20.53 27.40 -14.43
N SER C 94 -21.01 28.50 -15.04
CA SER C 94 -20.20 29.71 -15.12
C SER C 94 -19.84 30.27 -13.75
N PHE C 95 -20.62 29.96 -12.70
CA PHE C 95 -20.31 30.41 -11.35
C PHE C 95 -19.77 29.29 -10.45
N SER C 96 -19.43 28.13 -11.02
CA SER C 96 -18.98 26.96 -10.27
C SER C 96 -20.02 26.51 -9.24
N LEU C 97 -21.30 26.67 -9.59
CA LEU C 97 -22.41 26.23 -8.75
C LEU C 97 -22.84 24.83 -9.18
N ASN C 98 -21.98 23.87 -8.87
CA ASN C 98 -22.13 22.52 -9.38
C ASN C 98 -21.41 21.50 -8.51
N CYS C 101 -19.36 22.19 -4.79
CA CYS C 101 -20.28 23.27 -4.47
C CYS C 101 -21.57 23.21 -5.30
N PRO C 102 -22.37 22.14 -5.12
CA PRO C 102 -23.60 22.01 -5.91
C PRO C 102 -24.79 22.69 -5.27
N GLY C 103 -25.98 22.43 -5.80
CA GLY C 103 -27.21 23.02 -5.28
C GLY C 103 -27.99 22.06 -4.39
N PHE C 104 -28.64 22.64 -3.38
CA PHE C 104 -29.55 21.91 -2.52
C PHE C 104 -30.69 22.85 -2.15
N PRO C 105 -31.80 22.38 -1.59
CA PRO C 105 -32.99 23.23 -1.46
C PRO C 105 -32.78 24.49 -0.64
N SER C 106 -31.69 24.60 0.13
CA SER C 106 -31.49 25.76 0.99
C SER C 106 -30.15 26.44 0.77
N VAL C 107 -29.57 26.30 -0.42
CA VAL C 107 -28.18 26.70 -0.63
C VAL C 107 -28.00 28.21 -0.43
N PHE C 108 -28.97 29.03 -0.87
CA PHE C 108 -28.85 30.47 -0.61
C PHE C 108 -29.06 30.78 0.87
N ASP C 109 -30.11 30.21 1.49
CA ASP C 109 -30.35 30.48 2.91
C ASP C 109 -29.19 30.00 3.77
N TYR C 110 -28.65 28.82 3.46
CA TYR C 110 -27.48 28.30 4.18
C TYR C 110 -26.30 29.27 4.06
N SER C 111 -26.00 29.69 2.83
CA SER C 111 -24.83 30.53 2.59
C SER C 111 -25.00 31.90 3.21
N LEU C 112 -26.20 32.45 3.09
CA LEU C 112 -26.48 33.74 3.69
C LEU C 112 -26.40 33.66 5.21
N ALA C 113 -26.75 32.52 5.79
CA ALA C 113 -26.76 32.45 7.26
C ALA C 113 -25.38 32.77 7.82
N ALA C 114 -24.33 32.21 7.23
CA ALA C 114 -22.98 32.52 7.71
C ALA C 114 -22.68 34.00 7.63
N VAL C 115 -23.14 34.66 6.56
CA VAL C 115 -22.98 36.12 6.44
C VAL C 115 -23.72 36.82 7.57
N GLN C 116 -24.96 36.41 7.81
CA GLN C 116 -25.74 37.02 8.87
C GLN C 116 -25.03 36.91 10.20
N GLY C 117 -24.44 35.75 10.48
CA GLY C 117 -23.77 35.58 11.77
C GLY C 117 -22.48 36.39 11.87
N SER C 118 -21.69 36.42 10.79
CA SER C 118 -20.41 37.10 10.88
C SER C 118 -20.57 38.62 10.84
N LEU C 119 -21.57 39.15 10.11
CA LEU C 119 -21.85 40.58 10.16
C LEU C 119 -22.32 40.99 11.55
N ALA C 120 -23.19 40.18 12.16
CA ALA C 120 -23.64 40.49 13.52
C ALA C 120 -22.47 40.48 14.50
N ALA C 121 -21.56 39.53 14.32
CA ALA C 121 -20.38 39.46 15.17
C ALA C 121 -19.55 40.73 15.00
N ALA C 122 -19.35 41.18 13.76
CA ALA C 122 -18.55 42.37 13.56
C ALA C 122 -19.22 43.59 14.21
N SER C 123 -20.54 43.68 14.11
CA SER C 123 -21.24 44.83 14.70
C SER C 123 -21.09 44.82 16.21
N ALA C 124 -21.15 43.65 16.83
CA ALA C 124 -20.96 43.56 18.27
C ALA C 124 -19.58 44.05 18.66
N LEU C 125 -18.57 43.78 17.84
CA LEU C 125 -17.24 44.27 18.17
C LEU C 125 -17.15 45.77 17.99
N ILE C 126 -17.76 46.29 16.94
CA ILE C 126 -17.68 47.72 16.64
C ILE C 126 -18.33 48.55 17.74
N CYS C 127 -19.51 48.13 18.19
CA CYS C 127 -20.21 48.87 19.24
CA CYS C 127 -20.24 48.84 19.24
C CYS C 127 -19.68 48.58 20.63
N ARG C 128 -18.66 47.73 20.74
CA ARG C 128 -18.01 47.40 22.00
C ARG C 128 -18.92 46.61 22.93
N HIS C 129 -19.90 45.91 22.38
CA HIS C 129 -20.72 45.05 23.23
C HIS C 129 -19.93 43.85 23.68
N CYS C 130 -19.05 43.35 22.83
CA CYS C 130 -18.19 42.21 23.10
C CYS C 130 -16.75 42.55 22.77
N GLU C 131 -15.83 41.98 23.55
CA GLU C 131 -14.41 42.13 23.23
C GLU C 131 -13.95 41.07 22.25
N VAL C 132 -14.64 39.92 22.21
CA VAL C 132 -14.38 38.83 21.28
C VAL C 132 -15.72 38.24 20.90
N VAL C 133 -15.90 37.88 19.62
CA VAL C 133 -17.10 37.15 19.21
C VAL C 133 -16.68 35.92 18.43
N ILE C 134 -17.32 34.80 18.75
CA ILE C 134 -17.08 33.51 18.10
C ILE C 134 -18.25 33.21 17.17
N ASN C 135 -17.94 32.79 15.94
CA ASN C 135 -18.99 32.29 15.02
C ASN C 135 -18.55 30.96 14.43
N TRP C 136 -18.99 29.84 15.03
CA TRP C 136 -18.63 28.53 14.48
C TRP C 136 -19.45 28.15 13.26
N GLY C 137 -20.41 28.97 12.85
CA GLY C 137 -21.08 28.79 11.58
C GLY C 137 -20.46 29.53 10.40
N GLY C 138 -19.39 30.29 10.63
CA GLY C 138 -18.76 31.09 9.59
C GLY C 138 -17.36 30.62 9.29
N GLY C 139 -16.66 31.40 8.44
CA GLY C 139 -15.28 31.10 8.08
C GLY C 139 -15.07 30.61 6.67
N TRP C 140 -15.96 30.98 5.74
CA TRP C 140 -16.00 30.38 4.40
C TRP C 140 -15.08 31.16 3.46
N HIS C 141 -13.77 30.91 3.65
CA HIS C 141 -12.73 31.79 3.14
C HIS C 141 -12.44 31.64 1.65
N HIS C 142 -12.99 30.62 0.98
CA HIS C 142 -12.65 30.40 -0.43
C HIS C 142 -13.59 31.09 -1.39
N ALA C 143 -14.76 31.55 -0.93
CA ALA C 143 -15.73 32.07 -1.88
C ALA C 143 -15.18 33.33 -2.54
N LYS C 144 -15.39 33.45 -3.85
CA LYS C 144 -14.87 34.56 -4.63
C LYS C 144 -16.01 35.51 -5.00
N ARG C 145 -15.62 36.65 -5.54
CA ARG C 145 -16.60 37.68 -5.90
C ARG C 145 -17.73 37.13 -6.76
N SER C 146 -17.39 36.31 -7.77
CA SER C 146 -18.36 35.75 -8.70
C SER C 146 -18.17 34.25 -8.87
N GLU C 147 -17.81 33.53 -7.80
CA GLU C 147 -17.53 32.11 -7.97
C GLU C 147 -17.61 31.41 -6.62
N ALA C 148 -18.35 30.32 -6.58
CA ALA C 148 -18.30 29.40 -5.46
C ALA C 148 -17.04 28.55 -5.55
N SER C 149 -16.48 28.19 -4.40
CA SER C 149 -15.18 27.55 -4.38
C SER C 149 -14.97 26.84 -3.05
N GLY C 150 -14.47 25.61 -3.11
CA GLY C 150 -14.14 24.88 -1.87
C GLY C 150 -15.28 24.76 -0.89
N PHE C 151 -16.50 24.44 -1.40
CA PHE C 151 -17.72 24.39 -0.62
CA PHE C 151 -17.79 24.44 -0.70
C PHE C 151 -18.04 25.71 0.10
N CYS C 152 -17.53 26.84 -0.39
CA CYS C 152 -17.87 28.15 0.13
C CYS C 152 -18.66 28.89 -0.94
N TYR C 153 -19.84 29.42 -0.58
CA TYR C 153 -20.69 30.11 -1.57
C TYR C 153 -20.74 31.60 -1.41
N LEU C 154 -20.78 32.09 -0.18
CA LEU C 154 -20.69 33.51 0.10
C LEU C 154 -19.60 33.73 1.12
N ASN C 155 -18.83 34.79 0.94
CA ASN C 155 -17.63 34.97 1.76
C ASN C 155 -17.98 35.84 2.97
N ASP C 156 -18.39 35.19 4.05
CA ASP C 156 -18.79 35.90 5.27
C ASP C 156 -17.61 36.66 5.86
N ILE C 157 -16.40 36.10 5.68
CA ILE C 157 -15.22 36.75 6.23
C ILE C 157 -14.99 38.09 5.55
N VAL C 158 -14.98 38.10 4.21
CA VAL C 158 -14.74 39.35 3.47
C VAL C 158 -15.77 40.38 3.88
N LEU C 159 -17.03 39.98 4.00
CA LEU C 159 -18.07 40.96 4.34
C LEU C 159 -17.89 41.47 5.77
N ALA C 160 -17.48 40.60 6.70
CA ALA C 160 -17.29 41.05 8.07
C ALA C 160 -16.09 41.99 8.17
N ILE C 161 -14.98 41.65 7.49
CA ILE C 161 -13.82 42.52 7.50
C ILE C 161 -14.18 43.88 6.92
N HIS C 162 -14.94 43.89 5.82
CA HIS C 162 -15.33 45.17 5.22
C HIS C 162 -16.10 46.03 6.20
N ARG C 163 -17.01 45.43 6.97
CA ARG C 163 -17.76 46.17 7.98
C ARG C 163 -16.82 46.73 9.04
N LEU C 164 -15.83 45.94 9.48
CA LEU C 164 -14.89 46.40 10.50
C LEU C 164 -14.03 47.54 9.99
N VAL C 165 -13.44 47.39 8.80
CA VAL C 165 -12.47 48.36 8.34
C VAL C 165 -13.14 49.65 7.92
N SER C 166 -14.46 49.63 7.68
CA SER C 166 -15.24 50.81 7.34
C SER C 166 -15.85 51.50 8.56
N SER C 167 -15.50 51.07 9.77
CA SER C 167 -16.09 51.63 10.99
C SER C 167 -15.31 52.83 11.49
N THR C 178 -7.80 52.87 10.73
CA THR C 178 -8.33 51.56 11.09
C THR C 178 -7.72 50.48 10.22
N ARG C 179 -7.05 49.51 10.84
CA ARG C 179 -6.46 48.40 10.12
C ARG C 179 -6.95 47.08 10.71
N VAL C 180 -7.14 46.08 9.86
CA VAL C 180 -7.56 44.76 10.29
C VAL C 180 -6.47 43.76 9.93
N LEU C 181 -6.10 42.90 10.88
CA LEU C 181 -5.22 41.77 10.64
C LEU C 181 -6.08 40.52 10.54
N TYR C 182 -6.00 39.83 9.40
CA TYR C 182 -6.71 38.59 9.18
C TYR C 182 -5.72 37.44 9.30
N VAL C 183 -6.06 36.45 10.12
CA VAL C 183 -5.18 35.29 10.38
C VAL C 183 -5.93 34.02 10.00
N ASP C 184 -5.39 33.24 9.07
CA ASP C 184 -6.12 32.10 8.51
C ASP C 184 -5.36 30.84 8.91
N LEU C 185 -5.90 30.09 9.89
CA LEU C 185 -5.23 28.90 10.43
C LEU C 185 -5.68 27.58 9.79
N ASP C 186 -6.60 27.64 8.84
CA ASP C 186 -7.12 26.47 8.16
C ASP C 186 -6.00 25.73 7.44
N LEU C 187 -6.21 24.43 7.23
CA LEU C 187 -5.27 23.64 6.43
C LEU C 187 -5.06 24.23 5.05
N HIS C 188 -6.08 24.86 4.49
CA HIS C 188 -6.07 25.41 3.14
C HIS C 188 -5.76 26.90 3.11
N HIS C 189 -5.12 27.32 2.03
CA HIS C 189 -4.82 28.72 1.80
C HIS C 189 -6.09 29.57 1.75
N GLY C 190 -6.11 30.67 2.51
CA GLY C 190 -7.25 31.57 2.53
C GLY C 190 -7.32 32.48 1.30
N ASP C 191 -7.55 31.87 0.13
CA ASP C 191 -7.38 32.57 -1.14
C ASP C 191 -8.47 33.61 -1.39
N GLY C 192 -9.73 33.34 -1.02
CA GLY C 192 -10.78 34.31 -1.31
C GLY C 192 -10.61 35.62 -0.55
N VAL C 193 -10.20 35.52 0.72
CA VAL C 193 -9.97 36.71 1.53
C VAL C 193 -8.75 37.45 1.05
N GLU C 194 -7.67 36.72 0.75
CA GLU C 194 -6.46 37.37 0.26
C GLU C 194 -6.73 38.15 -1.02
N GLU C 195 -7.49 37.58 -1.93
CA GLU C 195 -7.65 38.32 -3.18
C GLU C 195 -8.62 39.48 -3.04
N ALA C 196 -9.62 39.35 -2.17
CA ALA C 196 -10.54 40.47 -1.91
C ALA C 196 -9.77 41.72 -1.48
N PHE C 197 -8.68 41.55 -0.72
CA PHE C 197 -7.97 42.67 -0.12
C PHE C 197 -6.56 42.82 -0.69
N TRP C 198 -6.30 42.22 -1.86
CA TRP C 198 -4.98 42.27 -2.51
C TRP C 198 -4.49 43.69 -2.77
N TYR C 199 -5.40 44.63 -3.05
CA TYR C 199 -4.99 46.01 -3.35
C TYR C 199 -5.18 46.95 -2.17
N SER C 200 -5.48 46.44 -0.99
CA SER C 200 -5.83 47.29 0.15
CA SER C 200 -5.83 47.28 0.16
C SER C 200 -4.76 47.18 1.23
N PRO C 201 -4.11 48.28 1.60
CA PRO C 201 -3.14 48.20 2.71
C PRO C 201 -3.79 48.13 4.08
N ARG C 202 -5.08 48.44 4.20
CA ARG C 202 -5.66 48.50 5.53
C ARG C 202 -6.11 47.14 6.04
N VAL C 203 -6.13 46.12 5.18
CA VAL C 203 -6.40 44.76 5.61
C VAL C 203 -5.16 43.96 5.26
N VAL C 204 -4.49 43.46 6.28
CA VAL C 204 -3.32 42.62 6.08
C VAL C 204 -3.78 41.19 6.31
N THR C 205 -3.50 40.29 5.36
CA THR C 205 -3.93 38.90 5.46
C THR C 205 -2.73 38.00 5.70
N PHE C 206 -2.89 37.01 6.57
CA PHE C 206 -1.80 36.06 6.86
C PHE C 206 -2.39 34.66 6.89
N SER C 207 -1.97 33.79 5.97
CA SER C 207 -2.46 32.42 5.92
C SER C 207 -1.28 31.49 6.13
N VAL C 208 -1.44 30.53 7.04
CA VAL C 208 -0.54 29.39 7.19
C VAL C 208 -1.33 28.19 6.74
N HIS C 209 -0.71 27.30 5.96
CA HIS C 209 -1.48 26.27 5.26
C HIS C 209 -0.51 25.24 4.70
N HIS C 210 -1.08 24.11 4.29
CA HIS C 210 -0.34 23.19 3.42
C HIS C 210 -0.46 23.63 1.97
N ALA C 211 0.63 23.49 1.23
CA ALA C 211 0.60 23.68 -0.21
C ALA C 211 1.53 22.65 -0.84
N SER C 212 1.06 22.05 -1.94
CA SER C 212 1.80 21.04 -2.67
C SER C 212 1.09 20.82 -4.01
N PRO C 213 1.75 20.18 -4.98
CA PRO C 213 1.15 20.11 -6.33
C PRO C 213 -0.14 19.31 -6.36
N GLY C 214 -1.17 19.90 -6.95
CA GLY C 214 -2.48 19.30 -7.02
C GLY C 214 -3.35 19.51 -5.78
N PHE C 215 -2.84 20.16 -4.72
CA PHE C 215 -3.61 20.36 -3.50
C PHE C 215 -4.37 21.67 -3.59
N PHE C 216 -5.67 21.63 -3.28
CA PHE C 216 -6.53 22.80 -3.32
C PHE C 216 -6.13 23.91 -2.33
N PRO C 217 -6.18 25.19 -2.76
CA PRO C 217 -6.59 25.65 -4.09
C PRO C 217 -5.40 25.94 -5.01
N GLY C 218 -4.17 25.74 -4.53
CA GLY C 218 -2.98 25.85 -5.36
C GLY C 218 -2.15 27.10 -5.09
N THR C 219 -2.75 28.11 -4.48
CA THR C 219 -2.12 29.40 -4.24
C THR C 219 -1.52 29.45 -2.83
N GLY C 220 -0.95 30.61 -2.49
CA GLY C 220 -0.26 30.78 -1.21
C GLY C 220 1.12 30.18 -1.15
N THR C 221 1.79 30.02 -2.28
CA THR C 221 3.13 29.43 -2.28
C THR C 221 3.95 30.13 -3.37
N TRP C 222 5.07 29.52 -3.73
CA TRP C 222 5.99 30.14 -4.70
C TRP C 222 5.34 30.32 -6.07
N ILE C 232 9.75 33.52 -5.76
CA ILE C 232 9.21 34.72 -5.13
C ILE C 232 7.75 34.49 -4.76
N PHE C 233 7.32 35.11 -3.65
CA PHE C 233 5.90 35.15 -3.29
C PHE C 233 5.31 36.45 -3.83
N LEU C 234 4.19 36.34 -4.55
CA LEU C 234 3.37 37.53 -4.74
C LEU C 234 2.78 37.90 -3.39
N ASN C 235 2.55 39.22 -3.17
CA ASN C 235 2.20 39.65 -1.82
C ASN C 235 1.27 40.87 -1.80
N GLY C 236 0.49 41.08 -2.84
CA GLY C 236 -0.35 42.26 -2.97
C GLY C 236 0.10 43.14 -4.10
N ALA C 237 -0.75 44.11 -4.43
CA ALA C 237 -0.42 45.00 -5.55
C ALA C 237 -0.95 46.40 -5.30
N GLY C 238 -0.42 47.35 -6.08
CA GLY C 238 -0.79 48.74 -5.89
C GLY C 238 -0.51 49.18 -4.47
N ARG C 239 -1.48 49.88 -3.89
CA ARG C 239 -1.34 50.29 -2.50
C ARG C 239 -1.33 49.09 -1.56
N GLY C 240 -1.78 47.93 -2.02
CA GLY C 240 -1.76 46.73 -1.21
C GLY C 240 -0.48 45.92 -1.27
N ARG C 241 0.55 46.41 -1.94
CA ARG C 241 1.77 45.62 -2.02
C ARG C 241 2.33 45.34 -0.63
N PHE C 242 2.83 44.12 -0.43
CA PHE C 242 3.40 43.64 0.83
C PHE C 242 2.36 43.33 1.89
N SER C 243 1.06 43.45 1.57
CA SER C 243 0.05 43.28 2.60
C SER C 243 -0.52 41.87 2.69
N ALA C 244 -0.18 40.96 1.78
CA ALA C 244 -0.68 39.59 1.80
C ALA C 244 0.46 38.65 2.17
N PHE C 245 0.37 38.00 3.33
CA PHE C 245 1.43 37.15 3.84
C PHE C 245 1.03 35.68 3.77
N ASN C 246 1.99 34.81 3.49
CA ASN C 246 1.71 33.39 3.34
C ASN C 246 2.85 32.55 3.87
N LEU C 247 2.50 31.49 4.58
CA LEU C 247 3.46 30.50 5.08
C LEU C 247 2.97 29.10 4.71
N PRO C 248 3.47 28.54 3.61
CA PRO C 248 3.10 27.19 3.24
C PRO C 248 4.01 26.18 3.94
N LEU C 249 3.43 25.13 4.49
CA LEU C 249 4.16 24.16 5.30
C LEU C 249 4.03 22.76 4.71
N GLU C 250 5.10 21.97 4.85
CA GLU C 250 5.08 20.58 4.40
C GLU C 250 4.21 19.71 5.32
N GLU C 251 3.77 18.59 4.77
CA GLU C 251 2.89 17.72 5.54
C GLU C 251 3.61 17.15 6.74
N GLY C 252 2.83 16.84 7.77
CA GLY C 252 3.30 16.16 8.96
C GLY C 252 3.61 17.03 10.15
N ILE C 253 3.50 18.36 10.02
CA ILE C 253 3.92 19.22 11.12
C ILE C 253 3.08 18.98 12.37
N ASN C 254 3.73 19.01 13.54
CA ASN C 254 3.09 18.76 14.82
C ASN C 254 2.79 20.07 15.56
N ASP C 255 2.20 19.96 16.75
CA ASP C 255 1.74 21.13 17.51
C ASP C 255 2.89 22.09 17.78
N LEU C 256 4.02 21.57 18.29
CA LEU C 256 5.14 22.43 18.70
C LEU C 256 5.75 23.14 17.50
N ASP C 257 5.99 22.42 16.42
CA ASP C 257 6.64 23.04 15.28
C ASP C 257 5.72 24.04 14.59
N TRP C 258 4.42 23.77 14.54
CA TRP C 258 3.50 24.74 13.96
C TRP C 258 3.41 25.97 14.85
N SER C 259 3.39 25.77 16.18
CA SER C 259 3.34 26.89 17.11
C SER C 259 4.58 27.75 16.97
N ASN C 260 5.76 27.12 16.89
CA ASN C 260 6.99 27.88 16.77
C ASN C 260 7.11 28.55 15.42
N ALA C 261 6.44 27.99 14.41
CA ALA C 261 6.44 28.58 13.08
C ALA C 261 5.67 29.89 13.06
N ILE C 262 4.46 29.89 13.60
CA ILE C 262 3.64 31.08 13.42
C ILE C 262 3.65 32.04 14.61
N GLY C 263 4.10 31.60 15.79
CA GLY C 263 4.09 32.43 16.96
C GLY C 263 4.79 33.77 16.79
N PRO C 264 6.08 33.74 16.43
CA PRO C 264 6.80 35.01 16.29
C PRO C 264 6.32 35.84 15.12
N ILE C 265 5.80 35.19 14.07
CA ILE C 265 5.24 35.94 12.95
C ILE C 265 4.00 36.69 13.41
N LEU C 266 3.12 36.01 14.14
CA LEU C 266 1.91 36.67 14.64
C LEU C 266 2.26 37.85 15.53
N ASP C 267 3.17 37.64 16.50
CA ASP C 267 3.56 38.73 17.39
C ASP C 267 4.15 39.91 16.61
N SER C 268 4.97 39.62 15.60
CA SER C 268 5.56 40.67 14.78
C SER C 268 4.51 41.44 13.98
N LEU C 269 3.54 40.73 13.42
CA LEU C 269 2.46 41.39 12.70
C LEU C 269 1.69 42.34 13.61
N ASN C 270 1.42 41.92 14.85
CA ASN C 270 0.72 42.78 15.79
C ASN C 270 1.57 44.02 16.12
N ILE C 271 2.87 43.83 16.38
CA ILE C 271 3.73 44.96 16.73
C ILE C 271 3.78 45.98 15.61
N VAL C 272 3.94 45.53 14.37
CA VAL C 272 4.15 46.49 13.29
C VAL C 272 2.83 47.05 12.77
N ILE C 273 1.84 46.19 12.55
CA ILE C 273 0.60 46.64 11.92
C ILE C 273 -0.30 47.36 12.91
N GLN C 274 -0.21 47.01 14.20
CA GLN C 274 -1.03 47.60 15.24
C GLN C 274 -2.51 47.58 14.85
N PRO C 275 -3.08 46.40 14.56
CA PRO C 275 -4.45 46.32 14.07
C PRO C 275 -5.46 46.81 15.08
N SER C 276 -6.57 47.36 14.56
CA SER C 276 -7.72 47.74 15.37
C SER C 276 -8.62 46.56 15.66
N TYR C 277 -8.62 45.59 14.76
CA TYR C 277 -9.37 44.35 14.91
C TYR C 277 -8.54 43.21 14.36
N VAL C 278 -8.73 42.03 14.93
CA VAL C 278 -8.15 40.81 14.40
C VAL C 278 -9.30 39.86 14.06
N VAL C 279 -9.21 39.23 12.89
CA VAL C 279 -10.18 38.21 12.46
C VAL C 279 -9.41 36.92 12.27
N VAL C 280 -9.82 35.86 12.99
CA VAL C 280 -9.10 34.58 12.96
C VAL C 280 -10.02 33.52 12.40
N GLN C 281 -9.58 32.88 11.31
CA GLN C 281 -10.27 31.72 10.79
C GLN C 281 -9.61 30.49 11.41
N CYS C 282 -10.42 29.65 12.07
CA CYS C 282 -9.85 28.56 12.87
CA CYS C 282 -9.91 28.55 12.89
C CYS C 282 -10.30 27.18 12.35
N GLY C 283 -10.19 26.99 11.04
CA GLY C 283 -10.53 25.72 10.42
C GLY C 283 -9.84 24.56 11.08
N ALA C 284 -10.58 23.49 11.37
CA ALA C 284 -10.10 22.39 12.20
C ALA C 284 -9.49 21.25 11.37
N ASP C 285 -9.22 21.48 10.08
CA ASP C 285 -8.75 20.39 9.25
C ASP C 285 -7.24 20.15 9.36
N CYS C 286 -6.55 20.86 10.25
CA CYS C 286 -5.15 20.58 10.56
C CYS C 286 -5.01 19.51 11.64
N LEU C 287 -6.12 19.11 12.26
CA LEU C 287 -6.06 18.09 13.30
C LEU C 287 -5.54 16.80 12.73
N ALA C 288 -4.76 16.08 13.55
CA ALA C 288 -4.17 14.83 13.11
C ALA C 288 -5.20 13.81 12.71
N THR C 289 -6.43 13.94 13.22
CA THR C 289 -7.51 13.00 12.97
C THR C 289 -8.44 13.47 11.88
N ASP C 290 -8.20 14.62 11.31
CA ASP C 290 -8.98 15.03 10.14
C ASP C 290 -8.74 14.04 9.00
N PRO C 291 -9.76 13.70 8.22
CA PRO C 291 -9.55 12.74 7.12
C PRO C 291 -8.59 13.23 6.03
N HIS C 292 -8.27 14.53 5.96
CA HIS C 292 -7.20 14.96 5.05
C HIS C 292 -5.88 14.28 5.42
N ARG C 293 -5.63 14.11 6.74
CA ARG C 293 -4.42 13.43 7.24
C ARG C 293 -3.16 14.10 6.70
N ILE C 294 -3.08 15.43 6.86
CA ILE C 294 -1.94 16.19 6.36
C ILE C 294 -1.07 16.74 7.50
N PHE C 295 -1.65 17.54 8.40
CA PHE C 295 -0.92 17.98 9.59
C PHE C 295 -1.27 17.08 10.78
N ARG C 296 -0.53 17.27 11.88
CA ARG C 296 -0.71 16.49 13.10
C ARG C 296 -0.97 17.38 14.32
N LEU C 297 -1.82 18.39 14.17
CA LEU C 297 -2.21 19.21 15.30
C LEU C 297 -3.21 18.45 16.18
N THR C 298 -3.33 18.89 17.42
CA THR C 298 -4.25 18.26 18.36
C THR C 298 -5.10 19.35 19.02
N ASN C 299 -5.99 18.93 19.93
CA ASN C 299 -6.65 19.85 20.87
C ASN C 299 -6.13 19.67 22.30
N PHE C 300 -4.91 19.14 22.46
CA PHE C 300 -4.44 18.79 23.81
C PHE C 300 -4.18 20.04 24.61
N TYR C 301 -4.46 19.95 25.91
CA TYR C 301 -4.31 21.09 26.83
C TYR C 301 -3.62 20.59 28.09
N PRO C 302 -2.30 20.30 28.00
CA PRO C 302 -1.59 19.79 29.18
C PRO C 302 -1.42 20.83 30.27
N CYS C 310 8.71 17.54 27.79
CA CYS C 310 9.94 18.06 27.20
C CYS C 310 10.15 17.50 25.80
N ASP C 311 9.40 16.47 25.44
CA ASP C 311 9.52 15.86 24.13
C ASP C 311 8.85 16.73 23.08
N SER C 312 9.48 16.82 21.91
CA SER C 312 9.02 17.76 20.89
C SER C 312 7.69 17.34 20.26
N GLU C 313 7.34 16.06 20.32
CA GLU C 313 6.08 15.59 19.75
C GLU C 313 4.90 15.82 20.68
N CYS C 314 5.12 16.33 21.88
CA CYS C 314 4.11 16.41 22.92
CA CYS C 314 4.12 16.40 22.93
C CYS C 314 4.07 17.82 23.48
N SER C 315 3.01 18.57 23.12
CA SER C 315 2.93 19.97 23.55
C SER C 315 1.48 20.45 23.53
N LEU C 316 1.30 21.70 23.94
CA LEU C 316 -0.01 22.35 23.82
C LEU C 316 -0.47 22.37 22.37
N SER C 317 -1.76 22.14 22.17
CA SER C 317 -2.39 22.31 20.87
C SER C 317 -1.89 23.57 20.18
N GLY C 318 -1.47 23.41 18.91
CA GLY C 318 -1.07 24.57 18.14
C GLY C 318 -2.18 25.58 18.01
N TYR C 319 -3.41 25.08 17.80
CA TYR C 319 -4.56 25.99 17.75
C TYR C 319 -4.71 26.80 19.03
N LEU C 320 -4.64 26.15 20.19
CA LEU C 320 -4.85 26.88 21.44
C LEU C 320 -3.69 27.82 21.71
N TYR C 321 -2.47 27.38 21.38
CA TYR C 321 -1.31 28.27 21.49
C TYR C 321 -1.53 29.55 20.67
N ALA C 322 -2.01 29.41 19.43
CA ALA C 322 -2.17 30.59 18.59
C ALA C 322 -3.32 31.47 19.07
N ILE C 323 -4.45 30.88 19.48
CA ILE C 323 -5.56 31.70 19.97
C ILE C 323 -5.17 32.41 21.27
N LYS C 324 -4.47 31.70 22.16
CA LYS C 324 -4.05 32.36 23.39
C LYS C 324 -3.14 33.54 23.10
N LYS C 325 -2.23 33.39 22.13
CA LYS C 325 -1.32 34.48 21.79
C LYS C 325 -2.08 35.70 21.23
N ILE C 326 -2.96 35.45 20.27
CA ILE C 326 -3.74 36.53 19.67
C ILE C 326 -4.57 37.25 20.73
N LEU C 327 -5.23 36.49 21.62
CA LEU C 327 -6.04 37.14 22.64
C LEU C 327 -5.21 37.95 23.62
N SER C 328 -3.94 37.55 23.82
CA SER C 328 -3.06 38.29 24.74
C SER C 328 -2.80 39.71 24.28
N TRP C 329 -3.04 40.02 23.01
CA TRP C 329 -2.86 41.37 22.49
C TRP C 329 -3.95 42.32 22.94
N LYS C 330 -5.07 41.80 23.45
CA LYS C 330 -6.19 42.64 23.91
C LYS C 330 -6.71 43.56 22.81
N VAL C 331 -6.83 43.02 21.59
CA VAL C 331 -7.41 43.70 20.44
C VAL C 331 -8.75 43.03 20.17
N PRO C 332 -9.81 43.78 19.89
CA PRO C 332 -11.10 43.16 19.57
C PRO C 332 -10.95 42.15 18.45
N THR C 333 -11.52 40.96 18.66
CA THR C 333 -11.21 39.83 17.81
C THR C 333 -12.47 39.08 17.41
N LEU C 334 -12.50 38.64 16.17
CA LEU C 334 -13.55 37.75 15.68
C LEU C 334 -12.93 36.38 15.42
N ILE C 335 -13.49 35.33 16.03
CA ILE C 335 -13.01 33.96 15.84
C ILE C 335 -14.04 33.19 15.03
N LEU C 336 -13.62 32.67 13.88
CA LEU C 336 -14.52 31.97 12.97
C LEU C 336 -14.11 30.51 12.82
N GLY C 337 -15.06 29.69 12.36
CA GLY C 337 -14.75 28.32 12.02
C GLY C 337 -14.15 28.19 10.63
N GLY C 338 -14.56 27.16 9.91
CA GLY C 338 -14.06 26.86 8.56
C GLY C 338 -14.07 25.37 8.29
N GLY C 339 -12.97 24.88 7.71
CA GLY C 339 -12.84 23.47 7.45
C GLY C 339 -12.83 22.64 8.71
N GLY C 340 -12.99 21.34 8.52
CA GLY C 340 -13.01 20.41 9.62
C GLY C 340 -13.99 19.31 9.29
N TYR C 341 -13.47 18.15 8.91
CA TYR C 341 -14.30 17.12 8.33
C TYR C 341 -14.48 15.89 9.22
N ASN C 342 -13.81 15.86 10.37
CA ASN C 342 -14.08 14.93 11.47
C ASN C 342 -14.96 15.71 12.45
N PHE C 343 -16.29 15.52 12.38
CA PHE C 343 -17.16 16.44 13.10
C PHE C 343 -16.98 16.35 14.61
N PRO C 344 -16.92 15.16 15.23
CA PRO C 344 -16.69 15.15 16.68
C PRO C 344 -15.35 15.76 17.08
N ASP C 345 -14.28 15.53 16.33
CA ASP C 345 -13.01 16.11 16.76
C ASP C 345 -12.99 17.60 16.51
N THR C 346 -13.69 18.07 15.48
CA THR C 346 -13.85 19.51 15.30
C THR C 346 -14.55 20.11 16.50
N ALA C 347 -15.62 19.47 16.96
CA ALA C 347 -16.33 19.92 18.15
C ALA C 347 -15.41 19.91 19.37
N ARG C 348 -14.59 18.86 19.51
CA ARG C 348 -13.66 18.76 20.64
C ARG C 348 -12.70 19.94 20.64
N LEU C 349 -12.18 20.32 19.48
CA LEU C 349 -11.25 21.44 19.38
C LEU C 349 -11.94 22.76 19.66
N TRP C 350 -13.04 23.03 18.97
CA TRP C 350 -13.67 24.34 19.09
C TRP C 350 -14.27 24.54 20.48
N THR C 351 -14.63 23.44 21.17
CA THR C 351 -15.08 23.57 22.57
C THR C 351 -13.93 24.03 23.46
N ARG C 352 -12.73 23.47 23.26
CA ARG C 352 -11.57 23.97 23.98
C ARG C 352 -11.21 25.40 23.59
N VAL C 353 -11.35 25.76 22.30
CA VAL C 353 -11.05 27.14 21.92
C VAL C 353 -12.00 28.09 22.63
N THR C 354 -13.28 27.70 22.70
CA THR C 354 -14.31 28.54 23.34
C THR C 354 -13.99 28.72 24.82
N ALA C 355 -13.61 27.63 25.50
CA ALA C 355 -13.29 27.72 26.92
C ALA C 355 -12.05 28.57 27.14
N LEU C 356 -11.02 28.37 26.30
CA LEU C 356 -9.82 29.20 26.42
C LEU C 356 -10.15 30.68 26.24
N THR C 357 -11.03 31.01 25.29
CA THR C 357 -11.40 32.40 25.06
C THR C 357 -12.07 33.00 26.29
N ILE C 358 -12.98 32.26 26.92
CA ILE C 358 -13.58 32.73 28.18
C ILE C 358 -12.51 32.98 29.22
N GLU C 359 -11.57 32.04 29.38
CA GLU C 359 -10.53 32.19 30.39
C GLU C 359 -9.67 33.43 30.15
N GLU C 360 -9.24 33.63 28.90
CA GLU C 360 -8.29 34.70 28.62
C GLU C 360 -8.96 36.06 28.67
N VAL C 361 -10.21 36.14 28.23
CA VAL C 361 -10.88 37.43 28.18
C VAL C 361 -11.43 37.81 29.54
N LYS C 362 -12.11 36.87 30.20
CA LYS C 362 -12.79 37.16 31.46
C LYS C 362 -11.91 36.94 32.67
N GLY C 363 -10.77 36.28 32.51
CA GLY C 363 -9.92 35.98 33.65
C GLY C 363 -10.50 34.93 34.56
N LYS C 364 -11.35 34.06 34.02
CA LYS C 364 -12.19 33.16 34.80
C LYS C 364 -11.86 31.72 34.43
N LYS C 365 -11.37 30.94 35.39
CA LYS C 365 -10.91 29.58 35.09
C LYS C 365 -12.05 28.72 34.55
N MET C 366 -11.78 28.03 33.44
CA MET C 366 -12.73 27.10 32.84
C MET C 366 -12.11 25.73 32.88
N THR C 367 -12.64 24.85 33.72
CA THR C 367 -12.17 23.50 33.86
C THR C 367 -13.11 22.56 33.14
N ILE C 368 -12.56 21.83 32.18
CA ILE C 368 -13.36 20.95 31.33
C ILE C 368 -13.04 19.51 31.71
N SER C 369 -14.06 18.74 32.06
CA SER C 369 -13.83 17.34 32.43
C SER C 369 -13.23 16.57 31.25
N PRO C 370 -12.28 15.67 31.48
CA PRO C 370 -11.74 14.87 30.37
C PRO C 370 -12.78 13.95 29.73
N GLU C 371 -13.86 13.63 30.42
CA GLU C 371 -14.90 12.77 29.87
C GLU C 371 -15.97 13.63 29.24
N ILE C 372 -16.40 13.26 28.04
CA ILE C 372 -17.50 13.97 27.36
C ILE C 372 -18.74 13.92 28.25
N PRO C 373 -19.43 15.03 28.47
CA PRO C 373 -20.64 15.00 29.30
C PRO C 373 -21.81 14.36 28.57
N GLU C 374 -22.76 13.87 29.36
CA GLU C 374 -24.02 13.40 28.82
C GLU C 374 -24.70 14.51 28.01
N HIS C 375 -25.05 14.18 26.77
CA HIS C 375 -25.94 15.01 25.95
C HIS C 375 -26.36 14.16 24.75
N SER C 376 -27.28 14.70 23.94
CA SER C 376 -27.89 13.83 22.94
C SER C 376 -26.95 13.43 21.82
N TYR C 377 -25.76 14.04 21.70
CA TYR C 377 -24.79 13.56 20.73
C TYR C 377 -23.66 12.77 21.37
N PHE C 378 -23.82 12.35 22.62
CA PHE C 378 -22.74 11.66 23.33
C PHE C 378 -22.18 10.50 22.51
N SER C 379 -23.07 9.72 21.88
CA SER C 379 -22.66 8.53 21.13
C SER C 379 -21.78 8.86 19.94
N ARG C 380 -21.69 10.12 19.54
CA ARG C 380 -20.80 10.47 18.44
C ARG C 380 -19.34 10.55 18.87
N TYR C 381 -19.04 10.40 20.15
CA TYR C 381 -17.70 10.65 20.68
C TYR C 381 -16.96 9.36 21.02
N GLY C 382 -17.35 8.25 20.41
CA GLY C 382 -16.67 6.98 20.65
C GLY C 382 -15.36 6.89 19.91
N PRO C 383 -14.56 5.86 20.21
CA PRO C 383 -14.93 4.80 21.16
C PRO C 383 -14.57 5.11 22.61
N ASP C 384 -13.89 6.24 22.82
CA ASP C 384 -13.30 6.64 24.09
C ASP C 384 -14.19 7.56 24.92
N PHE C 385 -14.99 8.42 24.26
CA PHE C 385 -15.85 9.39 24.94
C PHE C 385 -15.03 10.32 25.83
N GLU C 386 -13.84 10.68 25.34
CA GLU C 386 -12.95 11.63 26.00
C GLU C 386 -12.86 12.92 25.19
N LEU C 387 -12.53 14.02 25.87
CA LEU C 387 -12.40 15.31 25.18
C LEU C 387 -11.14 15.38 24.30
N ASP C 388 -10.03 14.82 24.78
CA ASP C 388 -8.82 14.73 23.93
C ASP C 388 -9.12 13.93 22.67
N ILE C 389 -8.63 14.43 21.53
CA ILE C 389 -8.74 13.65 20.30
C ILE C 389 -7.93 12.37 20.45
N ASP C 390 -8.33 11.35 19.69
CA ASP C 390 -7.81 9.99 19.79
C ASP C 390 -6.57 9.84 18.94
N TYR C 391 -5.60 10.71 19.19
CA TYR C 391 -4.34 10.73 18.47
C TYR C 391 -3.21 10.42 19.44
N PHE C 392 -2.26 9.57 19.00
CA PHE C 392 -1.09 9.24 19.80
C PHE C 392 0.16 9.85 19.18
N PRO C 393 0.75 10.89 19.79
CA PRO C 393 1.97 11.48 19.25
C PRO C 393 3.05 10.42 19.10
N HIS C 394 3.87 10.58 18.06
CA HIS C 394 4.92 9.63 17.76
C HIS C 394 6.01 10.38 17.01
N GLU C 395 7.15 9.71 16.83
CA GLU C 395 8.31 10.31 16.18
C GLU C 395 8.08 10.46 14.69
N SER C 403 12.79 22.76 9.01
CA SER C 403 12.71 24.10 9.55
C SER C 403 12.33 25.12 8.47
N ILE C 404 11.91 26.30 8.92
CA ILE C 404 11.40 27.34 8.03
C ILE C 404 12.02 28.68 8.37
N GLN C 405 13.29 28.66 8.81
CA GLN C 405 13.92 29.92 9.21
C GLN C 405 14.09 30.86 8.02
N LYS C 406 14.29 30.35 6.80
CA LYS C 406 14.33 31.27 5.67
C LYS C 406 12.97 31.93 5.43
N HIS C 407 11.87 31.22 5.76
CA HIS C 407 10.56 31.85 5.67
C HIS C 407 10.40 32.98 6.68
N HIS C 408 10.89 32.78 7.90
CA HIS C 408 10.89 33.88 8.87
C HIS C 408 11.62 35.08 8.30
N ARG C 409 12.80 34.87 7.72
CA ARG C 409 13.56 35.98 7.16
C ARG C 409 12.80 36.66 6.03
N ARG C 410 12.23 35.86 5.13
CA ARG C 410 11.43 36.40 4.03
C ARG C 410 10.24 37.19 4.53
N ILE C 411 9.51 36.64 5.50
CA ILE C 411 8.29 37.28 5.98
C ILE C 411 8.60 38.57 6.73
N LEU C 412 9.68 38.58 7.52
CA LEU C 412 10.05 39.81 8.24
C LEU C 412 10.53 40.89 7.28
N GLU C 413 11.24 40.51 6.21
CA GLU C 413 11.58 41.47 5.17
C GLU C 413 10.32 42.05 4.54
N GLN C 414 9.34 41.19 4.24
CA GLN C 414 8.09 41.70 3.68
C GLN C 414 7.42 42.67 4.64
N LEU C 415 7.46 42.38 5.95
CA LEU C 415 6.79 43.24 6.92
C LEU C 415 7.49 44.58 7.02
N ARG C 416 8.82 44.58 6.93
CA ARG C 416 9.55 45.85 6.87
C ARG C 416 9.18 46.63 5.62
N ASN C 417 9.00 45.93 4.50
CA ASN C 417 8.60 46.61 3.26
C ASN C 417 7.19 47.18 3.39
N TYR C 418 6.30 46.47 4.08
CA TYR C 418 4.95 46.99 4.31
C TYR C 418 4.99 48.24 5.17
N ALA C 419 5.76 48.24 6.25
CA ALA C 419 5.81 49.41 7.11
C ALA C 419 6.40 50.60 6.37
N ASP C 420 7.43 50.33 5.56
CA ASP C 420 8.07 51.36 4.72
C ASP C 420 7.06 52.00 3.77
N LEU C 421 6.31 51.17 3.03
CA LEU C 421 5.39 51.69 2.03
C LEU C 421 4.28 52.51 2.68
N ASN C 422 3.81 52.08 3.86
CA ASN C 422 2.67 52.71 4.50
C ASN C 422 3.06 53.71 5.59
N LYS C 423 4.34 54.06 5.65
CA LYS C 423 4.87 55.05 6.60
C LYS C 423 4.48 54.71 8.04
N LEU C 424 4.61 53.43 8.38
CA LEU C 424 4.42 52.96 9.74
C LEU C 424 5.77 52.77 10.42
N ILE C 425 5.79 52.96 11.73
CA ILE C 425 6.99 52.72 12.50
C ILE C 425 7.32 51.23 12.46
N TYR C 426 8.56 50.92 12.17
CA TYR C 426 9.05 49.55 12.22
C TYR C 426 10.01 49.48 13.41
N ASP C 427 9.55 48.86 14.50
CA ASP C 427 10.27 48.85 15.77
C ASP C 427 11.20 47.64 15.75
N TYR C 428 12.38 47.84 15.18
CA TYR C 428 13.35 46.76 15.08
C TYR C 428 13.74 46.21 16.45
N ASP C 429 13.91 47.08 17.44
CA ASP C 429 14.33 46.62 18.77
C ASP C 429 13.31 45.66 19.35
N GLN C 430 12.02 45.95 19.20
CA GLN C 430 10.98 45.08 19.75
C GLN C 430 10.89 43.78 18.98
N VAL C 431 10.95 43.84 17.65
CA VAL C 431 10.90 42.61 16.86
C VAL C 431 12.14 41.77 17.09
N TYR C 432 13.30 42.42 17.21
CA TYR C 432 14.53 41.67 17.49
C TYR C 432 14.41 40.93 18.82
N GLN C 433 13.94 41.61 19.86
CA GLN C 433 13.86 40.98 21.18
C GLN C 433 12.89 39.81 21.17
N LEU C 434 11.79 39.96 20.42
CA LEU C 434 10.84 38.89 20.19
C LEU C 434 11.54 37.64 19.67
N TYR C 435 12.24 37.78 18.54
CA TYR C 435 12.92 36.65 17.94
C TYR C 435 14.11 36.19 18.79
N ASN C 436 14.77 37.12 19.50
CA ASN C 436 15.93 36.74 20.29
C ASN C 436 15.55 35.86 21.48
N LEU C 437 14.27 35.85 21.87
CA LEU C 437 13.81 34.94 22.91
C LEU C 437 14.05 33.49 22.54
N THR C 438 14.17 33.18 21.24
CA THR C 438 14.54 31.85 20.79
C THR C 438 15.88 31.85 20.07
N GLY C 439 16.74 32.84 20.37
CA GLY C 439 18.04 32.92 19.73
C GLY C 439 18.00 33.13 18.24
N MET C 440 16.87 33.60 17.71
CA MET C 440 16.73 33.80 16.27
C MET C 440 16.71 35.28 15.91
N GLY C 441 17.34 36.13 16.75
CA GLY C 441 17.32 37.56 16.48
C GLY C 441 17.99 37.93 15.17
N SER C 442 18.94 37.10 14.72
CA SER C 442 19.65 37.35 13.48
C SER C 442 18.74 37.39 12.27
N LEU C 443 17.54 36.80 12.36
CA LEU C 443 16.65 36.77 11.20
C LEU C 443 15.95 38.10 10.95
N VAL C 444 15.99 39.03 11.91
CA VAL C 444 15.21 40.27 11.83
C VAL C 444 16.00 41.32 11.04
N PRO C 445 15.44 41.90 9.99
CA PRO C 445 16.12 42.98 9.29
C PRO C 445 15.91 44.32 9.97
N ARG C 446 16.92 45.18 9.90
CA ARG C 446 16.82 46.50 10.52
C ARG C 446 15.82 47.38 9.79
N SER D 2 -24.60 19.13 -23.24
CA SER D 2 -23.66 20.14 -22.78
C SER D 2 -22.26 19.82 -23.30
N VAL D 3 -21.57 20.81 -23.85
CA VAL D 3 -20.16 20.67 -24.22
C VAL D 3 -19.33 21.39 -23.17
N GLY D 4 -18.37 20.67 -22.58
CA GLY D 4 -17.53 21.23 -21.56
C GLY D 4 -16.16 21.58 -22.13
N ILE D 5 -15.48 22.47 -21.41
CA ILE D 5 -14.12 22.86 -21.75
C ILE D 5 -13.36 23.15 -20.47
N VAL D 6 -12.13 22.63 -20.38
CA VAL D 6 -11.32 22.76 -19.19
C VAL D 6 -10.59 24.09 -19.22
N TYR D 7 -10.77 24.90 -18.18
CA TYR D 7 -9.95 26.08 -17.97
C TYR D 7 -10.09 26.57 -16.52
N GLY D 8 -9.33 27.60 -16.22
CA GLY D 8 -9.19 28.14 -14.89
C GLY D 8 -7.98 29.03 -14.85
N ASP D 9 -7.98 29.96 -13.88
CA ASP D 9 -6.90 30.95 -13.86
C ASP D 9 -5.54 30.31 -13.55
N GLN D 10 -5.47 29.49 -12.51
CA GLN D 10 -4.22 28.80 -12.22
C GLN D 10 -3.86 27.80 -13.32
N TYR D 11 -4.87 27.11 -13.85
CA TYR D 11 -4.64 26.15 -14.94
C TYR D 11 -4.00 26.83 -16.15
N ARG D 12 -4.54 28.00 -16.53
CA ARG D 12 -3.96 28.77 -17.61
C ARG D 12 -2.49 29.10 -17.33
N GLN D 13 -2.20 29.59 -16.13
CA GLN D 13 -0.82 29.95 -15.80
C GLN D 13 0.11 28.75 -15.90
N LEU D 14 -0.30 27.59 -15.37
CA LEU D 14 0.55 26.40 -15.43
C LEU D 14 0.70 25.89 -16.86
N CYS D 15 -0.39 25.89 -17.64
CA CYS D 15 -0.30 25.43 -19.03
C CYS D 15 0.57 26.35 -19.89
N CYS D 16 0.81 27.59 -19.46
CA CYS D 16 1.68 28.50 -20.17
C CYS D 16 3.06 28.64 -19.54
N SER D 17 3.45 27.71 -18.67
CA SER D 17 4.71 27.85 -17.95
C SER D 17 5.82 27.02 -18.55
N SER D 18 5.59 26.36 -19.70
CA SER D 18 6.69 25.54 -20.18
C SER D 18 7.48 26.27 -21.25
N PRO D 19 8.77 25.93 -21.40
CA PRO D 19 9.57 26.59 -22.44
C PRO D 19 9.19 26.15 -23.85
N LYS D 20 8.75 24.90 -24.04
CA LYS D 20 8.45 24.45 -25.39
C LYS D 20 7.15 25.04 -25.93
N PHE D 21 6.11 25.07 -25.11
CA PHE D 21 4.79 25.47 -25.62
C PHE D 21 4.40 26.87 -25.19
N GLY D 22 5.25 27.57 -24.45
CA GLY D 22 5.08 28.99 -24.21
C GLY D 22 3.67 29.34 -23.84
N ASP D 23 3.11 30.34 -24.53
CA ASP D 23 1.78 30.84 -24.22
C ASP D 23 0.72 30.29 -25.18
N ARG D 24 0.99 29.13 -25.80
CA ARG D 24 0.06 28.58 -26.79
C ARG D 24 -1.35 28.42 -26.21
N TYR D 25 -1.44 27.85 -24.99
CA TYR D 25 -2.75 27.64 -24.38
C TYR D 25 -3.50 28.95 -24.23
N ALA D 26 -2.78 30.03 -23.92
CA ALA D 26 -3.43 31.33 -23.78
C ALA D 26 -3.95 31.83 -25.11
N LEU D 27 -3.19 31.65 -26.18
CA LEU D 27 -3.69 32.08 -27.49
C LEU D 27 -4.94 31.30 -27.86
N VAL D 28 -4.93 29.99 -27.59
CA VAL D 28 -6.08 29.14 -27.91
C VAL D 28 -7.33 29.60 -27.17
N MET D 29 -7.26 29.67 -25.83
CA MET D 29 -8.46 30.00 -25.07
C MET D 29 -8.92 31.43 -25.31
N ASP D 30 -7.99 32.36 -25.54
CA ASP D 30 -8.38 33.75 -25.80
C ASP D 30 -9.04 33.91 -27.17
N LEU D 31 -8.65 33.09 -28.16
CA LEU D 31 -9.33 33.18 -29.46
C LEU D 31 -10.74 32.61 -29.36
N ILE D 32 -10.88 31.47 -28.68
CA ILE D 32 -12.21 30.93 -28.37
C ILE D 32 -13.06 31.98 -27.66
N ASN D 33 -12.47 32.67 -26.69
CA ASN D 33 -13.21 33.70 -25.98
C ASN D 33 -13.54 34.87 -26.90
N ALA D 34 -12.59 35.25 -27.76
CA ALA D 34 -12.81 36.41 -28.63
C ALA D 34 -13.95 36.16 -29.60
N TYR D 35 -14.12 34.90 -30.03
CA TYR D 35 -15.21 34.50 -30.90
C TYR D 35 -16.52 34.25 -30.14
N LYS D 36 -16.59 34.62 -28.86
CA LYS D 36 -17.83 34.58 -28.06
C LYS D 36 -18.35 33.15 -27.87
N LEU D 37 -17.42 32.18 -27.85
CA LEU D 37 -17.78 30.77 -27.67
C LEU D 37 -17.91 30.35 -26.22
N ILE D 38 -17.24 31.06 -25.30
CA ILE D 38 -17.23 30.63 -23.90
C ILE D 38 -18.63 30.54 -23.31
N PRO D 39 -19.55 31.48 -23.54
CA PRO D 39 -20.91 31.33 -22.98
C PRO D 39 -21.63 30.07 -23.43
N GLU D 40 -21.22 29.46 -24.55
CA GLU D 40 -21.87 28.25 -25.05
C GLU D 40 -21.35 27.00 -24.35
N LEU D 41 -20.29 27.12 -23.55
CA LEU D 41 -19.57 25.97 -23.05
C LEU D 41 -19.66 25.92 -21.53
N SER D 42 -19.64 24.72 -20.98
CA SER D 42 -19.62 24.53 -19.54
C SER D 42 -18.16 24.47 -19.08
N ARG D 43 -17.77 25.37 -18.17
CA ARG D 43 -16.40 25.31 -17.65
C ARG D 43 -16.25 24.06 -16.79
N VAL D 44 -15.23 23.26 -17.10
CA VAL D 44 -14.89 22.09 -16.30
C VAL D 44 -13.62 22.42 -15.54
N PRO D 45 -13.67 22.52 -14.21
CA PRO D 45 -12.48 22.86 -13.44
C PRO D 45 -11.54 21.68 -13.35
N PRO D 46 -10.24 21.91 -13.36
CA PRO D 46 -9.28 20.82 -13.17
C PRO D 46 -9.47 20.14 -11.81
N LEU D 47 -9.18 18.84 -11.78
CA LEU D 47 -9.32 18.07 -10.55
C LEU D 47 -8.24 18.48 -9.56
N GLN D 48 -8.61 18.56 -8.28
CA GLN D 48 -7.64 18.72 -7.22
C GLN D 48 -7.82 17.60 -6.22
N TRP D 49 -6.77 17.34 -5.43
CA TRP D 49 -6.76 16.18 -4.54
C TRP D 49 -6.73 16.60 -3.07
N ASP D 50 -7.21 15.69 -2.21
CA ASP D 50 -7.33 15.93 -0.78
C ASP D 50 -6.00 15.88 -0.03
N SER D 51 -4.94 15.37 -0.65
CA SER D 51 -3.68 15.19 0.04
C SER D 51 -2.62 14.82 -1.00
N PRO D 52 -1.35 15.00 -0.66
CA PRO D 52 -0.27 14.47 -1.51
C PRO D 52 -0.45 13.00 -1.84
N SER D 53 -0.86 12.20 -0.86
CA SER D 53 -1.00 10.76 -1.07
C SER D 53 -2.06 10.44 -2.10
N ARG D 54 -3.17 11.17 -2.10
CA ARG D 54 -4.22 10.94 -3.09
C ARG D 54 -3.75 11.33 -4.49
N MET D 55 -3.03 12.45 -4.61
CA MET D 55 -2.44 12.83 -5.89
C MET D 55 -1.53 11.75 -6.41
N TYR D 56 -0.62 11.29 -5.55
CA TYR D 56 0.36 10.28 -5.92
C TYR D 56 -0.31 8.97 -6.33
N GLU D 57 -1.29 8.51 -5.53
CA GLU D 57 -2.07 7.33 -5.91
C GLU D 57 -2.69 7.49 -7.30
N ALA D 58 -3.21 8.68 -7.61
CA ALA D 58 -3.82 8.91 -8.92
C ALA D 58 -2.78 8.78 -10.04
N VAL D 59 -1.64 9.47 -9.90
CA VAL D 59 -0.69 9.50 -11.00
C VAL D 59 -0.01 8.14 -11.16
N THR D 60 0.26 7.46 -10.05
CA THR D 60 0.92 6.16 -10.14
C THR D 60 -0.02 5.03 -10.47
N ALA D 61 -1.29 5.33 -10.79
CA ALA D 61 -2.14 4.33 -11.44
C ALA D 61 -1.55 3.92 -12.79
N PHE D 62 -0.71 4.78 -13.38
CA PHE D 62 0.04 4.43 -14.60
C PHE D 62 1.54 4.56 -14.40
N HIS D 63 2.01 5.71 -13.92
CA HIS D 63 3.45 5.94 -13.83
C HIS D 63 4.04 5.24 -12.61
N SER D 64 5.32 4.89 -12.71
CA SER D 64 5.96 4.26 -11.57
C SER D 64 6.22 5.28 -10.47
N THR D 65 6.28 4.78 -9.23
CA THR D 65 6.59 5.64 -8.10
C THR D 65 7.96 6.30 -8.26
N GLU D 66 8.96 5.54 -8.70
CA GLU D 66 10.31 6.09 -8.83
C GLU D 66 10.34 7.21 -9.86
N TYR D 67 9.58 7.06 -10.95
CA TYR D 67 9.56 8.10 -11.98
C TYR D 67 8.87 9.37 -11.46
N VAL D 68 7.73 9.22 -10.79
CA VAL D 68 7.06 10.38 -10.21
C VAL D 68 7.96 11.05 -9.18
N ASP D 69 8.65 10.25 -8.34
CA ASP D 69 9.60 10.84 -7.39
C ASP D 69 10.66 11.67 -8.10
N ALA D 70 11.18 11.18 -9.23
CA ALA D 70 12.24 11.90 -9.93
C ALA D 70 11.72 13.19 -10.55
N LEU D 71 10.52 13.16 -11.13
CA LEU D 71 9.94 14.38 -11.70
C LEU D 71 9.72 15.44 -10.63
N LYS D 72 9.24 15.02 -9.44
CA LYS D 72 9.11 15.96 -8.34
C LYS D 72 10.47 16.50 -7.92
N LYS D 73 11.48 15.64 -7.83
CA LYS D 73 12.80 16.11 -7.45
C LYS D 73 13.34 17.09 -8.48
N LEU D 74 13.07 16.84 -9.76
CA LEU D 74 13.57 17.72 -10.82
C LEU D 74 13.02 19.13 -10.67
N GLN D 75 11.73 19.26 -10.35
CA GLN D 75 11.17 20.59 -10.10
C GLN D 75 11.81 21.23 -8.87
N MET D 76 11.96 20.48 -7.78
CA MET D 76 12.57 21.01 -6.57
C MET D 76 13.97 21.56 -6.86
N LEU D 77 14.77 20.80 -7.61
CA LEU D 77 16.12 21.23 -7.92
C LEU D 77 16.12 22.46 -8.81
N HIS D 78 15.14 22.55 -9.71
CA HIS D 78 15.08 23.72 -10.58
C HIS D 78 14.44 24.92 -9.90
N CYS D 79 13.51 24.70 -8.95
CA CYS D 79 12.84 25.83 -8.32
C CYS D 79 13.75 26.58 -7.35
N GLU D 80 14.87 25.98 -6.97
CA GLU D 80 15.97 26.68 -6.34
C GLU D 80 17.14 26.59 -7.31
N GLU D 81 17.62 27.74 -7.79
CA GLU D 81 18.71 27.71 -8.77
C GLU D 81 19.91 26.94 -8.24
N LYS D 82 19.71 25.63 -8.05
CA LYS D 82 20.69 24.72 -7.46
C LYS D 82 20.98 23.65 -8.51
N GLU D 83 22.16 23.71 -9.09
CA GLU D 83 22.45 22.83 -10.21
C GLU D 83 22.75 21.42 -9.74
N LEU D 84 22.44 20.47 -10.61
CA LEU D 84 22.39 19.07 -10.21
C LEU D 84 23.79 18.52 -9.97
N THR D 85 23.86 17.60 -9.02
CA THR D 85 25.05 16.79 -8.84
C THR D 85 25.15 15.75 -9.95
N ALA D 86 26.34 15.15 -10.07
CA ALA D 86 26.53 14.06 -11.02
C ALA D 86 25.55 12.93 -10.77
N ASP D 87 25.32 12.59 -9.49
CA ASP D 87 24.33 11.57 -9.15
C ASP D 87 22.91 11.96 -9.58
N ASP D 88 22.50 13.21 -9.34
CA ASP D 88 21.17 13.64 -9.77
C ASP D 88 21.04 13.60 -11.28
N GLU D 89 22.11 13.99 -12.00
CA GLU D 89 22.06 13.92 -13.46
C GLU D 89 21.85 12.50 -13.94
N LEU D 90 22.58 11.54 -13.36
CA LEU D 90 22.41 10.13 -13.71
C LEU D 90 20.99 9.66 -13.43
N LEU D 91 20.43 10.04 -12.28
CA LEU D 91 19.06 9.71 -11.97
C LEU D 91 18.11 10.25 -13.03
N MET D 92 18.26 11.52 -13.40
CA MET D 92 17.34 12.09 -14.38
C MET D 92 17.50 11.40 -15.73
N ASP D 93 18.75 11.10 -16.13
CA ASP D 93 18.98 10.41 -17.39
C ASP D 93 18.28 9.05 -17.41
N SER D 94 18.19 8.39 -16.25
CA SER D 94 17.55 7.07 -16.21
C SER D 94 16.05 7.13 -16.46
N PHE D 95 15.44 8.32 -16.43
CA PHE D 95 14.04 8.51 -16.77
C PHE D 95 13.86 9.39 -18.01
N SER D 96 14.95 9.64 -18.77
CA SER D 96 14.91 10.53 -19.94
C SER D 96 14.43 11.94 -19.60
N LEU D 97 14.69 12.40 -18.38
CA LEU D 97 14.37 13.77 -18.01
C LEU D 97 15.59 14.63 -18.36
N ASN D 98 15.83 14.74 -19.67
CA ASN D 98 17.00 15.44 -20.18
C ASN D 98 16.76 15.79 -21.64
N TYR D 99 17.70 16.56 -22.22
CA TYR D 99 17.70 16.90 -23.63
C TYR D 99 16.38 17.54 -24.08
N ASP D 100 15.53 16.79 -24.78
CA ASP D 100 14.27 17.34 -25.25
C ASP D 100 13.18 17.37 -24.19
N CYS D 101 13.36 16.67 -23.07
CA CYS D 101 12.45 16.76 -21.93
C CYS D 101 13.19 17.28 -20.70
N PRO D 102 13.69 18.52 -20.75
CA PRO D 102 14.57 19.03 -19.70
C PRO D 102 13.76 19.46 -18.49
N GLY D 103 14.46 19.91 -17.45
CA GLY D 103 13.81 20.48 -16.29
C GLY D 103 13.57 21.96 -16.43
N PHE D 104 12.56 22.45 -15.72
CA PHE D 104 12.30 23.88 -15.57
C PHE D 104 11.54 24.09 -14.27
N PRO D 105 11.46 25.33 -13.76
CA PRO D 105 11.00 25.52 -12.37
C PRO D 105 9.63 24.94 -12.04
N SER D 106 8.75 24.77 -13.01
CA SER D 106 7.41 24.28 -12.73
C SER D 106 7.10 22.98 -13.47
N VAL D 107 8.13 22.17 -13.74
CA VAL D 107 7.95 21.03 -14.66
C VAL D 107 6.95 20.02 -14.09
N PHE D 108 6.97 19.79 -12.77
CA PHE D 108 6.00 18.84 -12.21
C PHE D 108 4.60 19.45 -12.18
N ASP D 109 4.47 20.71 -11.75
CA ASP D 109 3.15 21.36 -11.71
C ASP D 109 2.55 21.46 -13.09
N TYR D 110 3.38 21.80 -14.08
CA TYR D 110 2.97 21.88 -15.48
C TYR D 110 2.44 20.53 -15.97
N SER D 111 3.20 19.47 -15.74
CA SER D 111 2.80 18.15 -16.24
C SER D 111 1.56 17.66 -15.52
N LEU D 112 1.50 17.89 -14.20
CA LEU D 112 0.37 17.48 -13.40
C LEU D 112 -0.90 18.21 -13.83
N ALA D 113 -0.76 19.47 -14.23
CA ALA D 113 -1.93 20.25 -14.60
C ALA D 113 -2.71 19.55 -15.71
N ALA D 114 -2.01 19.02 -16.71
CA ALA D 114 -2.74 18.37 -17.80
C ALA D 114 -3.49 17.15 -17.30
N VAL D 115 -2.88 16.41 -16.37
CA VAL D 115 -3.56 15.28 -15.73
C VAL D 115 -4.81 15.75 -15.00
N GLN D 116 -4.69 16.81 -14.20
CA GLN D 116 -5.86 17.34 -13.50
C GLN D 116 -6.98 17.72 -14.47
N GLY D 117 -6.62 18.30 -15.61
CA GLY D 117 -7.63 18.71 -16.58
C GLY D 117 -8.30 17.51 -17.23
N SER D 118 -7.51 16.55 -17.71
CA SER D 118 -8.12 15.42 -18.41
C SER D 118 -8.86 14.48 -17.48
N LEU D 119 -8.46 14.38 -16.19
CA LEU D 119 -9.24 13.56 -15.26
C LEU D 119 -10.58 14.21 -14.94
N ALA D 120 -10.59 15.53 -14.74
CA ALA D 120 -11.85 16.24 -14.54
C ALA D 120 -12.76 16.05 -15.74
N ALA D 121 -12.19 16.11 -16.94
CA ALA D 121 -12.98 15.95 -18.16
C ALA D 121 -13.60 14.55 -18.23
N ALA D 122 -12.79 13.51 -17.99
CA ALA D 122 -13.32 12.15 -17.91
C ALA D 122 -14.45 12.06 -16.88
N SER D 123 -14.28 12.69 -15.71
CA SER D 123 -15.31 12.61 -14.68
C SER D 123 -16.61 13.26 -15.13
N ALA D 124 -16.51 14.40 -15.82
CA ALA D 124 -17.70 15.06 -16.32
C ALA D 124 -18.46 14.19 -17.32
N LEU D 125 -17.74 13.41 -18.13
CA LEU D 125 -18.41 12.50 -19.06
C LEU D 125 -19.06 11.35 -18.32
N ILE D 126 -18.40 10.84 -17.29
CA ILE D 126 -18.92 9.66 -16.60
C ILE D 126 -20.21 10.03 -15.86
N CYS D 127 -20.22 11.17 -15.19
CA CYS D 127 -21.41 11.62 -14.46
CA CYS D 127 -21.40 11.62 -14.47
C CYS D 127 -22.47 12.21 -15.37
N ARG D 128 -22.25 12.20 -16.69
CA ARG D 128 -23.18 12.68 -17.70
C ARG D 128 -23.50 14.16 -17.59
N HIS D 129 -22.62 14.94 -16.95
CA HIS D 129 -22.83 16.40 -16.96
C HIS D 129 -22.59 16.96 -18.36
N CYS D 130 -21.63 16.41 -19.09
CA CYS D 130 -21.30 16.85 -20.44
C CYS D 130 -21.33 15.65 -21.39
N GLU D 131 -21.84 15.87 -22.61
CA GLU D 131 -21.75 14.87 -23.68
C GLU D 131 -20.38 14.85 -24.35
N VAL D 132 -19.68 16.00 -24.36
CA VAL D 132 -18.34 16.14 -24.90
C VAL D 132 -17.59 17.08 -23.98
N VAL D 133 -16.30 16.81 -23.72
CA VAL D 133 -15.45 17.74 -22.98
C VAL D 133 -14.16 17.95 -23.76
N ILE D 134 -13.72 19.21 -23.83
CA ILE D 134 -12.49 19.60 -24.54
C ILE D 134 -11.43 19.98 -23.53
N ASN D 135 -10.21 19.48 -23.70
CA ASN D 135 -9.08 19.94 -22.90
C ASN D 135 -7.92 20.33 -23.81
N TRP D 136 -7.86 21.61 -24.20
CA TRP D 136 -6.74 22.03 -25.04
C TRP D 136 -5.40 22.13 -24.28
N GLY D 137 -5.39 21.91 -22.97
CA GLY D 137 -4.16 21.78 -22.21
C GLY D 137 -3.62 20.36 -22.10
N GLY D 138 -4.33 19.38 -22.66
CA GLY D 138 -3.95 17.99 -22.54
C GLY D 138 -3.57 17.37 -23.87
N GLY D 139 -3.40 16.05 -23.84
CA GLY D 139 -3.04 15.28 -25.03
C GLY D 139 -1.61 14.81 -25.11
N TRP D 140 -0.96 14.54 -23.98
CA TRP D 140 0.50 14.32 -23.95
C TRP D 140 0.82 12.84 -24.14
N HIS D 141 0.61 12.39 -25.39
CA HIS D 141 0.49 10.97 -25.71
C HIS D 141 1.80 10.18 -25.67
N HIS D 142 2.96 10.83 -25.55
CA HIS D 142 4.22 10.07 -25.59
C HIS D 142 4.75 9.61 -24.24
N ALA D 143 4.26 10.15 -23.13
CA ALA D 143 4.84 9.82 -21.83
C ALA D 143 4.63 8.35 -21.51
N LYS D 144 5.67 7.69 -21.01
CA LYS D 144 5.62 6.26 -20.70
C LYS D 144 5.59 6.08 -19.19
N ARG D 145 5.29 4.84 -18.78
CA ARG D 145 5.23 4.50 -17.37
C ARG D 145 6.37 5.12 -16.56
N SER D 146 7.62 4.94 -17.02
CA SER D 146 8.79 5.46 -16.29
C SER D 146 9.73 6.24 -17.20
N GLU D 147 9.19 7.03 -18.12
CA GLU D 147 10.07 7.73 -19.04
C GLU D 147 9.32 8.92 -19.64
N ALA D 148 9.96 10.09 -19.62
CA ALA D 148 9.50 11.23 -20.41
C ALA D 148 9.89 11.05 -21.87
N SER D 149 9.08 11.61 -22.77
CA SER D 149 9.30 11.39 -24.19
C SER D 149 8.58 12.46 -24.97
N GLY D 150 9.26 13.01 -25.99
CA GLY D 150 8.59 13.95 -26.90
C GLY D 150 7.88 15.13 -26.23
N PHE D 151 8.58 15.74 -25.26
CA PHE D 151 8.04 16.86 -24.49
CA PHE D 151 8.12 16.82 -24.36
C PHE D 151 6.83 16.47 -23.63
N CYS D 152 6.59 15.18 -23.44
CA CYS D 152 5.51 14.69 -22.60
C CYS D 152 6.09 14.10 -21.32
N TYR D 153 5.62 14.57 -20.17
CA TYR D 153 6.15 14.07 -18.90
C TYR D 153 5.18 13.17 -18.16
N LEU D 154 3.89 13.50 -18.13
CA LEU D 154 2.88 12.62 -17.53
C LEU D 154 1.81 12.36 -18.57
N ASN D 155 1.33 11.11 -18.65
CA ASN D 155 0.41 10.78 -19.73
C ASN D 155 -1.01 10.99 -19.24
N ASP D 156 -1.50 12.21 -19.43
CA ASP D 156 -2.87 12.55 -19.03
C ASP D 156 -3.90 11.71 -19.77
N ILE D 157 -3.58 11.29 -21.01
CA ILE D 157 -4.55 10.52 -21.80
C ILE D 157 -4.72 9.14 -21.18
N VAL D 158 -3.60 8.48 -20.88
CA VAL D 158 -3.69 7.15 -20.28
C VAL D 158 -4.46 7.21 -18.96
N LEU D 159 -4.15 8.19 -18.10
CA LEU D 159 -4.85 8.32 -16.83
C LEU D 159 -6.34 8.59 -17.03
N ALA D 160 -6.69 9.41 -18.02
CA ALA D 160 -8.10 9.70 -18.28
C ALA D 160 -8.81 8.46 -18.79
N ILE D 161 -8.18 7.71 -19.69
CA ILE D 161 -8.82 6.52 -20.23
C ILE D 161 -8.99 5.49 -19.12
N HIS D 162 -7.97 5.34 -18.28
CA HIS D 162 -8.10 4.42 -17.13
C HIS D 162 -9.29 4.79 -16.26
N ARG D 163 -9.54 6.09 -16.07
CA ARG D 163 -10.71 6.49 -15.29
C ARG D 163 -12.01 6.11 -16.00
N LEU D 164 -12.06 6.31 -17.33
CA LEU D 164 -13.26 5.93 -18.09
C LEU D 164 -13.47 4.43 -18.07
N VAL D 165 -12.41 3.67 -18.35
CA VAL D 165 -12.61 2.25 -18.60
C VAL D 165 -12.91 1.51 -17.31
N SER D 166 -12.58 2.10 -16.16
CA SER D 166 -12.81 1.49 -14.87
C SER D 166 -14.06 2.03 -14.19
N SER D 167 -14.95 2.67 -14.94
CA SER D 167 -16.13 3.29 -14.33
C SER D 167 -17.34 2.35 -14.33
N THR D 178 -17.61 -1.72 -20.48
CA THR D 178 -17.08 -0.42 -20.91
C THR D 178 -15.94 -0.62 -21.89
N ARG D 179 -16.09 -0.06 -23.10
CA ARG D 179 -15.04 -0.06 -24.12
C ARG D 179 -14.71 1.37 -24.50
N VAL D 180 -13.42 1.68 -24.67
CA VAL D 180 -12.98 3.01 -25.08
C VAL D 180 -12.27 2.90 -26.42
N LEU D 181 -12.64 3.78 -27.37
CA LEU D 181 -11.94 3.94 -28.63
C LEU D 181 -11.10 5.21 -28.56
N TYR D 182 -9.78 5.05 -28.70
CA TYR D 182 -8.84 6.17 -28.67
C TYR D 182 -8.40 6.45 -30.10
N VAL D 183 -8.57 7.70 -30.54
CA VAL D 183 -8.24 8.14 -31.91
C VAL D 183 -7.17 9.22 -31.79
N ASP D 184 -6.00 9.00 -32.42
CA ASP D 184 -4.84 9.89 -32.29
C ASP D 184 -4.57 10.53 -33.65
N LEU D 185 -4.95 11.80 -33.82
CA LEU D 185 -4.79 12.50 -35.08
C LEU D 185 -3.47 13.27 -35.21
N ASP D 186 -2.61 13.23 -34.19
CA ASP D 186 -1.37 13.99 -34.16
C ASP D 186 -0.45 13.54 -35.32
N LEU D 187 0.45 14.45 -35.74
CA LEU D 187 1.44 14.06 -36.74
C LEU D 187 2.27 12.85 -36.31
N HIS D 188 2.48 12.69 -35.01
CA HIS D 188 3.33 11.67 -34.44
C HIS D 188 2.52 10.50 -33.93
N HIS D 189 3.12 9.31 -34.01
CA HIS D 189 2.52 8.08 -33.50
C HIS D 189 2.24 8.19 -32.02
N GLY D 190 1.02 7.80 -31.61
CA GLY D 190 0.64 7.86 -30.21
C GLY D 190 1.18 6.65 -29.45
N ASP D 191 2.50 6.58 -29.28
CA ASP D 191 3.10 5.35 -28.77
C ASP D 191 2.80 5.13 -27.29
N GLY D 192 2.83 6.19 -26.47
CA GLY D 192 2.63 6.00 -25.03
C GLY D 192 1.27 5.43 -24.69
N VAL D 193 0.23 5.91 -25.36
CA VAL D 193 -1.13 5.39 -25.12
C VAL D 193 -1.25 3.98 -25.67
N GLU D 194 -0.73 3.74 -26.87
CA GLU D 194 -0.74 2.41 -27.45
C GLU D 194 -0.08 1.40 -26.51
N GLU D 195 1.10 1.75 -26.01
CA GLU D 195 1.84 0.88 -25.10
C GLU D 195 1.03 0.57 -23.85
N ALA D 196 0.40 1.60 -23.27
CA ALA D 196 -0.29 1.44 -22.01
C ALA D 196 -1.40 0.42 -22.11
N PHE D 197 -2.04 0.33 -23.27
CA PHE D 197 -3.21 -0.52 -23.46
C PHE D 197 -2.94 -1.67 -24.43
N TRP D 198 -1.66 -1.97 -24.66
CA TRP D 198 -1.25 -3.03 -25.56
C TRP D 198 -1.90 -4.38 -25.23
N TYR D 199 -2.07 -4.65 -23.94
CA TYR D 199 -2.59 -5.94 -23.46
C TYR D 199 -4.08 -5.88 -23.11
N SER D 200 -4.74 -4.75 -23.41
CA SER D 200 -6.12 -4.55 -23.01
CA SER D 200 -6.12 -4.52 -23.01
C SER D 200 -7.03 -4.61 -24.22
N PRO D 201 -7.98 -5.55 -24.27
CA PRO D 201 -8.96 -5.53 -25.36
C PRO D 201 -9.99 -4.44 -25.24
N ARG D 202 -10.23 -3.90 -24.05
CA ARG D 202 -11.34 -2.97 -23.92
C ARG D 202 -10.96 -1.54 -24.23
N VAL D 203 -9.66 -1.26 -24.46
CA VAL D 203 -9.22 0.04 -24.99
C VAL D 203 -8.62 -0.22 -26.36
N VAL D 204 -9.29 0.20 -27.42
CA VAL D 204 -8.77 0.06 -28.77
C VAL D 204 -8.14 1.39 -29.16
N THR D 205 -6.89 1.34 -29.60
CA THR D 205 -6.18 2.56 -29.98
C THR D 205 -6.02 2.61 -31.49
N PHE D 206 -6.12 3.80 -32.06
CA PHE D 206 -5.92 4.00 -33.49
C PHE D 206 -5.17 5.32 -33.68
N SER D 207 -3.95 5.24 -34.21
CA SER D 207 -3.14 6.40 -34.54
C SER D 207 -2.96 6.47 -36.06
N VAL D 208 -3.21 7.66 -36.61
CA VAL D 208 -2.79 8.02 -37.96
C VAL D 208 -1.66 9.04 -37.82
N HIS D 209 -0.60 8.88 -38.61
CA HIS D 209 0.62 9.64 -38.33
C HIS D 209 1.58 9.54 -39.52
N HIS D 210 2.59 10.40 -39.51
CA HIS D 210 3.73 10.17 -40.40
C HIS D 210 4.70 9.21 -39.75
N ALA D 211 5.26 8.31 -40.56
CA ALA D 211 6.37 7.50 -40.12
C ALA D 211 7.38 7.37 -41.25
N SER D 212 8.65 7.46 -40.94
CA SER D 212 9.72 7.35 -41.93
C SER D 212 11.05 7.23 -41.18
N PRO D 213 12.11 6.76 -41.84
CA PRO D 213 13.33 6.45 -41.09
C PRO D 213 13.89 7.66 -40.36
N GLY D 214 14.15 7.48 -39.07
CA GLY D 214 14.69 8.55 -38.26
C GLY D 214 13.68 9.53 -37.71
N PHE D 215 12.40 9.42 -38.08
CA PHE D 215 11.38 10.36 -37.64
C PHE D 215 10.77 9.89 -36.31
N PHE D 216 10.63 10.83 -35.36
CA PHE D 216 10.13 10.51 -34.00
C PHE D 216 8.68 10.01 -33.97
N PRO D 217 8.33 9.03 -33.10
CA PRO D 217 9.20 8.25 -32.21
C PRO D 217 9.69 6.96 -32.85
N GLY D 218 9.25 6.67 -34.07
CA GLY D 218 9.79 5.58 -34.86
C GLY D 218 8.88 4.37 -34.97
N THR D 219 7.86 4.29 -34.12
CA THR D 219 6.92 3.18 -34.06
C THR D 219 5.68 3.48 -34.89
N GLY D 220 4.72 2.57 -34.87
CA GLY D 220 3.47 2.74 -35.61
C GLY D 220 3.64 2.43 -37.08
N THR D 221 4.60 1.58 -37.42
CA THR D 221 4.80 1.21 -38.81
C THR D 221 5.32 -0.22 -38.86
N TRP D 222 5.77 -0.63 -40.04
CA TRP D 222 6.23 -1.99 -40.24
C TRP D 222 7.38 -2.30 -39.29
N ASN D 223 7.42 -3.55 -38.84
CA ASN D 223 8.41 -4.00 -37.88
C ASN D 223 9.38 -4.99 -38.49
N ILE D 232 5.70 -6.83 -40.98
CA ILE D 232 4.35 -6.93 -40.44
C ILE D 232 4.14 -5.91 -39.32
N PHE D 233 2.87 -5.58 -39.07
CA PHE D 233 2.49 -4.70 -37.98
C PHE D 233 2.26 -5.50 -36.71
N LEU D 234 2.96 -5.13 -35.64
CA LEU D 234 2.52 -5.54 -34.32
C LEU D 234 1.23 -4.81 -33.98
N ASN D 235 0.37 -5.43 -33.16
CA ASN D 235 -0.96 -4.84 -32.99
C ASN D 235 -1.60 -5.15 -31.63
N GLY D 236 -0.79 -5.37 -30.61
CA GLY D 236 -1.28 -5.73 -29.29
C GLY D 236 -0.86 -7.15 -28.92
N ALA D 237 -1.12 -7.51 -27.66
CA ALA D 237 -0.66 -8.83 -27.22
C ALA D 237 -1.58 -9.38 -26.13
N GLY D 238 -1.46 -10.67 -25.89
CA GLY D 238 -2.32 -11.28 -24.89
C GLY D 238 -3.78 -11.15 -25.29
N ARG D 239 -4.61 -10.81 -24.31
CA ARG D 239 -6.02 -10.60 -24.62
C ARG D 239 -6.22 -9.31 -25.42
N GLY D 240 -5.20 -8.46 -25.50
CA GLY D 240 -5.25 -7.27 -26.32
C GLY D 240 -4.74 -7.44 -27.73
N ARG D 241 -4.47 -8.66 -28.18
CA ARG D 241 -4.04 -8.85 -29.56
C ARG D 241 -5.07 -8.27 -30.51
N PHE D 242 -4.58 -7.59 -31.56
CA PHE D 242 -5.37 -6.97 -32.62
C PHE D 242 -6.06 -5.69 -32.17
N SER D 243 -5.77 -5.20 -30.96
CA SER D 243 -6.45 -4.02 -30.43
C SER D 243 -5.70 -2.72 -30.66
N ALA D 244 -4.53 -2.74 -31.28
CA ALA D 244 -3.76 -1.52 -31.53
C ALA D 244 -3.66 -1.31 -33.04
N PHE D 245 -4.30 -0.25 -33.54
CA PHE D 245 -4.40 0.03 -34.97
C PHE D 245 -3.52 1.22 -35.33
N ASN D 246 -2.90 1.16 -36.52
CA ASN D 246 -1.97 2.19 -36.96
C ASN D 246 -2.07 2.39 -38.45
N LEU D 247 -2.04 3.65 -38.87
CA LEU D 247 -2.03 4.03 -40.28
C LEU D 247 -0.90 5.03 -40.52
N PRO D 248 0.27 4.58 -40.97
CA PRO D 248 1.34 5.51 -41.29
C PRO D 248 1.18 6.05 -42.70
N LEU D 249 1.45 7.33 -42.86
CA LEU D 249 1.23 8.01 -44.13
C LEU D 249 2.49 8.74 -44.55
N GLU D 250 2.75 8.74 -45.86
CA GLU D 250 3.89 9.45 -46.41
C GLU D 250 3.67 10.96 -46.38
N GLU D 251 4.78 11.69 -46.44
CA GLU D 251 4.71 13.13 -46.29
C GLU D 251 3.96 13.76 -47.47
N GLY D 252 3.37 14.93 -47.20
CA GLY D 252 2.75 15.73 -48.22
C GLY D 252 1.24 15.56 -48.38
N ILE D 253 0.62 14.72 -47.55
CA ILE D 253 -0.78 14.38 -47.78
C ILE D 253 -1.67 15.58 -47.50
N ASN D 254 -2.73 15.72 -48.30
CA ASN D 254 -3.62 16.86 -48.20
C ASN D 254 -4.89 16.49 -47.41
N ASP D 255 -5.77 17.48 -47.25
CA ASP D 255 -7.03 17.29 -46.50
C ASP D 255 -7.83 16.11 -47.06
N LEU D 256 -8.06 16.09 -48.38
CA LEU D 256 -8.96 15.10 -48.94
C LEU D 256 -8.39 13.69 -48.87
N ASP D 257 -7.12 13.54 -49.22
CA ASP D 257 -6.54 12.20 -49.18
C ASP D 257 -6.42 11.69 -47.75
N TRP D 258 -6.13 12.59 -46.79
CA TRP D 258 -6.06 12.15 -45.39
C TRP D 258 -7.46 11.79 -44.87
N SER D 259 -8.48 12.56 -45.29
CA SER D 259 -9.86 12.23 -44.94
C SER D 259 -10.28 10.88 -45.50
N ASN D 260 -10.00 10.64 -46.79
CA ASN D 260 -10.39 9.37 -47.38
C ASN D 260 -9.60 8.20 -46.79
N ALA D 261 -8.40 8.48 -46.29
CA ALA D 261 -7.58 7.41 -45.72
C ALA D 261 -8.13 6.97 -44.37
N ILE D 262 -8.61 7.91 -43.55
CA ILE D 262 -9.02 7.54 -42.20
C ILE D 262 -10.53 7.30 -42.06
N GLY D 263 -11.33 7.91 -42.94
CA GLY D 263 -12.78 7.93 -42.79
C GLY D 263 -13.42 6.56 -42.64
N PRO D 264 -13.19 5.67 -43.60
CA PRO D 264 -13.71 4.30 -43.49
C PRO D 264 -13.17 3.54 -42.30
N ILE D 265 -11.93 3.83 -41.86
CA ILE D 265 -11.40 3.13 -40.68
C ILE D 265 -12.16 3.56 -39.43
N LEU D 266 -12.35 4.88 -39.28
CA LEU D 266 -13.11 5.39 -38.13
C LEU D 266 -14.50 4.80 -38.09
N ASP D 267 -15.22 4.82 -39.21
CA ASP D 267 -16.58 4.29 -39.22
C ASP D 267 -16.60 2.81 -38.87
N SER D 268 -15.63 2.03 -39.37
CA SER D 268 -15.64 0.60 -39.11
C SER D 268 -15.29 0.29 -37.65
N LEU D 269 -14.36 1.05 -37.06
CA LEU D 269 -14.08 0.90 -35.63
C LEU D 269 -15.33 1.17 -34.79
N ASN D 270 -16.10 2.21 -35.12
CA ASN D 270 -17.29 2.46 -34.32
C ASN D 270 -18.32 1.34 -34.47
N ILE D 271 -18.52 0.83 -35.69
CA ILE D 271 -19.48 -0.24 -35.91
C ILE D 271 -19.10 -1.49 -35.12
N VAL D 272 -17.82 -1.87 -35.17
CA VAL D 272 -17.42 -3.14 -34.57
C VAL D 272 -17.23 -3.01 -33.06
N ILE D 273 -16.52 -1.96 -32.63
CA ILE D 273 -16.19 -1.82 -31.21
C ILE D 273 -17.41 -1.40 -30.39
N GLN D 274 -18.29 -0.60 -30.96
CA GLN D 274 -19.39 0.02 -30.22
C GLN D 274 -18.87 0.65 -28.93
N PRO D 275 -18.01 1.65 -29.00
CA PRO D 275 -17.39 2.19 -27.79
C PRO D 275 -18.39 2.88 -26.90
N SER D 276 -18.12 2.80 -25.59
CA SER D 276 -18.83 3.57 -24.59
C SER D 276 -18.35 5.01 -24.53
N TYR D 277 -17.06 5.23 -24.83
CA TYR D 277 -16.46 6.55 -24.85
C TYR D 277 -15.51 6.58 -26.03
N VAL D 278 -15.35 7.77 -26.63
CA VAL D 278 -14.27 8.03 -27.58
C VAL D 278 -13.35 9.10 -26.99
N VAL D 279 -12.04 8.90 -27.12
CA VAL D 279 -11.05 9.89 -26.72
C VAL D 279 -10.25 10.23 -27.96
N VAL D 280 -10.21 11.52 -28.33
CA VAL D 280 -9.54 11.99 -29.55
C VAL D 280 -8.40 12.93 -29.16
N GLN D 281 -7.21 12.60 -29.61
CA GLN D 281 -6.06 13.49 -29.54
C GLN D 281 -6.01 14.28 -30.84
N CYS D 282 -6.04 15.61 -30.75
CA CYS D 282 -6.18 16.46 -31.93
CA CYS D 282 -6.17 16.49 -31.91
C CYS D 282 -4.95 17.37 -32.10
N GLY D 283 -3.76 16.81 -31.94
CA GLY D 283 -2.56 17.60 -32.14
C GLY D 283 -2.54 18.26 -33.50
N ALA D 284 -2.15 19.54 -33.53
CA ALA D 284 -2.29 20.40 -34.71
C ALA D 284 -1.04 20.43 -35.59
N ASP D 285 -0.10 19.50 -35.38
CA ASP D 285 1.14 19.54 -36.16
C ASP D 285 1.01 18.94 -37.55
N CYS D 286 -0.20 18.49 -37.94
CA CYS D 286 -0.40 18.09 -39.34
C CYS D 286 -0.72 19.27 -40.24
N LEU D 287 -0.93 20.46 -39.67
CA LEU D 287 -1.26 21.62 -40.50
C LEU D 287 -0.12 21.92 -41.46
N ALA D 288 -0.49 22.39 -42.66
CA ALA D 288 0.51 22.72 -43.68
C ALA D 288 1.49 23.78 -43.21
N THR D 289 1.06 24.61 -42.26
CA THR D 289 1.87 25.72 -41.75
C THR D 289 2.62 25.38 -40.47
N ASP D 290 2.56 24.13 -40.01
CA ASP D 290 3.39 23.73 -38.88
C ASP D 290 4.86 23.75 -39.29
N PRO D 291 5.76 24.13 -38.40
CA PRO D 291 7.20 24.09 -38.72
C PRO D 291 7.71 22.72 -39.14
N HIS D 292 7.05 21.63 -38.75
CA HIS D 292 7.48 20.31 -39.21
C HIS D 292 7.41 20.23 -40.73
N ARG D 293 6.38 20.85 -41.33
CA ARG D 293 6.19 20.90 -42.77
C ARG D 293 6.20 19.49 -43.39
N ILE D 294 5.37 18.60 -42.84
CA ILE D 294 5.28 17.22 -43.30
C ILE D 294 3.93 16.94 -43.97
N PHE D 295 2.82 17.12 -43.25
CA PHE D 295 1.50 17.01 -43.88
C PHE D 295 1.02 18.40 -44.32
N ARG D 296 -0.07 18.41 -45.11
CA ARG D 296 -0.64 19.64 -45.66
C ARG D 296 -2.12 19.79 -45.31
N LEU D 297 -2.49 19.49 -44.06
CA LEU D 297 -3.87 19.67 -43.62
C LEU D 297 -4.15 21.15 -43.36
N THR D 298 -5.43 21.50 -43.35
CA THR D 298 -5.82 22.88 -43.10
C THR D 298 -6.84 22.94 -41.97
N ASN D 299 -7.32 24.16 -41.70
CA ASN D 299 -8.47 24.39 -40.84
C ASN D 299 -9.67 24.90 -41.64
N PHE D 300 -9.70 24.64 -42.94
CA PHE D 300 -10.71 25.26 -43.81
C PHE D 300 -12.06 24.62 -43.56
N TYR D 301 -13.11 25.44 -43.58
CA TYR D 301 -14.46 24.95 -43.33
C TYR D 301 -15.38 25.57 -44.38
N PRO D 302 -15.56 24.90 -45.53
CA PRO D 302 -16.44 25.38 -46.61
C PRO D 302 -17.92 25.17 -46.29
N SER D 315 -11.79 22.62 -50.13
CA SER D 315 -11.59 21.36 -49.43
C SER D 315 -11.76 21.53 -47.92
N LEU D 316 -12.36 20.53 -47.28
CA LEU D 316 -12.67 20.59 -45.86
C LEU D 316 -11.49 20.06 -45.05
N SER D 317 -11.12 20.79 -44.00
CA SER D 317 -10.05 20.35 -43.09
C SER D 317 -10.20 18.88 -42.69
N GLY D 318 -9.12 18.11 -42.85
CA GLY D 318 -9.18 16.72 -42.42
C GLY D 318 -9.58 16.60 -40.96
N TYR D 319 -9.07 17.50 -40.12
CA TYR D 319 -9.40 17.48 -38.70
C TYR D 319 -10.89 17.66 -38.48
N LEU D 320 -11.49 18.64 -39.16
CA LEU D 320 -12.90 18.90 -38.97
C LEU D 320 -13.74 17.76 -39.52
N TYR D 321 -13.34 17.20 -40.67
CA TYR D 321 -13.98 16.00 -41.19
C TYR D 321 -13.97 14.88 -40.16
N ALA D 322 -12.82 14.66 -39.50
CA ALA D 322 -12.71 13.55 -38.55
C ALA D 322 -13.54 13.80 -37.30
N ILE D 323 -13.42 15.00 -36.72
CA ILE D 323 -14.21 15.33 -35.53
C ILE D 323 -15.69 15.26 -35.83
N LYS D 324 -16.12 15.80 -36.98
CA LYS D 324 -17.54 15.78 -37.29
C LYS D 324 -18.05 14.35 -37.41
N LYS D 325 -17.24 13.47 -38.02
CA LYS D 325 -17.65 12.08 -38.13
C LYS D 325 -17.73 11.43 -36.76
N ILE D 326 -16.74 11.67 -35.90
CA ILE D 326 -16.76 11.04 -34.58
C ILE D 326 -17.95 11.52 -33.77
N LEU D 327 -18.25 12.81 -33.83
CA LEU D 327 -19.39 13.35 -33.08
C LEU D 327 -20.73 12.83 -33.61
N SER D 328 -20.81 12.50 -34.90
CA SER D 328 -22.07 11.96 -35.43
C SER D 328 -22.44 10.61 -34.83
N TRP D 329 -21.50 9.95 -34.16
CA TRP D 329 -21.80 8.68 -33.51
C TRP D 329 -22.58 8.85 -32.21
N LYS D 330 -22.59 10.06 -31.63
CA LYS D 330 -23.33 10.36 -30.41
C LYS D 330 -22.87 9.48 -29.25
N VAL D 331 -21.55 9.30 -29.16
CA VAL D 331 -20.90 8.59 -28.05
C VAL D 331 -20.20 9.66 -27.22
N PRO D 332 -20.29 9.64 -25.89
CA PRO D 332 -19.59 10.66 -25.10
C PRO D 332 -18.11 10.66 -25.42
N THR D 333 -17.56 11.87 -25.63
CA THR D 333 -16.27 12.05 -26.27
C THR D 333 -15.41 13.08 -25.52
N LEU D 334 -14.12 12.75 -25.38
CA LEU D 334 -13.11 13.64 -24.82
C LEU D 334 -12.25 14.10 -25.99
N ILE D 335 -12.15 15.41 -26.19
CA ILE D 335 -11.30 15.98 -27.23
C ILE D 335 -10.10 16.64 -26.56
N LEU D 336 -8.90 16.22 -26.92
CA LEU D 336 -7.64 16.70 -26.33
C LEU D 336 -6.72 17.35 -27.37
N GLY D 337 -5.83 18.21 -26.89
CA GLY D 337 -4.83 18.84 -27.72
C GLY D 337 -3.66 17.91 -28.00
N GLY D 338 -2.48 18.46 -28.03
CA GLY D 338 -1.28 17.70 -28.37
C GLY D 338 -0.25 18.61 -29.02
N GLY D 339 0.40 18.09 -30.06
CA GLY D 339 1.38 18.87 -30.77
C GLY D 339 0.78 20.07 -31.48
N GLY D 340 1.66 20.87 -32.04
CA GLY D 340 1.22 22.09 -32.72
C GLY D 340 2.17 23.21 -32.37
N TYR D 341 3.09 23.51 -33.27
CA TYR D 341 4.21 24.40 -32.96
C TYR D 341 4.11 25.74 -33.68
N ASN D 342 3.04 25.95 -34.43
CA ASN D 342 2.67 27.26 -34.95
C ASN D 342 1.51 27.69 -34.07
N PHE D 343 1.80 28.49 -33.05
CA PHE D 343 0.78 28.73 -32.03
C PHE D 343 -0.47 29.43 -32.56
N PRO D 344 -0.38 30.51 -33.35
CA PRO D 344 -1.62 31.11 -33.87
C PRO D 344 -2.41 30.17 -34.75
N ASP D 345 -1.74 29.38 -35.57
CA ASP D 345 -2.46 28.48 -36.45
C ASP D 345 -3.05 27.31 -35.68
N THR D 346 -2.41 26.88 -34.58
CA THR D 346 -3.03 25.91 -33.70
C THR D 346 -4.29 26.51 -33.06
N ALA D 347 -4.21 27.76 -32.62
CA ALA D 347 -5.40 28.44 -32.10
C ALA D 347 -6.50 28.52 -33.15
N ARG D 348 -6.12 28.80 -34.41
CA ARG D 348 -7.11 28.87 -35.49
C ARG D 348 -7.83 27.54 -35.65
N LEU D 349 -7.08 26.44 -35.68
CA LEU D 349 -7.70 25.14 -35.85
C LEU D 349 -8.60 24.80 -34.67
N TRP D 350 -8.09 24.94 -33.45
CA TRP D 350 -8.82 24.41 -32.31
C TRP D 350 -10.04 25.28 -32.00
N THR D 351 -9.99 26.56 -32.34
CA THR D 351 -11.19 27.41 -32.28
C THR D 351 -12.28 26.86 -33.19
N ARG D 352 -11.91 26.49 -34.41
CA ARG D 352 -12.89 25.86 -35.31
C ARG D 352 -13.35 24.50 -34.80
N VAL D 353 -12.44 23.68 -34.24
CA VAL D 353 -12.90 22.42 -33.65
C VAL D 353 -13.91 22.69 -32.54
N THR D 354 -13.68 23.74 -31.76
CA THR D 354 -14.55 24.01 -30.63
C THR D 354 -15.92 24.44 -31.10
N ALA D 355 -15.96 25.30 -32.13
CA ALA D 355 -17.23 25.74 -32.69
C ALA D 355 -17.98 24.60 -33.35
N LEU D 356 -17.27 23.71 -34.06
CA LEU D 356 -17.92 22.56 -34.66
C LEU D 356 -18.53 21.64 -33.61
N THR D 357 -17.82 21.46 -32.48
CA THR D 357 -18.34 20.60 -31.43
C THR D 357 -19.63 21.19 -30.86
N ILE D 358 -19.67 22.50 -30.65
CA ILE D 358 -20.88 23.15 -30.13
C ILE D 358 -22.04 22.93 -31.09
N GLU D 359 -21.79 23.14 -32.38
CA GLU D 359 -22.85 23.01 -33.37
C GLU D 359 -23.34 21.56 -33.50
N GLU D 360 -22.43 20.58 -33.52
CA GLU D 360 -22.87 19.20 -33.71
C GLU D 360 -23.61 18.68 -32.48
N VAL D 361 -23.16 19.03 -31.27
CA VAL D 361 -23.79 18.50 -30.07
C VAL D 361 -25.11 19.21 -29.77
N LYS D 362 -25.12 20.54 -29.84
CA LYS D 362 -26.31 21.28 -29.45
C LYS D 362 -27.31 21.48 -30.59
N GLY D 363 -26.89 21.26 -31.83
CA GLY D 363 -27.72 21.56 -32.97
C GLY D 363 -27.89 23.05 -33.19
N LYS D 364 -26.90 23.84 -32.76
CA LYS D 364 -27.00 25.28 -32.72
C LYS D 364 -25.93 25.88 -33.63
N LYS D 365 -26.36 26.56 -34.68
CA LYS D 365 -25.44 27.07 -35.67
C LYS D 365 -24.44 28.06 -35.04
N MET D 366 -23.16 27.86 -35.32
CA MET D 366 -22.11 28.76 -34.88
C MET D 366 -21.58 29.51 -36.10
N THR D 367 -21.66 30.83 -36.07
CA THR D 367 -21.20 31.67 -37.16
C THR D 367 -19.95 32.37 -36.70
N ILE D 368 -18.83 32.02 -37.32
CA ILE D 368 -17.52 32.55 -36.97
C ILE D 368 -17.10 33.55 -38.04
N SER D 369 -16.76 34.77 -37.62
CA SER D 369 -16.26 35.75 -38.56
C SER D 369 -14.98 35.25 -39.22
N PRO D 370 -14.85 35.32 -40.55
CA PRO D 370 -13.58 34.96 -41.18
C PRO D 370 -12.41 35.87 -40.78
N GLU D 371 -12.68 37.01 -40.15
CA GLU D 371 -11.63 37.90 -39.67
C GLU D 371 -11.42 37.71 -38.18
N ILE D 372 -10.16 37.65 -37.77
CA ILE D 372 -9.79 37.50 -36.35
C ILE D 372 -10.35 38.70 -35.59
N PRO D 373 -11.14 38.48 -34.55
CA PRO D 373 -11.65 39.61 -33.77
C PRO D 373 -10.56 40.22 -32.92
N GLU D 374 -10.73 41.49 -32.60
CA GLU D 374 -9.78 42.20 -31.77
C GLU D 374 -9.76 41.62 -30.36
N HIS D 375 -8.57 41.37 -29.83
CA HIS D 375 -8.40 40.87 -28.48
C HIS D 375 -6.92 40.98 -28.11
N SER D 376 -6.60 40.52 -26.90
CA SER D 376 -5.26 40.67 -26.35
C SER D 376 -4.16 40.23 -27.33
N TYR D 377 -4.38 39.14 -28.07
CA TYR D 377 -3.36 38.53 -28.90
C TYR D 377 -3.55 38.79 -30.40
N PHE D 378 -4.42 39.75 -30.76
CA PHE D 378 -4.73 40.00 -32.17
C PHE D 378 -3.47 40.15 -33.02
N SER D 379 -2.43 40.78 -32.47
CA SER D 379 -1.24 41.06 -33.28
C SER D 379 -0.50 39.79 -33.70
N ARG D 380 -0.71 38.68 -33.01
CA ARG D 380 -0.02 37.44 -33.36
C ARG D 380 -0.56 36.81 -34.64
N TYR D 381 -1.64 37.32 -35.21
CA TYR D 381 -2.35 36.65 -36.30
C TYR D 381 -2.07 37.26 -37.66
N GLY D 382 -0.92 37.92 -37.83
CA GLY D 382 -0.49 38.37 -39.13
C GLY D 382 -0.15 37.22 -40.06
N PRO D 383 0.01 37.51 -41.36
CA PRO D 383 -0.05 38.86 -41.92
C PRO D 383 -1.47 39.34 -42.23
N ASP D 384 -2.40 38.42 -42.52
CA ASP D 384 -3.71 38.77 -43.03
C ASP D 384 -4.82 38.80 -41.97
N PHE D 385 -4.56 38.26 -40.77
CA PHE D 385 -5.51 38.35 -39.65
C PHE D 385 -6.85 37.72 -40.01
N GLU D 386 -6.82 36.59 -40.70
CA GLU D 386 -8.01 35.83 -41.01
C GLU D 386 -7.98 34.54 -40.20
N LEU D 387 -9.16 33.89 -40.09
CA LEU D 387 -9.21 32.64 -39.34
C LEU D 387 -8.64 31.48 -40.14
N ASP D 388 -8.89 31.44 -41.45
CA ASP D 388 -8.22 30.47 -42.30
C ASP D 388 -6.71 30.63 -42.14
N ILE D 389 -5.99 29.51 -42.02
CA ILE D 389 -4.54 29.56 -42.07
C ILE D 389 -4.12 30.06 -43.46
N ASP D 390 -2.90 30.59 -43.52
CA ASP D 390 -2.37 31.24 -44.73
C ASP D 390 -1.69 30.18 -45.60
N TYR D 391 -2.51 29.45 -46.35
CA TYR D 391 -2.00 28.35 -47.16
C TYR D 391 -2.85 28.19 -48.40
N PHE D 392 -2.20 28.05 -49.56
CA PHE D 392 -2.89 27.80 -50.82
C PHE D 392 -2.63 26.35 -51.22
N PRO D 393 -3.61 25.44 -51.08
CA PRO D 393 -3.41 24.04 -51.46
C PRO D 393 -3.06 23.86 -52.93
N ASP D 402 -3.14 3.64 -53.17
CA ASP D 402 -3.10 2.20 -53.36
C ASP D 402 -2.13 1.55 -52.39
N SER D 403 -1.15 2.34 -51.93
CA SER D 403 -0.50 2.03 -50.67
C SER D 403 -1.51 2.09 -49.52
N ILE D 404 -2.38 3.10 -49.56
CA ILE D 404 -3.43 3.22 -48.56
C ILE D 404 -4.49 2.13 -48.75
N GLN D 405 -4.67 1.67 -49.98
CA GLN D 405 -5.60 0.57 -50.20
C GLN D 405 -5.09 -0.73 -49.58
N LYS D 406 -3.77 -0.99 -49.70
CA LYS D 406 -3.18 -2.12 -48.99
C LYS D 406 -3.39 -1.98 -47.49
N HIS D 407 -3.18 -0.77 -46.95
CA HIS D 407 -3.39 -0.55 -45.51
C HIS D 407 -4.84 -0.78 -45.12
N HIS D 408 -5.79 -0.33 -45.96
CA HIS D 408 -7.20 -0.59 -45.68
C HIS D 408 -7.48 -2.09 -45.60
N ARG D 409 -6.98 -2.86 -46.56
CA ARG D 409 -7.19 -4.31 -46.51
C ARG D 409 -6.56 -4.92 -45.26
N ARG D 410 -5.35 -4.46 -44.89
CA ARG D 410 -4.68 -4.96 -43.70
C ARG D 410 -5.48 -4.64 -42.44
N ILE D 411 -6.05 -3.44 -42.36
CA ILE D 411 -6.75 -3.02 -41.16
C ILE D 411 -8.09 -3.75 -41.05
N LEU D 412 -8.74 -3.98 -42.20
CA LEU D 412 -9.99 -4.74 -42.22
C LEU D 412 -9.79 -6.15 -41.71
N GLU D 413 -8.70 -6.81 -42.13
CA GLU D 413 -8.39 -8.14 -41.60
C GLU D 413 -8.13 -8.08 -40.10
N GLN D 414 -7.44 -7.03 -39.65
CA GLN D 414 -7.15 -6.92 -38.21
C GLN D 414 -8.44 -6.70 -37.41
N LEU D 415 -9.35 -5.87 -37.93
CA LEU D 415 -10.62 -5.65 -37.25
C LEU D 415 -11.41 -6.97 -37.13
N ARG D 416 -11.38 -7.79 -38.19
CA ARG D 416 -12.04 -9.08 -38.12
C ARG D 416 -11.36 -10.00 -37.13
N ASN D 417 -10.03 -9.96 -37.08
CA ASN D 417 -9.32 -10.76 -36.09
C ASN D 417 -9.63 -10.30 -34.67
N TYR D 418 -9.71 -8.98 -34.46
CA TYR D 418 -10.09 -8.45 -33.15
C TYR D 418 -11.49 -8.90 -32.75
N ALA D 419 -12.45 -8.81 -33.69
CA ALA D 419 -13.82 -9.22 -33.39
C ALA D 419 -13.89 -10.71 -33.06
N ASP D 420 -13.16 -11.53 -33.81
CA ASP D 420 -13.18 -12.98 -33.58
C ASP D 420 -12.58 -13.32 -32.23
N LEU D 421 -11.42 -12.75 -31.91
CA LEU D 421 -10.80 -12.98 -30.61
C LEU D 421 -11.72 -12.61 -29.46
N ASN D 422 -12.45 -11.51 -29.61
CA ASN D 422 -13.29 -10.97 -28.55
C ASN D 422 -14.75 -11.39 -28.68
N LYS D 423 -15.06 -12.32 -29.59
CA LYS D 423 -16.42 -12.86 -29.73
C LYS D 423 -17.44 -11.75 -29.97
N LEU D 424 -17.08 -10.81 -30.85
CA LEU D 424 -17.97 -9.72 -31.21
C LEU D 424 -18.71 -10.06 -32.49
N ILE D 425 -19.99 -9.69 -32.54
CA ILE D 425 -20.85 -9.92 -33.69
C ILE D 425 -20.91 -8.64 -34.52
N TYR D 426 -20.69 -8.76 -35.82
CA TYR D 426 -20.81 -7.58 -36.68
C TYR D 426 -21.02 -8.01 -38.12
N ASP D 427 -21.66 -7.14 -38.90
CA ASP D 427 -21.97 -7.37 -40.30
C ASP D 427 -20.70 -7.21 -41.12
N TYR D 428 -20.12 -8.35 -41.52
CA TYR D 428 -18.85 -8.34 -42.24
C TYR D 428 -18.92 -7.54 -43.53
N ASP D 429 -20.07 -7.52 -44.19
CA ASP D 429 -20.16 -6.88 -45.49
C ASP D 429 -20.55 -5.41 -45.41
N GLN D 430 -21.34 -5.01 -44.41
CA GLN D 430 -21.55 -3.58 -44.17
C GLN D 430 -20.22 -2.88 -43.90
N VAL D 431 -19.33 -3.55 -43.16
CA VAL D 431 -18.04 -2.96 -42.85
C VAL D 431 -17.14 -2.95 -44.07
N TYR D 432 -17.07 -4.08 -44.79
CA TYR D 432 -16.25 -4.15 -45.99
C TYR D 432 -16.64 -3.05 -46.98
N GLN D 433 -17.94 -2.81 -47.14
CA GLN D 433 -18.39 -1.84 -48.14
C GLN D 433 -18.03 -0.41 -47.80
N LEU D 434 -17.72 -0.12 -46.53
CA LEU D 434 -17.25 1.21 -46.18
C LEU D 434 -15.97 1.58 -46.92
N TYR D 435 -15.22 0.58 -47.39
CA TYR D 435 -13.96 0.82 -48.09
C TYR D 435 -14.14 0.87 -49.61
#